data_9ONI
# 
_entry.id   9ONI 
# 
_audit_conform.dict_name       mmcif_pdbx.dic 
_audit_conform.dict_version    5.404 
_audit_conform.dict_location   http://mmcif.pdb.org/dictionaries/ascii/mmcif_pdbx.dic 
# 
loop_
_database_2.database_id 
_database_2.database_code 
_database_2.pdbx_database_accession 
_database_2.pdbx_DOI 
PDB   9ONI         pdb_00009oni 10.2210/pdb9oni/pdb 
WWPDB D_1000295931 ?            ?                   
# 
loop_
_pdbx_audit_revision_history.ordinal 
_pdbx_audit_revision_history.data_content_type 
_pdbx_audit_revision_history.major_revision 
_pdbx_audit_revision_history.minor_revision 
_pdbx_audit_revision_history.revision_date 
_pdbx_audit_revision_history.part_number 
1 'Structure model' 1 0 2025-08-27 ? 
2 'Structure model' 1 1 2025-09-03 ? 
# 
_pdbx_audit_revision_details.ordinal             1 
_pdbx_audit_revision_details.revision_ordinal    1 
_pdbx_audit_revision_details.data_content_type   'Structure model' 
_pdbx_audit_revision_details.provider            repository 
_pdbx_audit_revision_details.type                'Initial release' 
_pdbx_audit_revision_details.description         ? 
_pdbx_audit_revision_details.details             ? 
# 
_pdbx_audit_revision_group.ordinal             1 
_pdbx_audit_revision_group.revision_ordinal    2 
_pdbx_audit_revision_group.data_content_type   'Structure model' 
_pdbx_audit_revision_group.group               'Database references' 
# 
_pdbx_audit_revision_category.ordinal             1 
_pdbx_audit_revision_category.revision_ordinal    2 
_pdbx_audit_revision_category.data_content_type   'Structure model' 
_pdbx_audit_revision_category.category            citation 
# 
loop_
_pdbx_audit_revision_item.ordinal 
_pdbx_audit_revision_item.revision_ordinal 
_pdbx_audit_revision_item.data_content_type 
_pdbx_audit_revision_item.item 
1 2 'Structure model' '_citation.journal_volume' 
2 2 'Structure model' '_citation.title'          
# 
_pdbx_database_status.status_code                     REL 
_pdbx_database_status.status_code_sf                  REL 
_pdbx_database_status.status_code_mr                  ? 
_pdbx_database_status.entry_id                        9ONI 
_pdbx_database_status.recvd_initial_deposition_date   2025-05-15 
_pdbx_database_status.SG_entry                        N 
_pdbx_database_status.deposit_site                    RCSB 
_pdbx_database_status.process_site                    RCSB 
_pdbx_database_status.status_code_cs                  ? 
_pdbx_database_status.status_code_nmr_data            ? 
_pdbx_database_status.methods_development_category    ? 
_pdbx_database_status.pdb_format_compatible           Y 
# 
loop_
_pdbx_database_related.db_name 
_pdbx_database_related.details 
_pdbx_database_related.db_id 
_pdbx_database_related.content_type 
PDB . 8E4F unspecified 
PDB . 9MLM unspecified 
PDB . 9MLT unspecified 
# 
loop_
_pdbx_contact_author.id 
_pdbx_contact_author.email 
_pdbx_contact_author.name_first 
_pdbx_contact_author.name_last 
_pdbx_contact_author.name_mi 
_pdbx_contact_author.role 
_pdbx_contact_author.identifier_ORCID 
2 goodeyn@mail.montclair.edu Nina  Goodey   ? 'principal investigator/group leader' 0000-0001-8246-536X 
3 kwartengs1@montclair.edu   Salma Kwarteng M 'principal investigator/group leader' 0009-0001-7237-8497 
# 
loop_
_audit_author.name 
_audit_author.pdbx_ordinal 
_audit_author.identifier_ORCID 
'Frey, K.M.'   1 ? 
'Kwarteng, S.' 2 ? 
'Goodey, N.M.' 3 ? 
# 
_citation.abstract                  ? 
_citation.abstract_id_CAS           ? 
_citation.book_id_ISBN              ? 
_citation.book_publisher            ? 
_citation.book_publisher_city       ? 
_citation.book_title                ? 
_citation.coordinate_linkage        ? 
_citation.country                   UK 
_citation.database_id_Medline       ? 
_citation.details                   ? 
_citation.id                        primary 
_citation.journal_abbrev            Bioorg.Med.Chem.Lett. 
_citation.journal_id_ASTM           BMCLE8 
_citation.journal_id_CSD            1127 
_citation.journal_id_ISSN           1464-3405 
_citation.journal_full              ? 
_citation.journal_issue             ? 
_citation.journal_volume            129 
_citation.language                  ? 
_citation.page_first                130370 
_citation.page_last                 130370 
_citation.title                     
'A virtual screening strategy to repurpose antifolate compounds as W.bancrofti DHFR inhibitors.' 
_citation.year                      2025 
_citation.database_id_CSD           ? 
_citation.pdbx_database_id_DOI      10.1016/j.bmcl.2025.130370 
_citation.pdbx_database_id_PubMed   40812516 
_citation.pdbx_database_id_patent   ? 
_citation.unpublished_flag          ? 
# 
loop_
_citation_author.citation_id 
_citation_author.name 
_citation_author.ordinal 
_citation_author.identifier_ORCID 
primary 'Kwarteng, S.'   1 ? 
primary 'Wilhelm, J.'    2 ? 
primary 'Salama, M.'     3 ? 
primary 'Salama, M.'     4 ? 
primary 'Hollander, K.'  5 ? 
primary 'Anderson, K.S.' 6 ? 
primary 'Goodey, N.M.'   7 ? 
primary 'Frey, K.M.'     8 ? 
# 
loop_
_entity.id 
_entity.type 
_entity.src_method 
_entity.pdbx_description 
_entity.formula_weight 
_entity.pdbx_number_of_molecules 
_entity.pdbx_ec 
_entity.pdbx_mutation 
_entity.pdbx_fragment 
_entity.details 
1 polymer     man 'dihydrofolate reductase'                          22082.422 1  1.5.1.3 ? ? ? 
2 non-polymer syn 'NADP NICOTINAMIDE-ADENINE-DINUCLEOTIDE PHOSPHATE' 743.405   1  ?       ? ? ? 
3 non-polymer syn METHOTREXATE                                       454.439   1  ?       ? ? ? 
4 water       nat water                                              18.015    52 ?       ? ? ? 
# 
_entity_poly.entity_id                      1 
_entity_poly.type                           'polypeptide(L)' 
_entity_poly.nstd_linkage                   no 
_entity_poly.nstd_monomer                   no 
_entity_poly.pdbx_seq_one_letter_code       
;MAHHHHHHAMATRTLHMNLIVAVDGCGGIGRNGGMPWFLPAEMARFAKLTTLTTDSGKKNAVIMGRKVWESIPPKFRPLK
SRFNVVLSKKMKEESNENVVVARSFESAVSLLQDMENIETIWNIGGREVYELGLNSPFLHQMYITRVEGDFLADVFFPRV
DYGRFIKSTESEEMHEEKGIKYRYEIYTIKTD
;
_entity_poly.pdbx_seq_one_letter_code_can   
;MAHHHHHHAMATRTLHMNLIVAVDGCGGIGRNGGMPWFLPAEMARFAKLTTLTTDSGKKNAVIMGRKVWESIPPKFRPLK
SRFNVVLSKKMKEESNENVVVARSFESAVSLLQDMENIETIWNIGGREVYELGLNSPFLHQMYITRVEGDFLADVFFPRV
DYGRFIKSTESEEMHEEKGIKYRYEIYTIKTD
;
_entity_poly.pdbx_strand_id                 A 
_entity_poly.pdbx_target_identifier         ? 
# 
loop_
_pdbx_entity_nonpoly.entity_id 
_pdbx_entity_nonpoly.name 
_pdbx_entity_nonpoly.comp_id 
2 'NADP NICOTINAMIDE-ADENINE-DINUCLEOTIDE PHOSPHATE' NAP 
3 METHOTREXATE                                       MTX 
4 water                                              HOH 
# 
loop_
_entity_poly_seq.entity_id 
_entity_poly_seq.num 
_entity_poly_seq.mon_id 
_entity_poly_seq.hetero 
1 1   MET n 
1 2   ALA n 
1 3   HIS n 
1 4   HIS n 
1 5   HIS n 
1 6   HIS n 
1 7   HIS n 
1 8   HIS n 
1 9   ALA n 
1 10  MET n 
1 11  ALA n 
1 12  THR n 
1 13  ARG n 
1 14  THR n 
1 15  LEU n 
1 16  HIS n 
1 17  MET n 
1 18  ASN n 
1 19  LEU n 
1 20  ILE n 
1 21  VAL n 
1 22  ALA n 
1 23  VAL n 
1 24  ASP n 
1 25  GLY n 
1 26  CYS n 
1 27  GLY n 
1 28  GLY n 
1 29  ILE n 
1 30  GLY n 
1 31  ARG n 
1 32  ASN n 
1 33  GLY n 
1 34  GLY n 
1 35  MET n 
1 36  PRO n 
1 37  TRP n 
1 38  PHE n 
1 39  LEU n 
1 40  PRO n 
1 41  ALA n 
1 42  GLU n 
1 43  MET n 
1 44  ALA n 
1 45  ARG n 
1 46  PHE n 
1 47  ALA n 
1 48  LYS n 
1 49  LEU n 
1 50  THR n 
1 51  THR n 
1 52  LEU n 
1 53  THR n 
1 54  THR n 
1 55  ASP n 
1 56  SER n 
1 57  GLY n 
1 58  LYS n 
1 59  LYS n 
1 60  ASN n 
1 61  ALA n 
1 62  VAL n 
1 63  ILE n 
1 64  MET n 
1 65  GLY n 
1 66  ARG n 
1 67  LYS n 
1 68  VAL n 
1 69  TRP n 
1 70  GLU n 
1 71  SER n 
1 72  ILE n 
1 73  PRO n 
1 74  PRO n 
1 75  LYS n 
1 76  PHE n 
1 77  ARG n 
1 78  PRO n 
1 79  LEU n 
1 80  LYS n 
1 81  SER n 
1 82  ARG n 
1 83  PHE n 
1 84  ASN n 
1 85  VAL n 
1 86  VAL n 
1 87  LEU n 
1 88  SER n 
1 89  LYS n 
1 90  LYS n 
1 91  MET n 
1 92  LYS n 
1 93  GLU n 
1 94  GLU n 
1 95  SER n 
1 96  ASN n 
1 97  GLU n 
1 98  ASN n 
1 99  VAL n 
1 100 VAL n 
1 101 VAL n 
1 102 ALA n 
1 103 ARG n 
1 104 SER n 
1 105 PHE n 
1 106 GLU n 
1 107 SER n 
1 108 ALA n 
1 109 VAL n 
1 110 SER n 
1 111 LEU n 
1 112 LEU n 
1 113 GLN n 
1 114 ASP n 
1 115 MET n 
1 116 GLU n 
1 117 ASN n 
1 118 ILE n 
1 119 GLU n 
1 120 THR n 
1 121 ILE n 
1 122 TRP n 
1 123 ASN n 
1 124 ILE n 
1 125 GLY n 
1 126 GLY n 
1 127 ARG n 
1 128 GLU n 
1 129 VAL n 
1 130 TYR n 
1 131 GLU n 
1 132 LEU n 
1 133 GLY n 
1 134 LEU n 
1 135 ASN n 
1 136 SER n 
1 137 PRO n 
1 138 PHE n 
1 139 LEU n 
1 140 HIS n 
1 141 GLN n 
1 142 MET n 
1 143 TYR n 
1 144 ILE n 
1 145 THR n 
1 146 ARG n 
1 147 VAL n 
1 148 GLU n 
1 149 GLY n 
1 150 ASP n 
1 151 PHE n 
1 152 LEU n 
1 153 ALA n 
1 154 ASP n 
1 155 VAL n 
1 156 PHE n 
1 157 PHE n 
1 158 PRO n 
1 159 ARG n 
1 160 VAL n 
1 161 ASP n 
1 162 TYR n 
1 163 GLY n 
1 164 ARG n 
1 165 PHE n 
1 166 ILE n 
1 167 LYS n 
1 168 SER n 
1 169 THR n 
1 170 GLU n 
1 171 SER n 
1 172 GLU n 
1 173 GLU n 
1 174 MET n 
1 175 HIS n 
1 176 GLU n 
1 177 GLU n 
1 178 LYS n 
1 179 GLY n 
1 180 ILE n 
1 181 LYS n 
1 182 TYR n 
1 183 ARG n 
1 184 TYR n 
1 185 GLU n 
1 186 ILE n 
1 187 TYR n 
1 188 THR n 
1 189 ILE n 
1 190 LYS n 
1 191 THR n 
1 192 ASP n 
# 
_entity_src_gen.entity_id                          1 
_entity_src_gen.pdbx_src_id                        1 
_entity_src_gen.pdbx_alt_source_flag               sample 
_entity_src_gen.pdbx_seq_type                      'Biological sequence' 
_entity_src_gen.pdbx_beg_seq_num                   1 
_entity_src_gen.pdbx_end_seq_num                   192 
_entity_src_gen.gene_src_common_name               ? 
_entity_src_gen.gene_src_genus                     ? 
_entity_src_gen.pdbx_gene_src_gene                 ? 
_entity_src_gen.gene_src_species                   ? 
_entity_src_gen.gene_src_strain                    ? 
_entity_src_gen.gene_src_tissue                    ? 
_entity_src_gen.gene_src_tissue_fraction           ? 
_entity_src_gen.gene_src_details                   ? 
_entity_src_gen.pdbx_gene_src_fragment             ? 
_entity_src_gen.pdbx_gene_src_scientific_name      'Wuchereria bancrofti' 
_entity_src_gen.pdbx_gene_src_ncbi_taxonomy_id     6293 
_entity_src_gen.pdbx_gene_src_variant              ? 
_entity_src_gen.pdbx_gene_src_cell_line            ? 
_entity_src_gen.pdbx_gene_src_atcc                 ? 
_entity_src_gen.pdbx_gene_src_organ                ? 
_entity_src_gen.pdbx_gene_src_organelle            ? 
_entity_src_gen.pdbx_gene_src_cell                 ? 
_entity_src_gen.pdbx_gene_src_cellular_location    ? 
_entity_src_gen.host_org_common_name               ? 
_entity_src_gen.pdbx_host_org_scientific_name      'Escherichia coli' 
_entity_src_gen.pdbx_host_org_ncbi_taxonomy_id     562 
_entity_src_gen.host_org_genus                     ? 
_entity_src_gen.pdbx_host_org_gene                 ? 
_entity_src_gen.pdbx_host_org_organ                ? 
_entity_src_gen.host_org_species                   ? 
_entity_src_gen.pdbx_host_org_tissue               ? 
_entity_src_gen.pdbx_host_org_tissue_fraction      ? 
_entity_src_gen.pdbx_host_org_strain               ? 
_entity_src_gen.pdbx_host_org_variant              ? 
_entity_src_gen.pdbx_host_org_cell_line            ? 
_entity_src_gen.pdbx_host_org_atcc                 ? 
_entity_src_gen.pdbx_host_org_culture_collection   ? 
_entity_src_gen.pdbx_host_org_cell                 ? 
_entity_src_gen.pdbx_host_org_organelle            ? 
_entity_src_gen.pdbx_host_org_cellular_location    ? 
_entity_src_gen.pdbx_host_org_vector_type          ? 
_entity_src_gen.pdbx_host_org_vector               ? 
_entity_src_gen.host_org_details                   ? 
_entity_src_gen.expression_system_id               ? 
_entity_src_gen.plasmid_name                       ? 
_entity_src_gen.plasmid_details                    ? 
_entity_src_gen.pdbx_description                   ? 
# 
loop_
_chem_comp.id 
_chem_comp.type 
_chem_comp.mon_nstd_flag 
_chem_comp.name 
_chem_comp.pdbx_synonyms 
_chem_comp.formula 
_chem_comp.formula_weight 
ALA 'L-peptide linking' y ALANINE                                            ?                                            
'C3 H7 N O2'        89.093  
ARG 'L-peptide linking' y ARGININE                                           ?                                            
'C6 H15 N4 O2 1'    175.209 
ASN 'L-peptide linking' y ASPARAGINE                                         ?                                            
'C4 H8 N2 O3'       132.118 
ASP 'L-peptide linking' y 'ASPARTIC ACID'                                    ?                                            
'C4 H7 N O4'        133.103 
CYS 'L-peptide linking' y CYSTEINE                                           ?                                            
'C3 H7 N O2 S'      121.158 
GLN 'L-peptide linking' y GLUTAMINE                                          ?                                            
'C5 H10 N2 O3'      146.144 
GLU 'L-peptide linking' y 'GLUTAMIC ACID'                                    ?                                            
'C5 H9 N O4'        147.129 
GLY 'peptide linking'   y GLYCINE                                            ?                                            
'C2 H5 N O2'        75.067  
HIS 'L-peptide linking' y HISTIDINE                                          ?                                            
'C6 H10 N3 O2 1'    156.162 
HOH non-polymer         . WATER                                              ?                                            'H2 O' 
18.015  
ILE 'L-peptide linking' y ISOLEUCINE                                         ?                                            
'C6 H13 N O2'       131.173 
LEU 'L-peptide linking' y LEUCINE                                            ?                                            
'C6 H13 N O2'       131.173 
LYS 'L-peptide linking' y LYSINE                                             ?                                            
'C6 H15 N2 O2 1'    147.195 
MET 'L-peptide linking' y METHIONINE                                         ?                                            
'C5 H11 N O2 S'     149.211 
MTX non-polymer         . METHOTREXATE                                       ?                                            
'C20 H22 N8 O5'     454.439 
NAP non-polymer         . 'NADP NICOTINAMIDE-ADENINE-DINUCLEOTIDE PHOSPHATE' 
;2'-MONOPHOSPHOADENOSINE 5'-DIPHOSPHORIBOSE
;
'C21 H28 N7 O17 P3' 743.405 
PHE 'L-peptide linking' y PHENYLALANINE                                      ?                                            
'C9 H11 N O2'       165.189 
PRO 'L-peptide linking' y PROLINE                                            ?                                            
'C5 H9 N O2'        115.130 
SER 'L-peptide linking' y SERINE                                             ?                                            
'C3 H7 N O3'        105.093 
THR 'L-peptide linking' y THREONINE                                          ?                                            
'C4 H9 N O3'        119.119 
TRP 'L-peptide linking' y TRYPTOPHAN                                         ?                                            
'C11 H12 N2 O2'     204.225 
TYR 'L-peptide linking' y TYROSINE                                           ?                                            
'C9 H11 N O3'       181.189 
VAL 'L-peptide linking' y VALINE                                             ?                                            
'C5 H11 N O2'       117.146 
# 
loop_
_pdbx_poly_seq_scheme.asym_id 
_pdbx_poly_seq_scheme.entity_id 
_pdbx_poly_seq_scheme.seq_id 
_pdbx_poly_seq_scheme.mon_id 
_pdbx_poly_seq_scheme.ndb_seq_num 
_pdbx_poly_seq_scheme.pdb_seq_num 
_pdbx_poly_seq_scheme.auth_seq_num 
_pdbx_poly_seq_scheme.pdb_mon_id 
_pdbx_poly_seq_scheme.auth_mon_id 
_pdbx_poly_seq_scheme.pdb_strand_id 
_pdbx_poly_seq_scheme.pdb_ins_code 
_pdbx_poly_seq_scheme.hetero 
A 1 1   MET 1   -9  ?   ?   ?   A . n 
A 1 2   ALA 2   -8  ?   ?   ?   A . n 
A 1 3   HIS 3   -7  ?   ?   ?   A . n 
A 1 4   HIS 4   -6  ?   ?   ?   A . n 
A 1 5   HIS 5   -5  ?   ?   ?   A . n 
A 1 6   HIS 6   -4  ?   ?   ?   A . n 
A 1 7   HIS 7   -3  ?   ?   ?   A . n 
A 1 8   HIS 8   -2  ?   ?   ?   A . n 
A 1 9   ALA 9   -1  ?   ?   ?   A . n 
A 1 10  MET 10  0   ?   ?   ?   A . n 
A 1 11  ALA 11  1   ?   ?   ?   A . n 
A 1 12  THR 12  2   ?   ?   ?   A . n 
A 1 13  ARG 13  3   ?   ?   ?   A . n 
A 1 14  THR 14  4   ?   ?   ?   A . n 
A 1 15  LEU 15  5   5   LEU LEU A . n 
A 1 16  HIS 16  6   6   HIS HIS A . n 
A 1 17  MET 17  7   7   MET MET A . n 
A 1 18  ASN 18  8   8   ASN ASN A . n 
A 1 19  LEU 19  9   9   LEU LEU A . n 
A 1 20  ILE 20  10  10  ILE ILE A . n 
A 1 21  VAL 21  11  11  VAL VAL A . n 
A 1 22  ALA 22  12  12  ALA ALA A . n 
A 1 23  VAL 23  13  13  VAL VAL A . n 
A 1 24  ASP 24  14  14  ASP ASP A . n 
A 1 25  GLY 25  15  15  GLY GLY A . n 
A 1 26  CYS 26  16  16  CYS CYS A . n 
A 1 27  GLY 27  17  17  GLY GLY A . n 
A 1 28  GLY 28  18  18  GLY GLY A . n 
A 1 29  ILE 29  19  19  ILE ILE A . n 
A 1 30  GLY 30  20  20  GLY GLY A . n 
A 1 31  ARG 31  21  21  ARG ARG A . n 
A 1 32  ASN 32  22  22  ASN ASN A . n 
A 1 33  GLY 33  23  23  GLY GLY A . n 
A 1 34  GLY 34  24  24  GLY GLY A . n 
A 1 35  MET 35  25  25  MET MET A . n 
A 1 36  PRO 36  26  26  PRO PRO A . n 
A 1 37  TRP 37  27  27  TRP TRP A . n 
A 1 38  PHE 38  28  28  PHE PHE A . n 
A 1 39  LEU 39  29  29  LEU LEU A . n 
A 1 40  PRO 40  30  30  PRO PRO A . n 
A 1 41  ALA 41  31  31  ALA ALA A . n 
A 1 42  GLU 42  32  32  GLU GLU A . n 
A 1 43  MET 43  33  33  MET MET A . n 
A 1 44  ALA 44  34  34  ALA ALA A . n 
A 1 45  ARG 45  35  35  ARG ARG A . n 
A 1 46  PHE 46  36  36  PHE PHE A . n 
A 1 47  ALA 47  37  37  ALA ALA A . n 
A 1 48  LYS 48  38  38  LYS LYS A . n 
A 1 49  LEU 49  39  39  LEU LEU A . n 
A 1 50  THR 50  40  40  THR THR A . n 
A 1 51  THR 51  41  41  THR THR A . n 
A 1 52  LEU 52  42  42  LEU LEU A . n 
A 1 53  THR 53  43  43  THR THR A . n 
A 1 54  THR 54  44  44  THR THR A . n 
A 1 55  ASP 55  45  45  ASP ASP A . n 
A 1 56  SER 56  46  46  SER SER A . n 
A 1 57  GLY 57  47  47  GLY GLY A . n 
A 1 58  LYS 58  48  48  LYS LYS A . n 
A 1 59  LYS 59  49  49  LYS LYS A . n 
A 1 60  ASN 60  50  50  ASN ASN A . n 
A 1 61  ALA 61  51  51  ALA ALA A . n 
A 1 62  VAL 62  52  52  VAL VAL A . n 
A 1 63  ILE 63  53  53  ILE ILE A . n 
A 1 64  MET 64  54  54  MET MET A . n 
A 1 65  GLY 65  55  55  GLY GLY A . n 
A 1 66  ARG 66  56  56  ARG ARG A . n 
A 1 67  LYS 67  57  57  LYS LYS A . n 
A 1 68  VAL 68  58  58  VAL VAL A . n 
A 1 69  TRP 69  59  59  TRP TRP A . n 
A 1 70  GLU 70  60  60  GLU GLU A . n 
A 1 71  SER 71  61  61  SER SER A . n 
A 1 72  ILE 72  62  62  ILE ILE A . n 
A 1 73  PRO 73  63  63  PRO PRO A . n 
A 1 74  PRO 74  64  64  PRO PRO A . n 
A 1 75  LYS 75  65  65  LYS LYS A . n 
A 1 76  PHE 76  66  66  PHE PHE A . n 
A 1 77  ARG 77  67  67  ARG ARG A . n 
A 1 78  PRO 78  68  68  PRO PRO A . n 
A 1 79  LEU 79  69  69  LEU LEU A . n 
A 1 80  LYS 80  70  70  LYS LYS A . n 
A 1 81  SER 81  71  71  SER SER A . n 
A 1 82  ARG 82  72  72  ARG ARG A . n 
A 1 83  PHE 83  73  73  PHE PHE A . n 
A 1 84  ASN 84  74  74  ASN ASN A . n 
A 1 85  VAL 85  75  75  VAL VAL A . n 
A 1 86  VAL 86  76  76  VAL VAL A . n 
A 1 87  LEU 87  77  77  LEU LEU A . n 
A 1 88  SER 88  78  78  SER SER A . n 
A 1 89  LYS 89  79  79  LYS LYS A . n 
A 1 90  LYS 90  80  80  LYS LYS A . n 
A 1 91  MET 91  81  81  MET MET A . n 
A 1 92  LYS 92  82  82  LYS LYS A . n 
A 1 93  GLU 93  83  83  GLU GLU A . n 
A 1 94  GLU 94  84  84  GLU GLU A . n 
A 1 95  SER 95  85  85  SER SER A . n 
A 1 96  ASN 96  86  86  ASN ASN A . n 
A 1 97  GLU 97  87  87  GLU GLU A . n 
A 1 98  ASN 98  88  88  ASN ASN A . n 
A 1 99  VAL 99  89  89  VAL VAL A . n 
A 1 100 VAL 100 90  90  VAL VAL A . n 
A 1 101 VAL 101 91  91  VAL VAL A . n 
A 1 102 ALA 102 92  92  ALA ALA A . n 
A 1 103 ARG 103 93  93  ARG ARG A . n 
A 1 104 SER 104 94  94  SER SER A . n 
A 1 105 PHE 105 95  95  PHE PHE A . n 
A 1 106 GLU 106 96  96  GLU GLU A . n 
A 1 107 SER 107 97  97  SER SER A . n 
A 1 108 ALA 108 98  98  ALA ALA A . n 
A 1 109 VAL 109 99  99  VAL VAL A . n 
A 1 110 SER 110 100 100 SER SER A . n 
A 1 111 LEU 111 101 101 LEU LEU A . n 
A 1 112 LEU 112 102 102 LEU LEU A . n 
A 1 113 GLN 113 103 103 GLN GLN A . n 
A 1 114 ASP 114 104 104 ASP ASP A . n 
A 1 115 MET 115 105 105 MET MET A . n 
A 1 116 GLU 116 106 106 GLU GLU A . n 
A 1 117 ASN 117 107 107 ASN ASN A . n 
A 1 118 ILE 118 108 108 ILE ILE A . n 
A 1 119 GLU 119 109 109 GLU GLU A . n 
A 1 120 THR 120 110 110 THR THR A . n 
A 1 121 ILE 121 111 111 ILE ILE A . n 
A 1 122 TRP 122 112 112 TRP TRP A . n 
A 1 123 ASN 123 113 113 ASN ASN A . n 
A 1 124 ILE 124 114 114 ILE ILE A . n 
A 1 125 GLY 125 115 115 GLY GLY A . n 
A 1 126 GLY 126 116 116 GLY GLY A . n 
A 1 127 ARG 127 117 117 ARG ARG A . n 
A 1 128 GLU 128 118 118 GLU GLU A . n 
A 1 129 VAL 129 119 119 VAL VAL A . n 
A 1 130 TYR 130 120 120 TYR TYR A . n 
A 1 131 GLU 131 121 121 GLU GLU A . n 
A 1 132 LEU 132 122 122 LEU LEU A . n 
A 1 133 GLY 133 123 123 GLY GLY A . n 
A 1 134 LEU 134 124 124 LEU LEU A . n 
A 1 135 ASN 135 125 125 ASN ASN A . n 
A 1 136 SER 136 126 126 SER SER A . n 
A 1 137 PRO 137 127 127 PRO PRO A . n 
A 1 138 PHE 138 128 128 PHE PHE A . n 
A 1 139 LEU 139 129 129 LEU LEU A . n 
A 1 140 HIS 140 130 130 HIS HIS A . n 
A 1 141 GLN 141 131 131 GLN GLN A . n 
A 1 142 MET 142 132 132 MET MET A . n 
A 1 143 TYR 143 133 133 TYR TYR A . n 
A 1 144 ILE 144 134 134 ILE ILE A . n 
A 1 145 THR 145 135 135 THR THR A . n 
A 1 146 ARG 146 136 136 ARG ARG A . n 
A 1 147 VAL 147 137 137 VAL VAL A . n 
A 1 148 GLU 148 138 138 GLU GLU A . n 
A 1 149 GLY 149 139 139 GLY GLY A . n 
A 1 150 ASP 150 140 140 ASP ASP A . n 
A 1 151 PHE 151 141 141 PHE PHE A . n 
A 1 152 LEU 152 142 142 LEU LEU A . n 
A 1 153 ALA 153 143 143 ALA ALA A . n 
A 1 154 ASP 154 144 144 ASP ASP A . n 
A 1 155 VAL 155 145 145 VAL VAL A . n 
A 1 156 PHE 156 146 146 PHE PHE A . n 
A 1 157 PHE 157 147 147 PHE PHE A . n 
A 1 158 PRO 158 148 148 PRO PRO A . n 
A 1 159 ARG 159 149 149 ARG ARG A . n 
A 1 160 VAL 160 150 150 VAL VAL A . n 
A 1 161 ASP 161 151 151 ASP ASP A . n 
A 1 162 TYR 162 152 152 TYR TYR A . n 
A 1 163 GLY 163 153 153 GLY GLY A . n 
A 1 164 ARG 164 154 154 ARG ARG A . n 
A 1 165 PHE 165 155 155 PHE PHE A . n 
A 1 166 ILE 166 156 156 ILE ILE A . n 
A 1 167 LYS 167 157 157 LYS LYS A . n 
A 1 168 SER 168 158 158 SER SER A . n 
A 1 169 THR 169 159 159 THR THR A . n 
A 1 170 GLU 170 160 160 GLU GLU A . n 
A 1 171 SER 171 161 161 SER SER A . n 
A 1 172 GLU 172 162 162 GLU GLU A . n 
A 1 173 GLU 173 163 163 GLU GLU A . n 
A 1 174 MET 174 164 164 MET MET A . n 
A 1 175 HIS 175 165 165 HIS HIS A . n 
A 1 176 GLU 176 166 166 GLU GLU A . n 
A 1 177 GLU 177 167 167 GLU GLU A . n 
A 1 178 LYS 178 168 168 LYS LYS A . n 
A 1 179 GLY 179 169 169 GLY GLY A . n 
A 1 180 ILE 180 170 170 ILE ILE A . n 
A 1 181 LYS 181 171 171 LYS LYS A . n 
A 1 182 TYR 182 172 172 TYR TYR A . n 
A 1 183 ARG 183 173 173 ARG ARG A . n 
A 1 184 TYR 184 174 174 TYR TYR A . n 
A 1 185 GLU 185 175 175 GLU GLU A . n 
A 1 186 ILE 186 176 176 ILE ILE A . n 
A 1 187 TYR 187 177 177 TYR TYR A . n 
A 1 188 THR 188 178 178 THR THR A . n 
A 1 189 ILE 189 179 179 ILE ILE A . n 
A 1 190 LYS 190 180 180 LYS LYS A . n 
A 1 191 THR 191 181 181 THR THR A . n 
A 1 192 ASP 192 182 182 ASP ASP A . n 
# 
_pdbx_entity_instance_feature.ordinal        1 
_pdbx_entity_instance_feature.comp_id        MTX 
_pdbx_entity_instance_feature.asym_id        ? 
_pdbx_entity_instance_feature.seq_num        ? 
_pdbx_entity_instance_feature.auth_comp_id   MTX 
_pdbx_entity_instance_feature.auth_asym_id   ? 
_pdbx_entity_instance_feature.auth_seq_num   ? 
_pdbx_entity_instance_feature.feature_type   'SUBJECT OF INVESTIGATION' 
_pdbx_entity_instance_feature.details        ? 
# 
loop_
_pdbx_nonpoly_scheme.asym_id 
_pdbx_nonpoly_scheme.entity_id 
_pdbx_nonpoly_scheme.mon_id 
_pdbx_nonpoly_scheme.ndb_seq_num 
_pdbx_nonpoly_scheme.pdb_seq_num 
_pdbx_nonpoly_scheme.auth_seq_num 
_pdbx_nonpoly_scheme.pdb_mon_id 
_pdbx_nonpoly_scheme.auth_mon_id 
_pdbx_nonpoly_scheme.pdb_strand_id 
_pdbx_nonpoly_scheme.pdb_ins_code 
B 2 NAP 1  601 601 NAP NDP A . 
C 3 MTX 1  602 604 MTX MTX A . 
D 4 HOH 1  701 20  HOH HOH A . 
D 4 HOH 2  702 22  HOH HOH A . 
D 4 HOH 3  703 23  HOH HOH A . 
D 4 HOH 4  704 35  HOH HOH A . 
D 4 HOH 5  705 19  HOH HOH A . 
D 4 HOH 6  706 8   HOH HOH A . 
D 4 HOH 7  707 33  HOH HOH A . 
D 4 HOH 8  708 21  HOH HOH A . 
D 4 HOH 9  709 32  HOH HOH A . 
D 4 HOH 10 710 53  HOH HOH A . 
D 4 HOH 11 711 18  HOH HOH A . 
D 4 HOH 12 712 31  HOH HOH A . 
D 4 HOH 13 713 24  HOH HOH A . 
D 4 HOH 14 714 27  HOH HOH A . 
D 4 HOH 15 715 17  HOH HOH A . 
D 4 HOH 16 716 3   HOH HOH A . 
D 4 HOH 17 717 16  HOH HOH A . 
D 4 HOH 18 718 39  HOH HOH A . 
D 4 HOH 19 719 2   HOH HOH A . 
D 4 HOH 20 720 26  HOH HOH A . 
D 4 HOH 21 721 36  HOH HOH A . 
D 4 HOH 22 722 49  HOH HOH A . 
D 4 HOH 23 723 13  HOH HOH A . 
D 4 HOH 24 724 6   HOH HOH A . 
D 4 HOH 25 725 55  HOH HOH A . 
D 4 HOH 26 726 30  HOH HOH A . 
D 4 HOH 27 727 34  HOH HOH A . 
D 4 HOH 28 728 11  HOH HOH A . 
D 4 HOH 29 729 25  HOH HOH A . 
D 4 HOH 30 730 5   HOH HOH A . 
D 4 HOH 31 731 46  HOH HOH A . 
D 4 HOH 32 732 44  HOH HOH A . 
D 4 HOH 33 733 15  HOH HOH A . 
D 4 HOH 34 734 50  HOH HOH A . 
D 4 HOH 35 735 38  HOH HOH A . 
D 4 HOH 36 736 4   HOH HOH A . 
D 4 HOH 37 737 45  HOH HOH A . 
D 4 HOH 38 738 9   HOH HOH A . 
D 4 HOH 39 739 40  HOH HOH A . 
D 4 HOH 40 740 52  HOH HOH A . 
D 4 HOH 41 741 47  HOH HOH A . 
D 4 HOH 42 742 42  HOH HOH A . 
D 4 HOH 43 743 43  HOH HOH A . 
D 4 HOH 44 744 14  HOH HOH A . 
D 4 HOH 45 745 10  HOH HOH A . 
D 4 HOH 46 746 51  HOH HOH A . 
D 4 HOH 47 747 48  HOH HOH A . 
D 4 HOH 48 748 56  HOH HOH A . 
D 4 HOH 49 749 29  HOH HOH A . 
D 4 HOH 50 750 7   HOH HOH A . 
D 4 HOH 51 751 12  HOH HOH A . 
D 4 HOH 52 752 54  HOH HOH A . 
# 
loop_
_pdbx_unobs_or_zero_occ_atoms.id 
_pdbx_unobs_or_zero_occ_atoms.PDB_model_num 
_pdbx_unobs_or_zero_occ_atoms.polymer_flag 
_pdbx_unobs_or_zero_occ_atoms.occupancy_flag 
_pdbx_unobs_or_zero_occ_atoms.auth_asym_id 
_pdbx_unobs_or_zero_occ_atoms.auth_comp_id 
_pdbx_unobs_or_zero_occ_atoms.auth_seq_id 
_pdbx_unobs_or_zero_occ_atoms.PDB_ins_code 
_pdbx_unobs_or_zero_occ_atoms.auth_atom_id 
_pdbx_unobs_or_zero_occ_atoms.label_alt_id 
_pdbx_unobs_or_zero_occ_atoms.label_asym_id 
_pdbx_unobs_or_zero_occ_atoms.label_comp_id 
_pdbx_unobs_or_zero_occ_atoms.label_seq_id 
_pdbx_unobs_or_zero_occ_atoms.label_atom_id 
1  1 Y 1 A LYS 65  ? CD  ? A LYS 75  CD  
2  1 Y 1 A LYS 65  ? CE  ? A LYS 75  CE  
3  1 Y 1 A LYS 65  ? NZ  ? A LYS 75  NZ  
4  1 Y 1 A LYS 70  ? CG  ? A LYS 80  CG  
5  1 Y 1 A LYS 70  ? CD  ? A LYS 80  CD  
6  1 Y 1 A LYS 70  ? CE  ? A LYS 80  CE  
7  1 Y 1 A LYS 70  ? NZ  ? A LYS 80  NZ  
8  1 Y 1 A LYS 79  ? CE  ? A LYS 89  CE  
9  1 Y 1 A LYS 79  ? NZ  ? A LYS 89  NZ  
10 1 Y 1 A GLU 87  ? CG  ? A GLU 97  CG  
11 1 Y 1 A GLU 87  ? CD  ? A GLU 97  CD  
12 1 Y 1 A GLU 87  ? OE1 ? A GLU 97  OE1 
13 1 Y 1 A GLU 87  ? OE2 ? A GLU 97  OE2 
14 1 Y 1 A GLU 106 ? CG  ? A GLU 116 CG  
15 1 Y 1 A GLU 106 ? CD  ? A GLU 116 CD  
16 1 Y 1 A GLU 106 ? OE1 ? A GLU 116 OE1 
17 1 Y 1 A GLU 106 ? OE2 ? A GLU 116 OE2 
18 1 Y 1 A GLU 121 ? CD  ? A GLU 131 CD  
19 1 Y 1 A GLU 121 ? OE1 ? A GLU 131 OE1 
20 1 Y 1 A GLU 121 ? OE2 ? A GLU 131 OE2 
21 1 Y 1 A MET 164 ? CE  ? A MET 174 CE  
# 
loop_
_software.citation_id 
_software.classification 
_software.compiler_name 
_software.compiler_version 
_software.contact_author 
_software.contact_author_email 
_software.date 
_software.description 
_software.dependencies 
_software.hardware 
_software.language 
_software.location 
_software.mods 
_software.name 
_software.os 
_software.os_version 
_software.type 
_software.version 
_software.pdbx_reference_DOI 
_software.pdbx_ordinal 
? refinement        ? ? ? ? ? ? ? ? ? ? ? PHENIX      ? ? ? 1.21.1_5286 ? 1 
? 'data extraction' ? ? ? ? ? ? ? ? ? ? ? PDB_EXTRACT ? ? ? .           ? 2 
? 'data reduction'  ? ? ? ? ? ? ? ? ? ? ? XDS         ? ? ? .           ? 3 
? 'data scaling'    ? ? ? ? ? ? ? ? ? ? ? Aimless     ? ? ? .           ? 4 
? phasing           ? ? ? ? ? ? ? ? ? ? ? PHASER      ? ? ? .           ? 5 
# 
_cell.angle_alpha                  90.00 
_cell.angle_alpha_esd              ? 
_cell.angle_beta                   90.00 
_cell.angle_beta_esd               ? 
_cell.angle_gamma                  120.00 
_cell.angle_gamma_esd              ? 
_cell.entry_id                     9ONI 
_cell.details                      ? 
_cell.formula_units_Z              ? 
_cell.length_a                     133.586 
_cell.length_a_esd                 ? 
_cell.length_b                     133.586 
_cell.length_b_esd                 ? 
_cell.length_c                     76.198 
_cell.length_c_esd                 ? 
_cell.volume                       ? 
_cell.volume_esd                   ? 
_cell.Z_PDB                        12 
_cell.reciprocal_angle_alpha       ? 
_cell.reciprocal_angle_beta        ? 
_cell.reciprocal_angle_gamma       ? 
_cell.reciprocal_angle_alpha_esd   ? 
_cell.reciprocal_angle_beta_esd    ? 
_cell.reciprocal_angle_gamma_esd   ? 
_cell.reciprocal_length_a          ? 
_cell.reciprocal_length_b          ? 
_cell.reciprocal_length_c          ? 
_cell.reciprocal_length_a_esd      ? 
_cell.reciprocal_length_b_esd      ? 
_cell.reciprocal_length_c_esd      ? 
_cell.pdbx_unique_axis             ? 
_cell.pdbx_esd_method              ? 
# 
_symmetry.entry_id                         9ONI 
_symmetry.cell_setting                     ? 
_symmetry.Int_Tables_number                182 
_symmetry.space_group_name_Hall            ? 
_symmetry.space_group_name_H-M             'P 63 2 2' 
_symmetry.pdbx_full_space_group_name_H-M   ? 
# 
_exptl.absorpt_coefficient_mu     ? 
_exptl.absorpt_correction_T_max   ? 
_exptl.absorpt_correction_T_min   ? 
_exptl.absorpt_correction_type    ? 
_exptl.absorpt_process_details    ? 
_exptl.entry_id                   9ONI 
_exptl.crystals_number            1 
_exptl.details                    ? 
_exptl.method                     'X-RAY DIFFRACTION' 
_exptl.method_details             ? 
# 
_exptl_crystal.colour                       ? 
_exptl_crystal.density_diffrn               ? 
_exptl_crystal.density_Matthews             4.47 
_exptl_crystal.density_method               ? 
_exptl_crystal.density_percent_sol          72.5 
_exptl_crystal.description                  ? 
_exptl_crystal.F_000                        ? 
_exptl_crystal.id                           1 
_exptl_crystal.preparation                  ? 
_exptl_crystal.size_max                     ? 
_exptl_crystal.size_mid                     ? 
_exptl_crystal.size_min                     ? 
_exptl_crystal.size_rad                     ? 
_exptl_crystal.colour_lustre                ? 
_exptl_crystal.colour_modifier              ? 
_exptl_crystal.colour_primary               ? 
_exptl_crystal.density_meas                 ? 
_exptl_crystal.density_meas_esd             ? 
_exptl_crystal.density_meas_gt              ? 
_exptl_crystal.density_meas_lt              ? 
_exptl_crystal.density_meas_temp            ? 
_exptl_crystal.density_meas_temp_esd        ? 
_exptl_crystal.density_meas_temp_gt         ? 
_exptl_crystal.density_meas_temp_lt         ? 
_exptl_crystal.pdbx_crystal_image_url       ? 
_exptl_crystal.pdbx_crystal_image_format    ? 
_exptl_crystal.pdbx_mosaicity               ? 
_exptl_crystal.pdbx_mosaicity_esd           ? 
_exptl_crystal.pdbx_mosaic_method           ? 
_exptl_crystal.pdbx_mosaic_block_size       ? 
_exptl_crystal.pdbx_mosaic_block_size_esd   ? 
# 
_exptl_crystal_grow.apparatus       ? 
_exptl_crystal_grow.atmosphere      ? 
_exptl_crystal_grow.crystal_id      1 
_exptl_crystal_grow.details         ? 
_exptl_crystal_grow.method          'VAPOR DIFFUSION, SITTING DROP' 
_exptl_crystal_grow.method_ref      ? 
_exptl_crystal_grow.pH              ? 
_exptl_crystal_grow.pressure        ? 
_exptl_crystal_grow.pressure_esd    ? 
_exptl_crystal_grow.seeding         ? 
_exptl_crystal_grow.seeding_ref     ? 
_exptl_crystal_grow.temp_details    ? 
_exptl_crystal_grow.temp_esd        ? 
_exptl_crystal_grow.time            ? 
_exptl_crystal_grow.pdbx_details    '100 mM trisodium citrate, pH 5.4-6.4, 25% w/v PEG4000, 200 mM ammonium sulfate' 
_exptl_crystal_grow.pdbx_pH_range   ? 
_exptl_crystal_grow.temp            277.15 
# 
_diffrn.ambient_environment              ? 
_diffrn.ambient_temp                     100 
_diffrn.ambient_temp_details             ? 
_diffrn.ambient_temp_esd                 ? 
_diffrn.crystal_id                       1 
_diffrn.crystal_support                  ? 
_diffrn.crystal_treatment                ? 
_diffrn.details                          ? 
_diffrn.id                               1 
_diffrn.ambient_pressure                 ? 
_diffrn.ambient_pressure_esd             ? 
_diffrn.ambient_pressure_gt              ? 
_diffrn.ambient_pressure_lt              ? 
_diffrn.ambient_temp_gt                  ? 
_diffrn.ambient_temp_lt                  ? 
_diffrn.pdbx_serial_crystal_experiment   N 
# 
_diffrn_detector.details                      ? 
_diffrn_detector.detector                     PIXEL 
_diffrn_detector.diffrn_id                    1 
_diffrn_detector.type                         'DECTRIS EIGER X 16M' 
_diffrn_detector.area_resol_mean              ? 
_diffrn_detector.dtime                        ? 
_diffrn_detector.pdbx_frames_total            ? 
_diffrn_detector.pdbx_collection_time_total   ? 
_diffrn_detector.pdbx_collection_date         2024-04-05 
_diffrn_detector.pdbx_frequency               ? 
_diffrn_detector.id                           ? 
_diffrn_detector.number_of_axes               ? 
# 
_diffrn_radiation.collimation                      ? 
_diffrn_radiation.diffrn_id                        1 
_diffrn_radiation.filter_edge                      ? 
_diffrn_radiation.inhomogeneity                    ? 
_diffrn_radiation.monochromator                    ? 
_diffrn_radiation.polarisn_norm                    ? 
_diffrn_radiation.polarisn_ratio                   ? 
_diffrn_radiation.probe                            ? 
_diffrn_radiation.type                             ? 
_diffrn_radiation.xray_symbol                      ? 
_diffrn_radiation.wavelength_id                    1 
_diffrn_radiation.pdbx_monochromatic_or_laue_m_l   M 
_diffrn_radiation.pdbx_wavelength_list             ? 
_diffrn_radiation.pdbx_wavelength                  ? 
_diffrn_radiation.pdbx_diffrn_protocol             'SINGLE WAVELENGTH' 
_diffrn_radiation.pdbx_analyzer                    ? 
_diffrn_radiation.pdbx_scattering_type             x-ray 
# 
_diffrn_radiation_wavelength.id           1 
_diffrn_radiation_wavelength.wavelength   1.00 
_diffrn_radiation_wavelength.wt           1.0 
# 
_diffrn_source.current                     ? 
_diffrn_source.details                     ? 
_diffrn_source.diffrn_id                   1 
_diffrn_source.power                       ? 
_diffrn_source.size                        ? 
_diffrn_source.source                      SYNCHROTRON 
_diffrn_source.target                      ? 
_diffrn_source.type                        'NSLS-II BEAMLINE 17-ID-2' 
_diffrn_source.voltage                     ? 
_diffrn_source.take-off_angle              ? 
_diffrn_source.pdbx_wavelength_list        1.00 
_diffrn_source.pdbx_wavelength             ? 
_diffrn_source.pdbx_synchrotron_beamline   17-ID-2 
_diffrn_source.pdbx_synchrotron_site       NSLS-II 
# 
_reflns.B_iso_Wilson_estimate                          46.30 
_reflns.entry_id                                       9ONI 
_reflns.data_reduction_details                         ? 
_reflns.data_reduction_method                          ? 
_reflns.d_resolution_high                              2.44 
_reflns.d_resolution_low                               34.41 
_reflns.details                                        ? 
_reflns.limit_h_max                                    ? 
_reflns.limit_h_min                                    ? 
_reflns.limit_k_max                                    ? 
_reflns.limit_k_min                                    ? 
_reflns.limit_l_max                                    ? 
_reflns.limit_l_min                                    ? 
_reflns.number_all                                     ? 
_reflns.number_obs                                     15368 
_reflns.observed_criterion                             ? 
_reflns.observed_criterion_F_max                       ? 
_reflns.observed_criterion_F_min                       ? 
_reflns.observed_criterion_I_max                       ? 
_reflns.observed_criterion_I_min                       ? 
_reflns.observed_criterion_sigma_F                     ? 
_reflns.observed_criterion_sigma_I                     ? 
_reflns.percent_possible_obs                           86.92 
_reflns.R_free_details                                 ? 
_reflns.Rmerge_F_all                                   ? 
_reflns.Rmerge_F_obs                                   ? 
_reflns.Friedel_coverage                               ? 
_reflns.number_gt                                      ? 
_reflns.threshold_expression                           ? 
_reflns.pdbx_redundancy                                1.1 
_reflns.pdbx_netI_over_av_sigmaI                       ? 
_reflns.pdbx_netI_over_sigmaI                          10.77 
_reflns.pdbx_res_netI_over_av_sigmaI_2                 ? 
_reflns.pdbx_res_netI_over_sigmaI_2                    ? 
_reflns.pdbx_chi_squared                               ? 
_reflns.pdbx_scaling_rejects                           ? 
_reflns.pdbx_d_res_high_opt                            ? 
_reflns.pdbx_d_res_low_opt                             ? 
_reflns.pdbx_d_res_opt_method                          ? 
_reflns.phase_calculation_details                      ? 
_reflns.pdbx_Rrim_I_all                                ? 
_reflns.pdbx_Rpim_I_all                                0.045 
_reflns.pdbx_d_opt                                     ? 
_reflns.pdbx_number_measured_all                       ? 
_reflns.pdbx_diffrn_id                                 1 
_reflns.pdbx_ordinal                                   1 
_reflns.pdbx_CC_half                                   1 
_reflns.pdbx_CC_star                                   1 
_reflns.pdbx_R_split                                   ? 
_reflns.pdbx_Rmerge_I_obs                              0.045 
_reflns.pdbx_Rmerge_I_all                              ? 
_reflns.pdbx_Rsym_value                                0.064 
_reflns.pdbx_CC_split_method                           ? 
_reflns.pdbx_aniso_diffraction_limit_axis_1_ortho[1]   ? 
_reflns.pdbx_aniso_diffraction_limit_axis_1_ortho[2]   ? 
_reflns.pdbx_aniso_diffraction_limit_axis_1_ortho[3]   ? 
_reflns.pdbx_aniso_diffraction_limit_axis_2_ortho[1]   ? 
_reflns.pdbx_aniso_diffraction_limit_axis_2_ortho[2]   ? 
_reflns.pdbx_aniso_diffraction_limit_axis_2_ortho[3]   ? 
_reflns.pdbx_aniso_diffraction_limit_axis_3_ortho[1]   ? 
_reflns.pdbx_aniso_diffraction_limit_axis_3_ortho[2]   ? 
_reflns.pdbx_aniso_diffraction_limit_axis_3_ortho[3]   ? 
_reflns.pdbx_aniso_diffraction_limit_1                 ? 
_reflns.pdbx_aniso_diffraction_limit_2                 ? 
_reflns.pdbx_aniso_diffraction_limit_3                 ? 
_reflns.pdbx_aniso_B_tensor_eigenvector_1_ortho[1]     ? 
_reflns.pdbx_aniso_B_tensor_eigenvector_1_ortho[2]     ? 
_reflns.pdbx_aniso_B_tensor_eigenvector_1_ortho[3]     ? 
_reflns.pdbx_aniso_B_tensor_eigenvector_2_ortho[1]     ? 
_reflns.pdbx_aniso_B_tensor_eigenvector_2_ortho[2]     ? 
_reflns.pdbx_aniso_B_tensor_eigenvector_2_ortho[3]     ? 
_reflns.pdbx_aniso_B_tensor_eigenvector_3_ortho[1]     ? 
_reflns.pdbx_aniso_B_tensor_eigenvector_3_ortho[2]     ? 
_reflns.pdbx_aniso_B_tensor_eigenvector_3_ortho[3]     ? 
_reflns.pdbx_aniso_B_tensor_eigenvalue_1               ? 
_reflns.pdbx_aniso_B_tensor_eigenvalue_2               ? 
_reflns.pdbx_aniso_B_tensor_eigenvalue_3               ? 
_reflns.pdbx_orthogonalization_convention              ? 
_reflns.pdbx_percent_possible_ellipsoidal              ? 
_reflns.pdbx_percent_possible_spherical                ? 
_reflns.pdbx_percent_possible_ellipsoidal_anomalous    ? 
_reflns.pdbx_percent_possible_spherical_anomalous      ? 
_reflns.pdbx_redundancy_anomalous                      ? 
_reflns.pdbx_CC_half_anomalous                         ? 
_reflns.pdbx_absDiff_over_sigma_anomalous              ? 
_reflns.pdbx_percent_possible_anomalous                ? 
_reflns.pdbx_observed_signal_threshold                 ? 
_reflns.pdbx_signal_type                               ? 
_reflns.pdbx_signal_details                            ? 
_reflns.pdbx_signal_software_id                        ? 
# 
_reflns_shell.d_res_high                                    2.44 
_reflns_shell.d_res_low                                     2.53 
_reflns_shell.meanI_over_sigI_all                           ? 
_reflns_shell.meanI_over_sigI_obs                           1.6 
_reflns_shell.number_measured_all                           ? 
_reflns_shell.number_measured_obs                           ? 
_reflns_shell.number_possible                               ? 
_reflns_shell.number_unique_all                             ? 
_reflns_shell.number_unique_obs                             168 
_reflns_shell.percent_possible_obs                          ? 
_reflns_shell.Rmerge_F_all                                  ? 
_reflns_shell.Rmerge_F_obs                                  ? 
_reflns_shell.meanI_over_sigI_gt                            ? 
_reflns_shell.meanI_over_uI_all                             ? 
_reflns_shell.meanI_over_uI_gt                              ? 
_reflns_shell.number_measured_gt                            ? 
_reflns_shell.number_unique_gt                              ? 
_reflns_shell.percent_possible_gt                           ? 
_reflns_shell.Rmerge_F_gt                                   ? 
_reflns_shell.Rmerge_I_gt                                   ? 
_reflns_shell.pdbx_redundancy                               ? 
_reflns_shell.pdbx_chi_squared                              ? 
_reflns_shell.pdbx_netI_over_sigmaI_all                     ? 
_reflns_shell.pdbx_netI_over_sigmaI_obs                     ? 
_reflns_shell.pdbx_Rrim_I_all                               ? 
_reflns_shell.pdbx_Rpim_I_all                               0.405 
_reflns_shell.pdbx_rejects                                  ? 
_reflns_shell.pdbx_ordinal                                  1 
_reflns_shell.pdbx_diffrn_id                                1 
_reflns_shell.pdbx_CC_half                                  0.555 
_reflns_shell.pdbx_CC_star                                  ? 
_reflns_shell.pdbx_R_split                                  ? 
_reflns_shell.percent_possible_all                          ? 
_reflns_shell.Rmerge_I_all                                  ? 
_reflns_shell.Rmerge_I_obs                                  0.405 
_reflns_shell.pdbx_Rsym_value                               0.573 
_reflns_shell.pdbx_percent_possible_ellipsoidal             ? 
_reflns_shell.pdbx_percent_possible_spherical               ? 
_reflns_shell.pdbx_percent_possible_ellipsoidal_anomalous   ? 
_reflns_shell.pdbx_percent_possible_spherical_anomalous     ? 
_reflns_shell.pdbx_redundancy_anomalous                     ? 
_reflns_shell.pdbx_CC_half_anomalous                        ? 
_reflns_shell.pdbx_absDiff_over_sigma_anomalous             ? 
_reflns_shell.pdbx_percent_possible_anomalous               ? 
# 
_refine.aniso_B[1][1]                            ? 
_refine.aniso_B[1][2]                            ? 
_refine.aniso_B[1][3]                            ? 
_refine.aniso_B[2][2]                            ? 
_refine.aniso_B[2][3]                            ? 
_refine.aniso_B[3][3]                            ? 
_refine.B_iso_max                                ? 
_refine.B_iso_mean                               ? 
_refine.B_iso_min                                ? 
_refine.correlation_coeff_Fo_to_Fc               ? 
_refine.correlation_coeff_Fo_to_Fc_free          ? 
_refine.details                                  ? 
_refine.diff_density_max                         ? 
_refine.diff_density_max_esd                     ? 
_refine.diff_density_min                         ? 
_refine.diff_density_min_esd                     ? 
_refine.diff_density_rms                         ? 
_refine.diff_density_rms_esd                     ? 
_refine.entry_id                                 9ONI 
_refine.pdbx_refine_id                           'X-RAY DIFFRACTION' 
_refine.ls_abs_structure_details                 ? 
_refine.ls_abs_structure_Flack                   ? 
_refine.ls_abs_structure_Flack_esd               ? 
_refine.ls_abs_structure_Rogers                  ? 
_refine.ls_abs_structure_Rogers_esd              ? 
_refine.ls_d_res_high                            2.44 
_refine.ls_d_res_low                             34.41 
_refine.ls_extinction_coef                       ? 
_refine.ls_extinction_coef_esd                   ? 
_refine.ls_extinction_expression                 ? 
_refine.ls_extinction_method                     ? 
_refine.ls_goodness_of_fit_all                   ? 
_refine.ls_goodness_of_fit_all_esd               ? 
_refine.ls_goodness_of_fit_obs                   ? 
_refine.ls_goodness_of_fit_obs_esd               ? 
_refine.ls_hydrogen_treatment                    ? 
_refine.ls_matrix_type                           ? 
_refine.ls_number_constraints                    ? 
_refine.ls_number_parameters                     ? 
_refine.ls_number_reflns_all                     ? 
_refine.ls_number_reflns_obs                     13348 
_refine.ls_number_reflns_R_free                  682 
_refine.ls_number_reflns_R_work                  ? 
_refine.ls_number_restraints                     ? 
_refine.ls_percent_reflns_obs                    86.92 
_refine.ls_percent_reflns_R_free                 5.11 
_refine.ls_R_factor_all                          ? 
_refine.ls_R_factor_obs                          0.2286 
_refine.ls_R_factor_R_free                       0.2869 
_refine.ls_R_factor_R_free_error                 ? 
_refine.ls_R_factor_R_free_error_details         ? 
_refine.ls_R_factor_R_work                       0.2255 
_refine.ls_R_Fsqd_factor_obs                     ? 
_refine.ls_R_I_factor_obs                        ? 
_refine.ls_redundancy_reflns_all                 ? 
_refine.ls_redundancy_reflns_obs                 ? 
_refine.ls_restrained_S_all                      ? 
_refine.ls_restrained_S_obs                      ? 
_refine.ls_shift_over_esd_max                    ? 
_refine.ls_shift_over_esd_mean                   ? 
_refine.ls_structure_factor_coef                 ? 
_refine.ls_weighting_details                     ? 
_refine.ls_weighting_scheme                      ? 
_refine.ls_wR_factor_all                         ? 
_refine.ls_wR_factor_obs                         ? 
_refine.ls_wR_factor_R_free                      ? 
_refine.ls_wR_factor_R_work                      ? 
_refine.occupancy_max                            ? 
_refine.occupancy_min                            ? 
_refine.solvent_model_details                    'FLAT BULK SOLVENT MODEL' 
_refine.solvent_model_param_bsol                 ? 
_refine.solvent_model_param_ksol                 ? 
_refine.correlation_coeff_I_to_Fcsqd_work        ? 
_refine.correlation_coeff_I_to_Fcsqd_free        ? 
_refine.pdbx_R_complete                          ? 
_refine.ls_R_factor_gt                           ? 
_refine.ls_goodness_of_fit_gt                    ? 
_refine.ls_goodness_of_fit_ref                   ? 
_refine.ls_shift_over_su_max                     ? 
_refine.ls_shift_over_su_max_lt                  ? 
_refine.ls_shift_over_su_mean                    ? 
_refine.ls_shift_over_su_mean_lt                 ? 
_refine.pdbx_ls_sigma_I                          ? 
_refine.pdbx_ls_sigma_F                          1.34 
_refine.pdbx_ls_sigma_Fsqd                       ? 
_refine.pdbx_data_cutoff_high_absF               ? 
_refine.pdbx_data_cutoff_high_rms_absF           ? 
_refine.pdbx_data_cutoff_low_absF                ? 
_refine.pdbx_isotropic_thermal_model             ? 
_refine.pdbx_ls_cross_valid_method               'FREE R-VALUE' 
_refine.pdbx_method_to_determine_struct          'FOURIER SYNTHESIS' 
_refine.pdbx_starting_model                      ? 
_refine.pdbx_stereochemistry_target_values       ML 
_refine.pdbx_R_Free_selection_details            'Random selection' 
_refine.pdbx_stereochem_target_val_spec_case     ? 
_refine.pdbx_overall_ESU_R                       ? 
_refine.pdbx_overall_ESU_R_Free                  ? 
_refine.pdbx_solvent_vdw_probe_radii             1.10 
_refine.pdbx_solvent_ion_probe_radii             ? 
_refine.pdbx_solvent_shrinkage_radii             0.90 
_refine.pdbx_real_space_R                        ? 
_refine.pdbx_density_correlation                 ? 
_refine.pdbx_pd_number_of_powder_patterns        ? 
_refine.pdbx_pd_number_of_points                 ? 
_refine.pdbx_pd_meas_number_of_points            ? 
_refine.pdbx_pd_proc_ls_prof_R_factor            ? 
_refine.pdbx_pd_proc_ls_prof_wR_factor           ? 
_refine.pdbx_pd_Marquardt_correlation_coeff      ? 
_refine.pdbx_pd_Fsqrd_R_factor                   ? 
_refine.pdbx_pd_ls_matrix_band_width             ? 
_refine.pdbx_overall_phase_error                 31.56 
_refine.pdbx_overall_SU_R_free_Cruickshank_DPI   ? 
_refine.pdbx_overall_SU_R_free_Blow_DPI          ? 
_refine.pdbx_overall_SU_R_Blow_DPI               ? 
_refine.pdbx_TLS_residual_ADP_flag               ? 
_refine.pdbx_diffrn_id                           1 
_refine.overall_SU_B                             ? 
_refine.overall_SU_ML                            0.43 
_refine.overall_SU_R_Cruickshank_DPI             ? 
_refine.overall_SU_R_free                        ? 
_refine.overall_FOM_free_R_set                   ? 
_refine.overall_FOM_work_R_set                   ? 
_refine.pdbx_average_fsc_overall                 ? 
_refine.pdbx_average_fsc_work                    ? 
_refine.pdbx_average_fsc_free                    ? 
# 
_refine_hist.pdbx_refine_id                   'X-RAY DIFFRACTION' 
_refine_hist.cycle_id                         LAST 
_refine_hist.pdbx_number_atoms_protein        1412 
_refine_hist.pdbx_number_atoms_nucleic_acid   0 
_refine_hist.pdbx_number_atoms_ligand         81 
_refine_hist.number_atoms_solvent             52 
_refine_hist.number_atoms_total               1545 
_refine_hist.d_res_high                       2.44 
_refine_hist.d_res_low                        34.41 
# 
loop_
_refine_ls_restr.pdbx_refine_id 
_refine_ls_restr.criterion 
_refine_ls_restr.dev_ideal 
_refine_ls_restr.dev_ideal_target 
_refine_ls_restr.number 
_refine_ls_restr.rejects 
_refine_ls_restr.type 
_refine_ls_restr.weight 
_refine_ls_restr.pdbx_Zscore 
_refine_ls_restr.pdbx_restraint_function 
'X-RAY DIFFRACTION' ? 0.005  ? 1530 ? f_bond_d           ? ? ? 
'X-RAY DIFFRACTION' ? 0.782  ? 2076 ? f_angle_d          ? ? ? 
'X-RAY DIFFRACTION' ? 17.921 ? 553  ? f_dihedral_angle_d ? ? ? 
'X-RAY DIFFRACTION' ? 0.048  ? 221  ? f_chiral_restr     ? ? ? 
'X-RAY DIFFRACTION' ? 0.006  ? 260  ? f_plane_restr      ? ? ? 
# 
loop_
_refine_ls_shell.pdbx_refine_id 
_refine_ls_shell.d_res_high 
_refine_ls_shell.d_res_low 
_refine_ls_shell.number_reflns_all 
_refine_ls_shell.number_reflns_obs 
_refine_ls_shell.number_reflns_R_free 
_refine_ls_shell.number_reflns_R_work 
_refine_ls_shell.percent_reflns_obs 
_refine_ls_shell.percent_reflns_R_free 
_refine_ls_shell.R_factor_all 
_refine_ls_shell.R_factor_obs 
_refine_ls_shell.R_factor_R_free_error 
_refine_ls_shell.R_factor_R_work 
_refine_ls_shell.redundancy_reflns_all 
_refine_ls_shell.redundancy_reflns_obs 
_refine_ls_shell.wR_factor_all 
_refine_ls_shell.wR_factor_obs 
_refine_ls_shell.wR_factor_R_free 
_refine_ls_shell.wR_factor_R_work 
_refine_ls_shell.pdbx_R_complete 
_refine_ls_shell.correlation_coeff_Fo_to_Fc 
_refine_ls_shell.correlation_coeff_Fo_to_Fc_free 
_refine_ls_shell.correlation_coeff_I_to_Fcsqd_work 
_refine_ls_shell.correlation_coeff_I_to_Fcsqd_free 
_refine_ls_shell.pdbx_total_number_of_bins_used 
_refine_ls_shell.pdbx_phase_error 
_refine_ls_shell.pdbx_fsc_work 
_refine_ls_shell.pdbx_fsc_free 
_refine_ls_shell.R_factor_R_free 
'X-RAY DIFFRACTION' 2.44 2.63  . . 52  1020 36.00  . . . . 0.3206 . . . . . . . . . . . . . . . 0.4094 
'X-RAY DIFFRACTION' 2.63 2.90  . . 166 2801 98.00  . . . . 0.3161 . . . . . . . . . . . . . . . 0.3678 
'X-RAY DIFFRACTION' 2.90 3.31  . . 141 2889 100.00 . . . . 0.2907 . . . . . . . . . . . . . . . 0.3757 
'X-RAY DIFFRACTION' 3.31 4.17  . . 162 2893 100.00 . . . . 0.2022 . . . . . . . . . . . . . . . 0.2754 
'X-RAY DIFFRACTION' 4.17 34.41 . . 161 3063 99.00  . . . . 0.1869 . . . . . . . . . . . . . . . 0.2294 
# 
_struct.entry_id                     9ONI 
_struct.title                        
;Crystal structure of dihydrofolate reductase (DHFR) from the filarial nematode W. bancrofti in complex with NADPH and methotrexate (MTX)
;
_struct.pdbx_model_details           ? 
_struct.pdbx_formula_weight          ? 
_struct.pdbx_formula_weight_method   ? 
_struct.pdbx_model_type_details      ? 
_struct.pdbx_CASP_flag               N 
# 
_struct_keywords.entry_id        9ONI 
_struct_keywords.text            'dihydrofolate reductases, NADPH, antifolate, OXIDOREDUCTASE' 
_struct_keywords.pdbx_keywords   OXIDOREDUCTASE 
# 
loop_
_struct_asym.id 
_struct_asym.pdbx_blank_PDB_chainid_flag 
_struct_asym.pdbx_modified 
_struct_asym.entity_id 
_struct_asym.details 
A N N 1 ? 
B N N 2 ? 
C N N 3 ? 
D N N 4 ? 
# 
_struct_ref.id                         1 
_struct_ref.db_name                    UNP 
_struct_ref.db_code                    A0AAF5PZP7_WUCBA 
_struct_ref.pdbx_db_accession          A0AAF5PZP7 
_struct_ref.pdbx_db_isoform            ? 
_struct_ref.entity_id                  1 
_struct_ref.pdbx_seq_one_letter_code   
;TRTLHMNLIVAVDGCGGIGRNGGMPWFLPAEMARFAKLTTLTTDSGKKNAVIMGRKVWESIPPKFRPLKSRFNVVLSKKM
KEESNENVVVARSFESAVSLLQDMENIETIWNIGGREVYELGLNSPFLHQMYITRVEGDFLADVFFPRVDYGRFIKSTES
EEMHEEKGIKYRYEIYTIKTD
;
_struct_ref.pdbx_align_begin           2 
# 
_struct_ref_seq.align_id                      1 
_struct_ref_seq.ref_id                        1 
_struct_ref_seq.pdbx_PDB_id_code              9ONI 
_struct_ref_seq.pdbx_strand_id                A 
_struct_ref_seq.seq_align_beg                 12 
_struct_ref_seq.pdbx_seq_align_beg_ins_code   ? 
_struct_ref_seq.seq_align_end                 192 
_struct_ref_seq.pdbx_seq_align_end_ins_code   ? 
_struct_ref_seq.pdbx_db_accession             A0AAF5PZP7 
_struct_ref_seq.db_align_beg                  2 
_struct_ref_seq.pdbx_db_align_beg_ins_code    ? 
_struct_ref_seq.db_align_end                  182 
_struct_ref_seq.pdbx_db_align_end_ins_code    ? 
_struct_ref_seq.pdbx_auth_seq_align_beg       2 
_struct_ref_seq.pdbx_auth_seq_align_end       182 
# 
loop_
_struct_ref_seq_dif.align_id 
_struct_ref_seq_dif.pdbx_pdb_id_code 
_struct_ref_seq_dif.mon_id 
_struct_ref_seq_dif.pdbx_pdb_strand_id 
_struct_ref_seq_dif.seq_num 
_struct_ref_seq_dif.pdbx_pdb_ins_code 
_struct_ref_seq_dif.pdbx_seq_db_name 
_struct_ref_seq_dif.pdbx_seq_db_accession_code 
_struct_ref_seq_dif.db_mon_id 
_struct_ref_seq_dif.pdbx_seq_db_seq_num 
_struct_ref_seq_dif.details 
_struct_ref_seq_dif.pdbx_auth_seq_num 
_struct_ref_seq_dif.pdbx_ordinal 
1 9ONI MET A 1  ? UNP A0AAF5PZP7 ? ? 'expression tag' -9 1  
1 9ONI ALA A 2  ? UNP A0AAF5PZP7 ? ? 'expression tag' -8 2  
1 9ONI HIS A 3  ? UNP A0AAF5PZP7 ? ? 'expression tag' -7 3  
1 9ONI HIS A 4  ? UNP A0AAF5PZP7 ? ? 'expression tag' -6 4  
1 9ONI HIS A 5  ? UNP A0AAF5PZP7 ? ? 'expression tag' -5 5  
1 9ONI HIS A 6  ? UNP A0AAF5PZP7 ? ? 'expression tag' -4 6  
1 9ONI HIS A 7  ? UNP A0AAF5PZP7 ? ? 'expression tag' -3 7  
1 9ONI HIS A 8  ? UNP A0AAF5PZP7 ? ? 'expression tag' -2 8  
1 9ONI ALA A 9  ? UNP A0AAF5PZP7 ? ? 'expression tag' -1 9  
1 9ONI MET A 10 ? UNP A0AAF5PZP7 ? ? 'expression tag' 0  10 
1 9ONI ALA A 11 ? UNP A0AAF5PZP7 ? ? 'expression tag' 1  11 
# 
_pdbx_struct_assembly.id                   1 
_pdbx_struct_assembly.details              author_and_software_defined_assembly 
_pdbx_struct_assembly.method_details       PISA 
_pdbx_struct_assembly.oligomeric_details   monomeric 
_pdbx_struct_assembly.oligomeric_count     1 
# 
loop_
_pdbx_struct_assembly_prop.biol_id 
_pdbx_struct_assembly_prop.type 
_pdbx_struct_assembly_prop.value 
_pdbx_struct_assembly_prop.details 
1 'ABSA (A^2)' 2360 ? 
1 MORE         -8   ? 
1 'SSA (A^2)'  8710 ? 
# 
_pdbx_struct_assembly_gen.assembly_id       1 
_pdbx_struct_assembly_gen.oper_expression   1 
_pdbx_struct_assembly_gen.asym_id_list      A,B,C,D 
# 
_pdbx_struct_assembly_auth_evidence.id                     1 
_pdbx_struct_assembly_auth_evidence.assembly_id            1 
_pdbx_struct_assembly_auth_evidence.experimental_support   homology 
_pdbx_struct_assembly_auth_evidence.details                ? 
# 
_pdbx_struct_oper_list.id                   1 
_pdbx_struct_oper_list.type                 'identity operation' 
_pdbx_struct_oper_list.name                 1_555 
_pdbx_struct_oper_list.symmetry_operation   x,y,z 
_pdbx_struct_oper_list.matrix[1][1]         1.0000000000 
_pdbx_struct_oper_list.matrix[1][2]         0.0000000000 
_pdbx_struct_oper_list.matrix[1][3]         0.0000000000 
_pdbx_struct_oper_list.vector[1]            0.0000000000 
_pdbx_struct_oper_list.matrix[2][1]         0.0000000000 
_pdbx_struct_oper_list.matrix[2][2]         1.0000000000 
_pdbx_struct_oper_list.matrix[2][3]         0.0000000000 
_pdbx_struct_oper_list.vector[2]            0.0000000000 
_pdbx_struct_oper_list.matrix[3][1]         0.0000000000 
_pdbx_struct_oper_list.matrix[3][2]         0.0000000000 
_pdbx_struct_oper_list.matrix[3][3]         1.0000000000 
_pdbx_struct_oper_list.vector[3]            0.0000000000 
# 
loop_
_struct_conf.conf_type_id 
_struct_conf.id 
_struct_conf.pdbx_PDB_helix_id 
_struct_conf.beg_label_comp_id 
_struct_conf.beg_label_asym_id 
_struct_conf.beg_label_seq_id 
_struct_conf.pdbx_beg_PDB_ins_code 
_struct_conf.end_label_comp_id 
_struct_conf.end_label_asym_id 
_struct_conf.end_label_seq_id 
_struct_conf.pdbx_end_PDB_ins_code 
_struct_conf.beg_auth_comp_id 
_struct_conf.beg_auth_asym_id 
_struct_conf.beg_auth_seq_id 
_struct_conf.end_auth_comp_id 
_struct_conf.end_auth_asym_id 
_struct_conf.end_auth_seq_id 
_struct_conf.pdbx_PDB_helix_class 
_struct_conf.details 
_struct_conf.pdbx_PDB_helix_length 
HELX_P HELX_P1 AA1 LEU A 39  ? LEU A 52  ? LEU A 29  LEU A 42  1 ? 14 
HELX_P HELX_P2 AA2 ARG A 66  ? ILE A 72  ? ARG A 56  ILE A 62  1 ? 7  
HELX_P HELX_P3 AA3 SER A 104 ? MET A 115 ? SER A 94  MET A 105 1 ? 12 
HELX_P HELX_P4 AA4 GLY A 126 ? ASN A 135 ? GLY A 116 ASN A 125 1 ? 10 
HELX_P HELX_P5 AA5 ASP A 161 ? GLY A 163 ? ASP A 151 GLY A 153 5 ? 3  
# 
_struct_conf_type.id          HELX_P 
_struct_conf_type.criteria    ? 
_struct_conf_type.reference   ? 
# 
_struct_mon_prot_cis.pdbx_id                1 
_struct_mon_prot_cis.label_comp_id          ARG 
_struct_mon_prot_cis.label_seq_id           77 
_struct_mon_prot_cis.label_asym_id          A 
_struct_mon_prot_cis.label_alt_id           . 
_struct_mon_prot_cis.pdbx_PDB_ins_code      ? 
_struct_mon_prot_cis.auth_comp_id           ARG 
_struct_mon_prot_cis.auth_seq_id            67 
_struct_mon_prot_cis.auth_asym_id           A 
_struct_mon_prot_cis.pdbx_label_comp_id_2   PRO 
_struct_mon_prot_cis.pdbx_label_seq_id_2    78 
_struct_mon_prot_cis.pdbx_label_asym_id_2   A 
_struct_mon_prot_cis.pdbx_PDB_ins_code_2    ? 
_struct_mon_prot_cis.pdbx_auth_comp_id_2    PRO 
_struct_mon_prot_cis.pdbx_auth_seq_id_2     68 
_struct_mon_prot_cis.pdbx_auth_asym_id_2    A 
_struct_mon_prot_cis.pdbx_PDB_model_num     1 
_struct_mon_prot_cis.pdbx_omega_angle       2.80 
# 
loop_
_struct_sheet.id 
_struct_sheet.type 
_struct_sheet.number_strands 
_struct_sheet.details 
AA1 ? 8 ? 
AA2 ? 8 ? 
AA3 ? 2 ? 
# 
loop_
_struct_sheet_order.sheet_id 
_struct_sheet_order.range_id_1 
_struct_sheet_order.range_id_2 
_struct_sheet_order.offset 
_struct_sheet_order.sense 
AA1 1 2 ? parallel      
AA1 2 3 ? parallel      
AA1 3 4 ? parallel      
AA1 4 5 ? parallel      
AA1 5 6 ? parallel      
AA1 6 7 ? anti-parallel 
AA1 7 8 ? anti-parallel 
AA2 1 2 ? parallel      
AA2 2 3 ? parallel      
AA2 3 4 ? parallel      
AA2 4 5 ? parallel      
AA2 5 6 ? parallel      
AA2 6 7 ? anti-parallel 
AA2 7 8 ? anti-parallel 
AA3 1 2 ? anti-parallel 
# 
loop_
_struct_sheet_range.sheet_id 
_struct_sheet_range.id 
_struct_sheet_range.beg_label_comp_id 
_struct_sheet_range.beg_label_asym_id 
_struct_sheet_range.beg_label_seq_id 
_struct_sheet_range.pdbx_beg_PDB_ins_code 
_struct_sheet_range.end_label_comp_id 
_struct_sheet_range.end_label_asym_id 
_struct_sheet_range.end_label_seq_id 
_struct_sheet_range.pdbx_end_PDB_ins_code 
_struct_sheet_range.beg_auth_comp_id 
_struct_sheet_range.beg_auth_asym_id 
_struct_sheet_range.beg_auth_seq_id 
_struct_sheet_range.end_auth_comp_id 
_struct_sheet_range.end_auth_asym_id 
_struct_sheet_range.end_auth_seq_id 
AA1 1 VAL A 99  ? ALA A 102 ? VAL A 89  ALA A 92  
AA1 2 ARG A 82  ? LEU A 87  ? ARG A 72  LEU A 77  
AA1 3 LYS A 59  ? GLY A 65  ? LYS A 49  GLY A 55  
AA1 4 ILE A 118 ? ASN A 123 ? ILE A 108 ASN A 113 
AA1 5 HIS A 16  ? VAL A 23  ? HIS A 6   VAL A 13  
AA1 6 LEU A 139 ? VAL A 147 ? LEU A 129 VAL A 137 
AA1 7 ILE A 180 ? ILE A 189 ? ILE A 170 ILE A 179 
AA1 8 PHE A 165 ? LYS A 167 ? PHE A 155 LYS A 157 
AA2 1 VAL A 99  ? ALA A 102 ? VAL A 89  ALA A 92  
AA2 2 ARG A 82  ? LEU A 87  ? ARG A 72  LEU A 77  
AA2 3 LYS A 59  ? GLY A 65  ? LYS A 49  GLY A 55  
AA2 4 ILE A 118 ? ASN A 123 ? ILE A 108 ASN A 113 
AA2 5 HIS A 16  ? VAL A 23  ? HIS A 6   VAL A 13  
AA2 6 LEU A 139 ? VAL A 147 ? LEU A 129 VAL A 137 
AA2 7 ILE A 180 ? ILE A 189 ? ILE A 170 ILE A 179 
AA2 8 MET A 174 ? GLU A 177 ? MET A 164 GLU A 167 
AA3 1 GLY A 28  ? GLY A 30  ? GLY A 18  GLY A 20  
AA3 2 VAL A 155 ? PHE A 156 ? VAL A 145 PHE A 146 
# 
loop_
_pdbx_struct_sheet_hbond.sheet_id 
_pdbx_struct_sheet_hbond.range_id_1 
_pdbx_struct_sheet_hbond.range_id_2 
_pdbx_struct_sheet_hbond.range_1_label_atom_id 
_pdbx_struct_sheet_hbond.range_1_label_comp_id 
_pdbx_struct_sheet_hbond.range_1_label_asym_id 
_pdbx_struct_sheet_hbond.range_1_label_seq_id 
_pdbx_struct_sheet_hbond.range_1_PDB_ins_code 
_pdbx_struct_sheet_hbond.range_1_auth_atom_id 
_pdbx_struct_sheet_hbond.range_1_auth_comp_id 
_pdbx_struct_sheet_hbond.range_1_auth_asym_id 
_pdbx_struct_sheet_hbond.range_1_auth_seq_id 
_pdbx_struct_sheet_hbond.range_2_label_atom_id 
_pdbx_struct_sheet_hbond.range_2_label_comp_id 
_pdbx_struct_sheet_hbond.range_2_label_asym_id 
_pdbx_struct_sheet_hbond.range_2_label_seq_id 
_pdbx_struct_sheet_hbond.range_2_PDB_ins_code 
_pdbx_struct_sheet_hbond.range_2_auth_atom_id 
_pdbx_struct_sheet_hbond.range_2_auth_comp_id 
_pdbx_struct_sheet_hbond.range_2_auth_asym_id 
_pdbx_struct_sheet_hbond.range_2_auth_seq_id 
AA1 1 2 O VAL A 100 ? O VAL A 90  N VAL A 86  ? N VAL A 76  
AA1 2 3 O LEU A 87  ? O LEU A 77  N MET A 64  ? N MET A 54  
AA1 3 4 N ALA A 61  ? N ALA A 51  O TRP A 122 ? O TRP A 112 
AA1 4 5 O ILE A 121 ? O ILE A 111 N HIS A 16  ? N HIS A 6   
AA1 5 6 N VAL A 23  ? N VAL A 13  O VAL A 147 ? O VAL A 137 
AA1 6 7 N HIS A 140 ? N HIS A 130 O ILE A 189 ? O ILE A 179 
AA1 7 8 O THR A 188 ? O THR A 178 N ILE A 166 ? N ILE A 156 
AA2 1 2 O VAL A 100 ? O VAL A 90  N VAL A 86  ? N VAL A 76  
AA2 2 3 O LEU A 87  ? O LEU A 77  N MET A 64  ? N MET A 54  
AA2 3 4 N ALA A 61  ? N ALA A 51  O TRP A 122 ? O TRP A 112 
AA2 4 5 O ILE A 121 ? O ILE A 111 N HIS A 16  ? N HIS A 6   
AA2 5 6 N VAL A 23  ? N VAL A 13  O VAL A 147 ? O VAL A 137 
AA2 6 7 N HIS A 140 ? N HIS A 130 O ILE A 189 ? O ILE A 179 
AA2 7 8 O TYR A 182 ? O TYR A 172 N HIS A 175 ? N HIS A 165 
AA3 1 2 N ILE A 29  ? N ILE A 19  O VAL A 155 ? O VAL A 145 
# 
_pdbx_entry_details.entry_id                   9ONI 
_pdbx_entry_details.nonpolymer_details         ? 
_pdbx_entry_details.sequence_details           ? 
_pdbx_entry_details.compound_details           ? 
_pdbx_entry_details.source_details             ? 
_pdbx_entry_details.has_ligand_of_interest     Y 
_pdbx_entry_details.has_protein_modification   N 
# 
loop_
_pdbx_validate_torsion.id 
_pdbx_validate_torsion.PDB_model_num 
_pdbx_validate_torsion.auth_comp_id 
_pdbx_validate_torsion.auth_asym_id 
_pdbx_validate_torsion.auth_seq_id 
_pdbx_validate_torsion.PDB_ins_code 
_pdbx_validate_torsion.label_alt_id 
_pdbx_validate_torsion.phi 
_pdbx_validate_torsion.psi 
1 1 ASP A 14  ? ? -101.64 -168.20 
2 1 HIS A 130 ? ? -121.50 -69.15  
# 
loop_
_pdbx_struct_special_symmetry.id 
_pdbx_struct_special_symmetry.PDB_model_num 
_pdbx_struct_special_symmetry.auth_asym_id 
_pdbx_struct_special_symmetry.auth_comp_id 
_pdbx_struct_special_symmetry.auth_seq_id 
_pdbx_struct_special_symmetry.PDB_ins_code 
_pdbx_struct_special_symmetry.label_asym_id 
_pdbx_struct_special_symmetry.label_comp_id 
_pdbx_struct_special_symmetry.label_seq_id 
1 1 A HOH 730 ? D HOH . 
2 1 A HOH 749 ? D HOH . 
3 1 A HOH 750 ? D HOH . 
# 
loop_
_pdbx_distant_solvent_atoms.id 
_pdbx_distant_solvent_atoms.PDB_model_num 
_pdbx_distant_solvent_atoms.auth_atom_id 
_pdbx_distant_solvent_atoms.label_alt_id 
_pdbx_distant_solvent_atoms.auth_asym_id 
_pdbx_distant_solvent_atoms.auth_comp_id 
_pdbx_distant_solvent_atoms.auth_seq_id 
_pdbx_distant_solvent_atoms.PDB_ins_code 
_pdbx_distant_solvent_atoms.neighbor_macromolecule_distance 
_pdbx_distant_solvent_atoms.neighbor_ligand_distance 
1  1 O ? A HOH 741 ? 6.33  . 
2  1 O ? A HOH 742 ? 6.57  . 
3  1 O ? A HOH 743 ? 7.45  . 
4  1 O ? A HOH 744 ? 9.27  . 
5  1 O ? A HOH 745 ? 10.60 . 
6  1 O ? A HOH 746 ? 10.95 . 
7  1 O ? A HOH 747 ? 11.45 . 
8  1 O ? A HOH 748 ? 11.99 . 
9  1 O ? A HOH 749 ? 12.32 . 
10 1 O ? A HOH 750 ? 13.45 . 
11 1 O ? A HOH 751 ? 17.45 . 
12 1 O ? A HOH 752 ? 25.65 . 
# 
loop_
_pdbx_unobs_or_zero_occ_residues.id 
_pdbx_unobs_or_zero_occ_residues.PDB_model_num 
_pdbx_unobs_or_zero_occ_residues.polymer_flag 
_pdbx_unobs_or_zero_occ_residues.occupancy_flag 
_pdbx_unobs_or_zero_occ_residues.auth_asym_id 
_pdbx_unobs_or_zero_occ_residues.auth_comp_id 
_pdbx_unobs_or_zero_occ_residues.auth_seq_id 
_pdbx_unobs_or_zero_occ_residues.PDB_ins_code 
_pdbx_unobs_or_zero_occ_residues.label_asym_id 
_pdbx_unobs_or_zero_occ_residues.label_comp_id 
_pdbx_unobs_or_zero_occ_residues.label_seq_id 
1  1 Y 1 A MET -9 ? A MET 1  
2  1 Y 1 A ALA -8 ? A ALA 2  
3  1 Y 1 A HIS -7 ? A HIS 3  
4  1 Y 1 A HIS -6 ? A HIS 4  
5  1 Y 1 A HIS -5 ? A HIS 5  
6  1 Y 1 A HIS -4 ? A HIS 6  
7  1 Y 1 A HIS -3 ? A HIS 7  
8  1 Y 1 A HIS -2 ? A HIS 8  
9  1 Y 1 A ALA -1 ? A ALA 9  
10 1 Y 1 A MET 0  ? A MET 10 
11 1 Y 1 A ALA 1  ? A ALA 11 
12 1 Y 1 A THR 2  ? A THR 12 
13 1 Y 1 A ARG 3  ? A ARG 13 
14 1 Y 1 A THR 4  ? A THR 14 
# 
loop_
_chem_comp_atom.comp_id 
_chem_comp_atom.atom_id 
_chem_comp_atom.type_symbol 
_chem_comp_atom.pdbx_aromatic_flag 
_chem_comp_atom.pdbx_stereo_config 
_chem_comp_atom.pdbx_ordinal 
ALA N    N N N 1   
ALA CA   C N S 2   
ALA C    C N N 3   
ALA O    O N N 4   
ALA CB   C N N 5   
ALA OXT  O N N 6   
ALA H    H N N 7   
ALA H2   H N N 8   
ALA HA   H N N 9   
ALA HB1  H N N 10  
ALA HB2  H N N 11  
ALA HB3  H N N 12  
ALA HXT  H N N 13  
ARG N    N N N 14  
ARG CA   C N S 15  
ARG C    C N N 16  
ARG O    O N N 17  
ARG CB   C N N 18  
ARG CG   C N N 19  
ARG CD   C N N 20  
ARG NE   N N N 21  
ARG CZ   C N N 22  
ARG NH1  N N N 23  
ARG NH2  N N N 24  
ARG OXT  O N N 25  
ARG H    H N N 26  
ARG H2   H N N 27  
ARG HA   H N N 28  
ARG HB2  H N N 29  
ARG HB3  H N N 30  
ARG HG2  H N N 31  
ARG HG3  H N N 32  
ARG HD2  H N N 33  
ARG HD3  H N N 34  
ARG HE   H N N 35  
ARG HH11 H N N 36  
ARG HH12 H N N 37  
ARG HH21 H N N 38  
ARG HH22 H N N 39  
ARG HXT  H N N 40  
ASN N    N N N 41  
ASN CA   C N S 42  
ASN C    C N N 43  
ASN O    O N N 44  
ASN CB   C N N 45  
ASN CG   C N N 46  
ASN OD1  O N N 47  
ASN ND2  N N N 48  
ASN OXT  O N N 49  
ASN H    H N N 50  
ASN H2   H N N 51  
ASN HA   H N N 52  
ASN HB2  H N N 53  
ASN HB3  H N N 54  
ASN HD21 H N N 55  
ASN HD22 H N N 56  
ASN HXT  H N N 57  
ASP N    N N N 58  
ASP CA   C N S 59  
ASP C    C N N 60  
ASP O    O N N 61  
ASP CB   C N N 62  
ASP CG   C N N 63  
ASP OD1  O N N 64  
ASP OD2  O N N 65  
ASP OXT  O N N 66  
ASP H    H N N 67  
ASP H2   H N N 68  
ASP HA   H N N 69  
ASP HB2  H N N 70  
ASP HB3  H N N 71  
ASP HD2  H N N 72  
ASP HXT  H N N 73  
CYS N    N N N 74  
CYS CA   C N R 75  
CYS C    C N N 76  
CYS O    O N N 77  
CYS CB   C N N 78  
CYS SG   S N N 79  
CYS OXT  O N N 80  
CYS H    H N N 81  
CYS H2   H N N 82  
CYS HA   H N N 83  
CYS HB2  H N N 84  
CYS HB3  H N N 85  
CYS HG   H N N 86  
CYS HXT  H N N 87  
GLN N    N N N 88  
GLN CA   C N S 89  
GLN C    C N N 90  
GLN O    O N N 91  
GLN CB   C N N 92  
GLN CG   C N N 93  
GLN CD   C N N 94  
GLN OE1  O N N 95  
GLN NE2  N N N 96  
GLN OXT  O N N 97  
GLN H    H N N 98  
GLN H2   H N N 99  
GLN HA   H N N 100 
GLN HB2  H N N 101 
GLN HB3  H N N 102 
GLN HG2  H N N 103 
GLN HG3  H N N 104 
GLN HE21 H N N 105 
GLN HE22 H N N 106 
GLN HXT  H N N 107 
GLU N    N N N 108 
GLU CA   C N S 109 
GLU C    C N N 110 
GLU O    O N N 111 
GLU CB   C N N 112 
GLU CG   C N N 113 
GLU CD   C N N 114 
GLU OE1  O N N 115 
GLU OE2  O N N 116 
GLU OXT  O N N 117 
GLU H    H N N 118 
GLU H2   H N N 119 
GLU HA   H N N 120 
GLU HB2  H N N 121 
GLU HB3  H N N 122 
GLU HG2  H N N 123 
GLU HG3  H N N 124 
GLU HE2  H N N 125 
GLU HXT  H N N 126 
GLY N    N N N 127 
GLY CA   C N N 128 
GLY C    C N N 129 
GLY O    O N N 130 
GLY OXT  O N N 131 
GLY H    H N N 132 
GLY H2   H N N 133 
GLY HA2  H N N 134 
GLY HA3  H N N 135 
GLY HXT  H N N 136 
HIS N    N N N 137 
HIS CA   C N S 138 
HIS C    C N N 139 
HIS O    O N N 140 
HIS CB   C N N 141 
HIS CG   C Y N 142 
HIS ND1  N Y N 143 
HIS CD2  C Y N 144 
HIS CE1  C Y N 145 
HIS NE2  N Y N 146 
HIS OXT  O N N 147 
HIS H    H N N 148 
HIS H2   H N N 149 
HIS HA   H N N 150 
HIS HB2  H N N 151 
HIS HB3  H N N 152 
HIS HD1  H N N 153 
HIS HD2  H N N 154 
HIS HE1  H N N 155 
HIS HE2  H N N 156 
HIS HXT  H N N 157 
HOH O    O N N 158 
HOH H1   H N N 159 
HOH H2   H N N 160 
ILE N    N N N 161 
ILE CA   C N S 162 
ILE C    C N N 163 
ILE O    O N N 164 
ILE CB   C N S 165 
ILE CG1  C N N 166 
ILE CG2  C N N 167 
ILE CD1  C N N 168 
ILE OXT  O N N 169 
ILE H    H N N 170 
ILE H2   H N N 171 
ILE HA   H N N 172 
ILE HB   H N N 173 
ILE HG12 H N N 174 
ILE HG13 H N N 175 
ILE HG21 H N N 176 
ILE HG22 H N N 177 
ILE HG23 H N N 178 
ILE HD11 H N N 179 
ILE HD12 H N N 180 
ILE HD13 H N N 181 
ILE HXT  H N N 182 
LEU N    N N N 183 
LEU CA   C N S 184 
LEU C    C N N 185 
LEU O    O N N 186 
LEU CB   C N N 187 
LEU CG   C N N 188 
LEU CD1  C N N 189 
LEU CD2  C N N 190 
LEU OXT  O N N 191 
LEU H    H N N 192 
LEU H2   H N N 193 
LEU HA   H N N 194 
LEU HB2  H N N 195 
LEU HB3  H N N 196 
LEU HG   H N N 197 
LEU HD11 H N N 198 
LEU HD12 H N N 199 
LEU HD13 H N N 200 
LEU HD21 H N N 201 
LEU HD22 H N N 202 
LEU HD23 H N N 203 
LEU HXT  H N N 204 
LYS N    N N N 205 
LYS CA   C N S 206 
LYS C    C N N 207 
LYS O    O N N 208 
LYS CB   C N N 209 
LYS CG   C N N 210 
LYS CD   C N N 211 
LYS CE   C N N 212 
LYS NZ   N N N 213 
LYS OXT  O N N 214 
LYS H    H N N 215 
LYS H2   H N N 216 
LYS HA   H N N 217 
LYS HB2  H N N 218 
LYS HB3  H N N 219 
LYS HG2  H N N 220 
LYS HG3  H N N 221 
LYS HD2  H N N 222 
LYS HD3  H N N 223 
LYS HE2  H N N 224 
LYS HE3  H N N 225 
LYS HZ1  H N N 226 
LYS HZ2  H N N 227 
LYS HZ3  H N N 228 
LYS HXT  H N N 229 
MET N    N N N 230 
MET CA   C N S 231 
MET C    C N N 232 
MET O    O N N 233 
MET CB   C N N 234 
MET CG   C N N 235 
MET SD   S N N 236 
MET CE   C N N 237 
MET OXT  O N N 238 
MET H    H N N 239 
MET H2   H N N 240 
MET HA   H N N 241 
MET HB2  H N N 242 
MET HB3  H N N 243 
MET HG2  H N N 244 
MET HG3  H N N 245 
MET HE1  H N N 246 
MET HE2  H N N 247 
MET HE3  H N N 248 
MET HXT  H N N 249 
MTX N1   N Y N 250 
MTX C2   C Y N 251 
MTX NA2  N N N 252 
MTX N3   N Y N 253 
MTX C4   C Y N 254 
MTX NA4  N N N 255 
MTX C4A  C Y N 256 
MTX N5   N Y N 257 
MTX C6   C Y N 258 
MTX C7   C Y N 259 
MTX N8   N Y N 260 
MTX C8A  C Y N 261 
MTX C9   C N N 262 
MTX N10  N N N 263 
MTX CM   C N N 264 
MTX C11  C Y N 265 
MTX C12  C Y N 266 
MTX C13  C Y N 267 
MTX C14  C Y N 268 
MTX C15  C Y N 269 
MTX C16  C Y N 270 
MTX C    C N N 271 
MTX O    O N N 272 
MTX N    N N N 273 
MTX CA   C N S 274 
MTX CT   C N N 275 
MTX O1   O N N 276 
MTX O2   O N N 277 
MTX CB   C N N 278 
MTX CG   C N N 279 
MTX CD   C N N 280 
MTX OE1  O N N 281 
MTX OE2  O N N 282 
MTX HN21 H N N 283 
MTX HN22 H N N 284 
MTX HN41 H N N 285 
MTX HN42 H N N 286 
MTX H7   H N N 287 
MTX H91  H N N 288 
MTX H92  H N N 289 
MTX HM1  H N N 290 
MTX HM2  H N N 291 
MTX HM3  H N N 292 
MTX H12  H N N 293 
MTX H13  H N N 294 
MTX H15  H N N 295 
MTX H16  H N N 296 
MTX HN   H N N 297 
MTX HA   H N N 298 
MTX HO2  H N N 299 
MTX HB1  H N N 300 
MTX HB2  H N N 301 
MTX HG1  H N N 302 
MTX HG2  H N N 303 
MTX HOE2 H N N 304 
NAP PA   P N R 305 
NAP O1A  O N N 306 
NAP O2A  O N N 307 
NAP O5B  O N N 308 
NAP C5B  C N N 309 
NAP C4B  C N R 310 
NAP O4B  O N N 311 
NAP C3B  C N R 312 
NAP O3B  O N N 313 
NAP C2B  C N R 314 
NAP O2B  O N N 315 
NAP C1B  C N R 316 
NAP N9A  N Y N 317 
NAP C8A  C Y N 318 
NAP N7A  N Y N 319 
NAP C5A  C Y N 320 
NAP C6A  C Y N 321 
NAP N6A  N N N 322 
NAP N1A  N Y N 323 
NAP C2A  C Y N 324 
NAP N3A  N Y N 325 
NAP C4A  C Y N 326 
NAP O3   O N N 327 
NAP PN   P N N 328 
NAP O1N  O N N 329 
NAP O2N  O N N 330 
NAP O5D  O N N 331 
NAP C5D  C N N 332 
NAP C4D  C N R 333 
NAP O4D  O N N 334 
NAP C3D  C N S 335 
NAP O3D  O N N 336 
NAP C2D  C N R 337 
NAP O2D  O N N 338 
NAP C1D  C N R 339 
NAP N1N  N Y N 340 
NAP C2N  C Y N 341 
NAP C3N  C Y N 342 
NAP C7N  C N N 343 
NAP O7N  O N N 344 
NAP N7N  N N N 345 
NAP C4N  C Y N 346 
NAP C5N  C Y N 347 
NAP C6N  C Y N 348 
NAP P2B  P N N 349 
NAP O1X  O N N 350 
NAP O2X  O N N 351 
NAP O3X  O N N 352 
NAP HOA2 H N N 353 
NAP H51A H N N 354 
NAP H52A H N N 355 
NAP H4B  H N N 356 
NAP H3B  H N N 357 
NAP HO3A H N N 358 
NAP H2B  H N N 359 
NAP H1B  H N N 360 
NAP H8A  H N N 361 
NAP H61A H N N 362 
NAP H62A H N N 363 
NAP H2A  H N N 364 
NAP H51N H N N 365 
NAP H52N H N N 366 
NAP H4D  H N N 367 
NAP H3D  H N N 368 
NAP HO3N H N N 369 
NAP H2D  H N N 370 
NAP HO2N H N N 371 
NAP H1D  H N N 372 
NAP H2N  H N N 373 
NAP H71N H N N 374 
NAP H72N H N N 375 
NAP H4N  H N N 376 
NAP H5N  H N N 377 
NAP H6N  H N N 378 
NAP HOP2 H N N 379 
NAP HOP3 H N N 380 
PHE N    N N N 381 
PHE CA   C N S 382 
PHE C    C N N 383 
PHE O    O N N 384 
PHE CB   C N N 385 
PHE CG   C Y N 386 
PHE CD1  C Y N 387 
PHE CD2  C Y N 388 
PHE CE1  C Y N 389 
PHE CE2  C Y N 390 
PHE CZ   C Y N 391 
PHE OXT  O N N 392 
PHE H    H N N 393 
PHE H2   H N N 394 
PHE HA   H N N 395 
PHE HB2  H N N 396 
PHE HB3  H N N 397 
PHE HD1  H N N 398 
PHE HD2  H N N 399 
PHE HE1  H N N 400 
PHE HE2  H N N 401 
PHE HZ   H N N 402 
PHE HXT  H N N 403 
PRO N    N N N 404 
PRO CA   C N S 405 
PRO C    C N N 406 
PRO O    O N N 407 
PRO CB   C N N 408 
PRO CG   C N N 409 
PRO CD   C N N 410 
PRO OXT  O N N 411 
PRO H    H N N 412 
PRO HA   H N N 413 
PRO HB2  H N N 414 
PRO HB3  H N N 415 
PRO HG2  H N N 416 
PRO HG3  H N N 417 
PRO HD2  H N N 418 
PRO HD3  H N N 419 
PRO HXT  H N N 420 
SER N    N N N 421 
SER CA   C N S 422 
SER C    C N N 423 
SER O    O N N 424 
SER CB   C N N 425 
SER OG   O N N 426 
SER OXT  O N N 427 
SER H    H N N 428 
SER H2   H N N 429 
SER HA   H N N 430 
SER HB2  H N N 431 
SER HB3  H N N 432 
SER HG   H N N 433 
SER HXT  H N N 434 
THR N    N N N 435 
THR CA   C N S 436 
THR C    C N N 437 
THR O    O N N 438 
THR CB   C N R 439 
THR OG1  O N N 440 
THR CG2  C N N 441 
THR OXT  O N N 442 
THR H    H N N 443 
THR H2   H N N 444 
THR HA   H N N 445 
THR HB   H N N 446 
THR HG1  H N N 447 
THR HG21 H N N 448 
THR HG22 H N N 449 
THR HG23 H N N 450 
THR HXT  H N N 451 
TRP N    N N N 452 
TRP CA   C N S 453 
TRP C    C N N 454 
TRP O    O N N 455 
TRP CB   C N N 456 
TRP CG   C Y N 457 
TRP CD1  C Y N 458 
TRP CD2  C Y N 459 
TRP NE1  N Y N 460 
TRP CE2  C Y N 461 
TRP CE3  C Y N 462 
TRP CZ2  C Y N 463 
TRP CZ3  C Y N 464 
TRP CH2  C Y N 465 
TRP OXT  O N N 466 
TRP H    H N N 467 
TRP H2   H N N 468 
TRP HA   H N N 469 
TRP HB2  H N N 470 
TRP HB3  H N N 471 
TRP HD1  H N N 472 
TRP HE1  H N N 473 
TRP HE3  H N N 474 
TRP HZ2  H N N 475 
TRP HZ3  H N N 476 
TRP HH2  H N N 477 
TRP HXT  H N N 478 
TYR N    N N N 479 
TYR CA   C N S 480 
TYR C    C N N 481 
TYR O    O N N 482 
TYR CB   C N N 483 
TYR CG   C Y N 484 
TYR CD1  C Y N 485 
TYR CD2  C Y N 486 
TYR CE1  C Y N 487 
TYR CE2  C Y N 488 
TYR CZ   C Y N 489 
TYR OH   O N N 490 
TYR OXT  O N N 491 
TYR H    H N N 492 
TYR H2   H N N 493 
TYR HA   H N N 494 
TYR HB2  H N N 495 
TYR HB3  H N N 496 
TYR HD1  H N N 497 
TYR HD2  H N N 498 
TYR HE1  H N N 499 
TYR HE2  H N N 500 
TYR HH   H N N 501 
TYR HXT  H N N 502 
VAL N    N N N 503 
VAL CA   C N S 504 
VAL C    C N N 505 
VAL O    O N N 506 
VAL CB   C N N 507 
VAL CG1  C N N 508 
VAL CG2  C N N 509 
VAL OXT  O N N 510 
VAL H    H N N 511 
VAL H2   H N N 512 
VAL HA   H N N 513 
VAL HB   H N N 514 
VAL HG11 H N N 515 
VAL HG12 H N N 516 
VAL HG13 H N N 517 
VAL HG21 H N N 518 
VAL HG22 H N N 519 
VAL HG23 H N N 520 
VAL HXT  H N N 521 
# 
loop_
_chem_comp_bond.comp_id 
_chem_comp_bond.atom_id_1 
_chem_comp_bond.atom_id_2 
_chem_comp_bond.value_order 
_chem_comp_bond.pdbx_aromatic_flag 
_chem_comp_bond.pdbx_stereo_config 
_chem_comp_bond.pdbx_ordinal 
ALA N   CA   sing N N 1   
ALA N   H    sing N N 2   
ALA N   H2   sing N N 3   
ALA CA  C    sing N N 4   
ALA CA  CB   sing N N 5   
ALA CA  HA   sing N N 6   
ALA C   O    doub N N 7   
ALA C   OXT  sing N N 8   
ALA CB  HB1  sing N N 9   
ALA CB  HB2  sing N N 10  
ALA CB  HB3  sing N N 11  
ALA OXT HXT  sing N N 12  
ARG N   CA   sing N N 13  
ARG N   H    sing N N 14  
ARG N   H2   sing N N 15  
ARG CA  C    sing N N 16  
ARG CA  CB   sing N N 17  
ARG CA  HA   sing N N 18  
ARG C   O    doub N N 19  
ARG C   OXT  sing N N 20  
ARG CB  CG   sing N N 21  
ARG CB  HB2  sing N N 22  
ARG CB  HB3  sing N N 23  
ARG CG  CD   sing N N 24  
ARG CG  HG2  sing N N 25  
ARG CG  HG3  sing N N 26  
ARG CD  NE   sing N N 27  
ARG CD  HD2  sing N N 28  
ARG CD  HD3  sing N N 29  
ARG NE  CZ   sing N N 30  
ARG NE  HE   sing N N 31  
ARG CZ  NH1  sing N N 32  
ARG CZ  NH2  doub N N 33  
ARG NH1 HH11 sing N N 34  
ARG NH1 HH12 sing N N 35  
ARG NH2 HH21 sing N N 36  
ARG NH2 HH22 sing N N 37  
ARG OXT HXT  sing N N 38  
ASN N   CA   sing N N 39  
ASN N   H    sing N N 40  
ASN N   H2   sing N N 41  
ASN CA  C    sing N N 42  
ASN CA  CB   sing N N 43  
ASN CA  HA   sing N N 44  
ASN C   O    doub N N 45  
ASN C   OXT  sing N N 46  
ASN CB  CG   sing N N 47  
ASN CB  HB2  sing N N 48  
ASN CB  HB3  sing N N 49  
ASN CG  OD1  doub N N 50  
ASN CG  ND2  sing N N 51  
ASN ND2 HD21 sing N N 52  
ASN ND2 HD22 sing N N 53  
ASN OXT HXT  sing N N 54  
ASP N   CA   sing N N 55  
ASP N   H    sing N N 56  
ASP N   H2   sing N N 57  
ASP CA  C    sing N N 58  
ASP CA  CB   sing N N 59  
ASP CA  HA   sing N N 60  
ASP C   O    doub N N 61  
ASP C   OXT  sing N N 62  
ASP CB  CG   sing N N 63  
ASP CB  HB2  sing N N 64  
ASP CB  HB3  sing N N 65  
ASP CG  OD1  doub N N 66  
ASP CG  OD2  sing N N 67  
ASP OD2 HD2  sing N N 68  
ASP OXT HXT  sing N N 69  
CYS N   CA   sing N N 70  
CYS N   H    sing N N 71  
CYS N   H2   sing N N 72  
CYS CA  C    sing N N 73  
CYS CA  CB   sing N N 74  
CYS CA  HA   sing N N 75  
CYS C   O    doub N N 76  
CYS C   OXT  sing N N 77  
CYS CB  SG   sing N N 78  
CYS CB  HB2  sing N N 79  
CYS CB  HB3  sing N N 80  
CYS SG  HG   sing N N 81  
CYS OXT HXT  sing N N 82  
GLN N   CA   sing N N 83  
GLN N   H    sing N N 84  
GLN N   H2   sing N N 85  
GLN CA  C    sing N N 86  
GLN CA  CB   sing N N 87  
GLN CA  HA   sing N N 88  
GLN C   O    doub N N 89  
GLN C   OXT  sing N N 90  
GLN CB  CG   sing N N 91  
GLN CB  HB2  sing N N 92  
GLN CB  HB3  sing N N 93  
GLN CG  CD   sing N N 94  
GLN CG  HG2  sing N N 95  
GLN CG  HG3  sing N N 96  
GLN CD  OE1  doub N N 97  
GLN CD  NE2  sing N N 98  
GLN NE2 HE21 sing N N 99  
GLN NE2 HE22 sing N N 100 
GLN OXT HXT  sing N N 101 
GLU N   CA   sing N N 102 
GLU N   H    sing N N 103 
GLU N   H2   sing N N 104 
GLU CA  C    sing N N 105 
GLU CA  CB   sing N N 106 
GLU CA  HA   sing N N 107 
GLU C   O    doub N N 108 
GLU C   OXT  sing N N 109 
GLU CB  CG   sing N N 110 
GLU CB  HB2  sing N N 111 
GLU CB  HB3  sing N N 112 
GLU CG  CD   sing N N 113 
GLU CG  HG2  sing N N 114 
GLU CG  HG3  sing N N 115 
GLU CD  OE1  doub N N 116 
GLU CD  OE2  sing N N 117 
GLU OE2 HE2  sing N N 118 
GLU OXT HXT  sing N N 119 
GLY N   CA   sing N N 120 
GLY N   H    sing N N 121 
GLY N   H2   sing N N 122 
GLY CA  C    sing N N 123 
GLY CA  HA2  sing N N 124 
GLY CA  HA3  sing N N 125 
GLY C   O    doub N N 126 
GLY C   OXT  sing N N 127 
GLY OXT HXT  sing N N 128 
HIS N   CA   sing N N 129 
HIS N   H    sing N N 130 
HIS N   H2   sing N N 131 
HIS CA  C    sing N N 132 
HIS CA  CB   sing N N 133 
HIS CA  HA   sing N N 134 
HIS C   O    doub N N 135 
HIS C   OXT  sing N N 136 
HIS CB  CG   sing N N 137 
HIS CB  HB2  sing N N 138 
HIS CB  HB3  sing N N 139 
HIS CG  ND1  sing Y N 140 
HIS CG  CD2  doub Y N 141 
HIS ND1 CE1  doub Y N 142 
HIS ND1 HD1  sing N N 143 
HIS CD2 NE2  sing Y N 144 
HIS CD2 HD2  sing N N 145 
HIS CE1 NE2  sing Y N 146 
HIS CE1 HE1  sing N N 147 
HIS NE2 HE2  sing N N 148 
HIS OXT HXT  sing N N 149 
HOH O   H1   sing N N 150 
HOH O   H2   sing N N 151 
ILE N   CA   sing N N 152 
ILE N   H    sing N N 153 
ILE N   H2   sing N N 154 
ILE CA  C    sing N N 155 
ILE CA  CB   sing N N 156 
ILE CA  HA   sing N N 157 
ILE C   O    doub N N 158 
ILE C   OXT  sing N N 159 
ILE CB  CG1  sing N N 160 
ILE CB  CG2  sing N N 161 
ILE CB  HB   sing N N 162 
ILE CG1 CD1  sing N N 163 
ILE CG1 HG12 sing N N 164 
ILE CG1 HG13 sing N N 165 
ILE CG2 HG21 sing N N 166 
ILE CG2 HG22 sing N N 167 
ILE CG2 HG23 sing N N 168 
ILE CD1 HD11 sing N N 169 
ILE CD1 HD12 sing N N 170 
ILE CD1 HD13 sing N N 171 
ILE OXT HXT  sing N N 172 
LEU N   CA   sing N N 173 
LEU N   H    sing N N 174 
LEU N   H2   sing N N 175 
LEU CA  C    sing N N 176 
LEU CA  CB   sing N N 177 
LEU CA  HA   sing N N 178 
LEU C   O    doub N N 179 
LEU C   OXT  sing N N 180 
LEU CB  CG   sing N N 181 
LEU CB  HB2  sing N N 182 
LEU CB  HB3  sing N N 183 
LEU CG  CD1  sing N N 184 
LEU CG  CD2  sing N N 185 
LEU CG  HG   sing N N 186 
LEU CD1 HD11 sing N N 187 
LEU CD1 HD12 sing N N 188 
LEU CD1 HD13 sing N N 189 
LEU CD2 HD21 sing N N 190 
LEU CD2 HD22 sing N N 191 
LEU CD2 HD23 sing N N 192 
LEU OXT HXT  sing N N 193 
LYS N   CA   sing N N 194 
LYS N   H    sing N N 195 
LYS N   H2   sing N N 196 
LYS CA  C    sing N N 197 
LYS CA  CB   sing N N 198 
LYS CA  HA   sing N N 199 
LYS C   O    doub N N 200 
LYS C   OXT  sing N N 201 
LYS CB  CG   sing N N 202 
LYS CB  HB2  sing N N 203 
LYS CB  HB3  sing N N 204 
LYS CG  CD   sing N N 205 
LYS CG  HG2  sing N N 206 
LYS CG  HG3  sing N N 207 
LYS CD  CE   sing N N 208 
LYS CD  HD2  sing N N 209 
LYS CD  HD3  sing N N 210 
LYS CE  NZ   sing N N 211 
LYS CE  HE2  sing N N 212 
LYS CE  HE3  sing N N 213 
LYS NZ  HZ1  sing N N 214 
LYS NZ  HZ2  sing N N 215 
LYS NZ  HZ3  sing N N 216 
LYS OXT HXT  sing N N 217 
MET N   CA   sing N N 218 
MET N   H    sing N N 219 
MET N   H2   sing N N 220 
MET CA  C    sing N N 221 
MET CA  CB   sing N N 222 
MET CA  HA   sing N N 223 
MET C   O    doub N N 224 
MET C   OXT  sing N N 225 
MET CB  CG   sing N N 226 
MET CB  HB2  sing N N 227 
MET CB  HB3  sing N N 228 
MET CG  SD   sing N N 229 
MET CG  HG2  sing N N 230 
MET CG  HG3  sing N N 231 
MET SD  CE   sing N N 232 
MET CE  HE1  sing N N 233 
MET CE  HE2  sing N N 234 
MET CE  HE3  sing N N 235 
MET OXT HXT  sing N N 236 
MTX N1  C2   doub Y N 237 
MTX N1  C8A  sing Y N 238 
MTX C2  NA2  sing N N 239 
MTX C2  N3   sing Y N 240 
MTX NA2 HN21 sing N N 241 
MTX NA2 HN22 sing N N 242 
MTX N3  C4   doub Y N 243 
MTX C4  NA4  sing N N 244 
MTX C4  C4A  sing Y N 245 
MTX NA4 HN41 sing N N 246 
MTX NA4 HN42 sing N N 247 
MTX C4A N5   sing Y N 248 
MTX C4A C8A  doub Y N 249 
MTX N5  C6   doub Y N 250 
MTX C6  C7   sing Y N 251 
MTX C6  C9   sing N N 252 
MTX C7  N8   doub Y N 253 
MTX C7  H7   sing N N 254 
MTX N8  C8A  sing Y N 255 
MTX C9  N10  sing N N 256 
MTX C9  H91  sing N N 257 
MTX C9  H92  sing N N 258 
MTX N10 CM   sing N N 259 
MTX N10 C14  sing N N 260 
MTX CM  HM1  sing N N 261 
MTX CM  HM2  sing N N 262 
MTX CM  HM3  sing N N 263 
MTX C11 C12  doub Y N 264 
MTX C11 C16  sing Y N 265 
MTX C11 C    sing N N 266 
MTX C12 C13  sing Y N 267 
MTX C12 H12  sing N N 268 
MTX C13 C14  doub Y N 269 
MTX C13 H13  sing N N 270 
MTX C14 C15  sing Y N 271 
MTX C15 C16  doub Y N 272 
MTX C15 H15  sing N N 273 
MTX C16 H16  sing N N 274 
MTX C   O    doub N N 275 
MTX C   N    sing N N 276 
MTX N   CA   sing N N 277 
MTX N   HN   sing N N 278 
MTX CA  CT   sing N N 279 
MTX CA  CB   sing N N 280 
MTX CA  HA   sing N N 281 
MTX CT  O1   doub N N 282 
MTX CT  O2   sing N N 283 
MTX O2  HO2  sing N N 284 
MTX CB  CG   sing N N 285 
MTX CB  HB1  sing N N 286 
MTX CB  HB2  sing N N 287 
MTX CG  CD   sing N N 288 
MTX CG  HG1  sing N N 289 
MTX CG  HG2  sing N N 290 
MTX CD  OE1  doub N N 291 
MTX CD  OE2  sing N N 292 
MTX OE2 HOE2 sing N N 293 
NAP PA  O1A  doub N N 294 
NAP PA  O2A  sing N N 295 
NAP PA  O5B  sing N N 296 
NAP PA  O3   sing N N 297 
NAP O2A HOA2 sing N N 298 
NAP O5B C5B  sing N N 299 
NAP C5B C4B  sing N N 300 
NAP C5B H51A sing N N 301 
NAP C5B H52A sing N N 302 
NAP C4B O4B  sing N N 303 
NAP C4B C3B  sing N N 304 
NAP C4B H4B  sing N N 305 
NAP O4B C1B  sing N N 306 
NAP C3B O3B  sing N N 307 
NAP C3B C2B  sing N N 308 
NAP C3B H3B  sing N N 309 
NAP O3B HO3A sing N N 310 
NAP C2B O2B  sing N N 311 
NAP C2B C1B  sing N N 312 
NAP C2B H2B  sing N N 313 
NAP O2B P2B  sing N N 314 
NAP C1B N9A  sing N N 315 
NAP C1B H1B  sing N N 316 
NAP N9A C8A  sing Y N 317 
NAP N9A C4A  sing Y N 318 
NAP C8A N7A  doub Y N 319 
NAP C8A H8A  sing N N 320 
NAP N7A C5A  sing Y N 321 
NAP C5A C6A  sing Y N 322 
NAP C5A C4A  doub Y N 323 
NAP C6A N6A  sing N N 324 
NAP C6A N1A  doub Y N 325 
NAP N6A H61A sing N N 326 
NAP N6A H62A sing N N 327 
NAP N1A C2A  sing Y N 328 
NAP C2A N3A  doub Y N 329 
NAP C2A H2A  sing N N 330 
NAP N3A C4A  sing Y N 331 
NAP O3  PN   sing N N 332 
NAP PN  O1N  doub N N 333 
NAP PN  O2N  sing N N 334 
NAP PN  O5D  sing N N 335 
NAP O5D C5D  sing N N 336 
NAP C5D C4D  sing N N 337 
NAP C5D H51N sing N N 338 
NAP C5D H52N sing N N 339 
NAP C4D O4D  sing N N 340 
NAP C4D C3D  sing N N 341 
NAP C4D H4D  sing N N 342 
NAP O4D C1D  sing N N 343 
NAP C3D O3D  sing N N 344 
NAP C3D C2D  sing N N 345 
NAP C3D H3D  sing N N 346 
NAP O3D HO3N sing N N 347 
NAP C2D O2D  sing N N 348 
NAP C2D C1D  sing N N 349 
NAP C2D H2D  sing N N 350 
NAP O2D HO2N sing N N 351 
NAP C1D N1N  sing N N 352 
NAP C1D H1D  sing N N 353 
NAP N1N C2N  sing Y N 354 
NAP N1N C6N  doub Y N 355 
NAP C2N C3N  doub Y N 356 
NAP C2N H2N  sing N N 357 
NAP C3N C7N  sing N N 358 
NAP C3N C4N  sing Y N 359 
NAP C7N O7N  doub N N 360 
NAP C7N N7N  sing N N 361 
NAP N7N H71N sing N N 362 
NAP N7N H72N sing N N 363 
NAP C4N C5N  doub Y N 364 
NAP C4N H4N  sing N N 365 
NAP C5N C6N  sing Y N 366 
NAP C5N H5N  sing N N 367 
NAP C6N H6N  sing N N 368 
NAP P2B O1X  doub N N 369 
NAP P2B O2X  sing N N 370 
NAP P2B O3X  sing N N 371 
NAP O2X HOP2 sing N N 372 
NAP O3X HOP3 sing N N 373 
PHE N   CA   sing N N 374 
PHE N   H    sing N N 375 
PHE N   H2   sing N N 376 
PHE CA  C    sing N N 377 
PHE CA  CB   sing N N 378 
PHE CA  HA   sing N N 379 
PHE C   O    doub N N 380 
PHE C   OXT  sing N N 381 
PHE CB  CG   sing N N 382 
PHE CB  HB2  sing N N 383 
PHE CB  HB3  sing N N 384 
PHE CG  CD1  doub Y N 385 
PHE CG  CD2  sing Y N 386 
PHE CD1 CE1  sing Y N 387 
PHE CD1 HD1  sing N N 388 
PHE CD2 CE2  doub Y N 389 
PHE CD2 HD2  sing N N 390 
PHE CE1 CZ   doub Y N 391 
PHE CE1 HE1  sing N N 392 
PHE CE2 CZ   sing Y N 393 
PHE CE2 HE2  sing N N 394 
PHE CZ  HZ   sing N N 395 
PHE OXT HXT  sing N N 396 
PRO N   CA   sing N N 397 
PRO N   CD   sing N N 398 
PRO N   H    sing N N 399 
PRO CA  C    sing N N 400 
PRO CA  CB   sing N N 401 
PRO CA  HA   sing N N 402 
PRO C   O    doub N N 403 
PRO C   OXT  sing N N 404 
PRO CB  CG   sing N N 405 
PRO CB  HB2  sing N N 406 
PRO CB  HB3  sing N N 407 
PRO CG  CD   sing N N 408 
PRO CG  HG2  sing N N 409 
PRO CG  HG3  sing N N 410 
PRO CD  HD2  sing N N 411 
PRO CD  HD3  sing N N 412 
PRO OXT HXT  sing N N 413 
SER N   CA   sing N N 414 
SER N   H    sing N N 415 
SER N   H2   sing N N 416 
SER CA  C    sing N N 417 
SER CA  CB   sing N N 418 
SER CA  HA   sing N N 419 
SER C   O    doub N N 420 
SER C   OXT  sing N N 421 
SER CB  OG   sing N N 422 
SER CB  HB2  sing N N 423 
SER CB  HB3  sing N N 424 
SER OG  HG   sing N N 425 
SER OXT HXT  sing N N 426 
THR N   CA   sing N N 427 
THR N   H    sing N N 428 
THR N   H2   sing N N 429 
THR CA  C    sing N N 430 
THR CA  CB   sing N N 431 
THR CA  HA   sing N N 432 
THR C   O    doub N N 433 
THR C   OXT  sing N N 434 
THR CB  OG1  sing N N 435 
THR CB  CG2  sing N N 436 
THR CB  HB   sing N N 437 
THR OG1 HG1  sing N N 438 
THR CG2 HG21 sing N N 439 
THR CG2 HG22 sing N N 440 
THR CG2 HG23 sing N N 441 
THR OXT HXT  sing N N 442 
TRP N   CA   sing N N 443 
TRP N   H    sing N N 444 
TRP N   H2   sing N N 445 
TRP CA  C    sing N N 446 
TRP CA  CB   sing N N 447 
TRP CA  HA   sing N N 448 
TRP C   O    doub N N 449 
TRP C   OXT  sing N N 450 
TRP CB  CG   sing N N 451 
TRP CB  HB2  sing N N 452 
TRP CB  HB3  sing N N 453 
TRP CG  CD1  doub Y N 454 
TRP CG  CD2  sing Y N 455 
TRP CD1 NE1  sing Y N 456 
TRP CD1 HD1  sing N N 457 
TRP CD2 CE2  doub Y N 458 
TRP CD2 CE3  sing Y N 459 
TRP NE1 CE2  sing Y N 460 
TRP NE1 HE1  sing N N 461 
TRP CE2 CZ2  sing Y N 462 
TRP CE3 CZ3  doub Y N 463 
TRP CE3 HE3  sing N N 464 
TRP CZ2 CH2  doub Y N 465 
TRP CZ2 HZ2  sing N N 466 
TRP CZ3 CH2  sing Y N 467 
TRP CZ3 HZ3  sing N N 468 
TRP CH2 HH2  sing N N 469 
TRP OXT HXT  sing N N 470 
TYR N   CA   sing N N 471 
TYR N   H    sing N N 472 
TYR N   H2   sing N N 473 
TYR CA  C    sing N N 474 
TYR CA  CB   sing N N 475 
TYR CA  HA   sing N N 476 
TYR C   O    doub N N 477 
TYR C   OXT  sing N N 478 
TYR CB  CG   sing N N 479 
TYR CB  HB2  sing N N 480 
TYR CB  HB3  sing N N 481 
TYR CG  CD1  doub Y N 482 
TYR CG  CD2  sing Y N 483 
TYR CD1 CE1  sing Y N 484 
TYR CD1 HD1  sing N N 485 
TYR CD2 CE2  doub Y N 486 
TYR CD2 HD2  sing N N 487 
TYR CE1 CZ   doub Y N 488 
TYR CE1 HE1  sing N N 489 
TYR CE2 CZ   sing Y N 490 
TYR CE2 HE2  sing N N 491 
TYR CZ  OH   sing N N 492 
TYR OH  HH   sing N N 493 
TYR OXT HXT  sing N N 494 
VAL N   CA   sing N N 495 
VAL N   H    sing N N 496 
VAL N   H2   sing N N 497 
VAL CA  C    sing N N 498 
VAL CA  CB   sing N N 499 
VAL CA  HA   sing N N 500 
VAL C   O    doub N N 501 
VAL C   OXT  sing N N 502 
VAL CB  CG1  sing N N 503 
VAL CB  CG2  sing N N 504 
VAL CB  HB   sing N N 505 
VAL CG1 HG11 sing N N 506 
VAL CG1 HG12 sing N N 507 
VAL CG1 HG13 sing N N 508 
VAL CG2 HG21 sing N N 509 
VAL CG2 HG22 sing N N 510 
VAL CG2 HG23 sing N N 511 
VAL OXT HXT  sing N N 512 
# 
_pdbx_audit_support.funding_organization   'Not funded' 
_pdbx_audit_support.country                'United States' 
_pdbx_audit_support.grant_number           ? 
_pdbx_audit_support.ordinal                1 
# 
_pdbx_initial_refinement_model.id               1 
_pdbx_initial_refinement_model.entity_id_list   ? 
_pdbx_initial_refinement_model.type             'experimental model' 
_pdbx_initial_refinement_model.source_name      PDB 
_pdbx_initial_refinement_model.accession_code   8E4F 
_pdbx_initial_refinement_model.details          ? 
# 
_atom_sites.entry_id                    9ONI 
_atom_sites.Cartn_transf_matrix[1][1]   ? 
_atom_sites.Cartn_transf_matrix[1][2]   ? 
_atom_sites.Cartn_transf_matrix[1][3]   ? 
_atom_sites.Cartn_transf_matrix[2][1]   ? 
_atom_sites.Cartn_transf_matrix[2][2]   ? 
_atom_sites.Cartn_transf_matrix[2][3]   ? 
_atom_sites.Cartn_transf_matrix[3][1]   ? 
_atom_sites.Cartn_transf_matrix[3][2]   ? 
_atom_sites.Cartn_transf_matrix[3][3]   ? 
_atom_sites.Cartn_transf_vector[1]      ? 
_atom_sites.Cartn_transf_vector[2]      ? 
_atom_sites.Cartn_transf_vector[3]      ? 
_atom_sites.Cartn_transform_axes        ? 
_atom_sites.fract_transf_matrix[1][1]   -0.00680763 
_atom_sites.fract_transf_matrix[1][2]   -0.00242390 
_atom_sites.fract_transf_matrix[1][3]   0.00474350 
_atom_sites.fract_transf_matrix[2][1]   0.00120391 
_atom_sites.fract_transf_matrix[2][2]   -0.00356432 
_atom_sites.fract_transf_matrix[2][3]   0.00778235 
_atom_sites.fract_transf_matrix[3][1]   -0.00039676 
_atom_sites.fract_transf_matrix[3][2]   0.01190327 
_atom_sites.fract_transf_matrix[3][3]   0.00551309 
_atom_sites.fract_transf_vector[1]      -0.327277 
_atom_sites.fract_transf_vector[2]      -0.466243 
_atom_sites.fract_transf_vector[3]      0.097584 
_atom_sites.solution_primary            ? 
_atom_sites.solution_secondary          ? 
_atom_sites.solution_hydrogens          ? 
_atom_sites.special_details             ? 
# 
loop_
_atom_type.symbol 
C 
N 
O 
P 
S 
# 
loop_
_atom_site.group_PDB 
_atom_site.id 
_atom_site.type_symbol 
_atom_site.label_atom_id 
_atom_site.label_alt_id 
_atom_site.label_comp_id 
_atom_site.label_asym_id 
_atom_site.label_entity_id 
_atom_site.label_seq_id 
_atom_site.pdbx_PDB_ins_code 
_atom_site.Cartn_x 
_atom_site.Cartn_y 
_atom_site.Cartn_z 
_atom_site.occupancy 
_atom_site.B_iso_or_equiv 
_atom_site.pdbx_formal_charge 
_atom_site.auth_seq_id 
_atom_site.auth_comp_id 
_atom_site.auth_asym_id 
_atom_site.auth_atom_id 
_atom_site.pdbx_PDB_model_num 
ATOM   1    N N   . LEU A 1 15  ? -1.226  0.191   17.306  1.00 49.11  ? 5   LEU A N   1 
ATOM   2    C CA  . LEU A 1 15  ? -1.653  -0.150  15.951  1.00 60.20  ? 5   LEU A CA  1 
ATOM   3    C C   . LEU A 1 15  ? -1.069  0.808   14.917  1.00 42.86  ? 5   LEU A C   1 
ATOM   4    O O   . LEU A 1 15  ? -1.348  2.002   14.938  1.00 66.99  ? 5   LEU A O   1 
ATOM   5    C CB  . LEU A 1 15  ? -3.178  -0.149  15.860  1.00 43.15  ? 5   LEU A CB  1 
ATOM   6    C CG  . LEU A 1 15  ? -3.778  -0.704  14.570  1.00 42.26  ? 5   LEU A CG  1 
ATOM   7    C CD1 . LEU A 1 15  ? -3.055  -1.961  14.141  1.00 42.09  ? 5   LEU A CD1 1 
ATOM   8    C CD2 . LEU A 1 15  ? -5.251  -0.994  14.774  1.00 63.71  ? 5   LEU A CD2 1 
ATOM   9    N N   . HIS A 1 16  ? -0.255  0.279   14.014  1.00 49.75  ? 6   HIS A N   1 
ATOM   10   C CA  . HIS A 1 16  ? 0.419   1.084   13.007  1.00 52.26  ? 6   HIS A CA  1 
ATOM   11   C C   . HIS A 1 16  ? -0.337  1.041   11.689  1.00 52.27  ? 6   HIS A C   1 
ATOM   12   O O   . HIS A 1 16  ? -0.939  0.024   11.336  1.00 51.26  ? 6   HIS A O   1 
ATOM   13   C CB  . HIS A 1 16  ? 1.846   0.584   12.770  1.00 79.61  ? 6   HIS A CB  1 
ATOM   14   C CG  . HIS A 1 16  ? 2.816   0.971   13.840  1.00 87.49  ? 6   HIS A CG  1 
ATOM   15   N ND1 . HIS A 1 16  ? 3.931   0.216   14.138  1.00 67.79  ? 6   HIS A ND1 1 
ATOM   16   C CD2 . HIS A 1 16  ? 2.851   2.040   14.671  1.00 81.04  ? 6   HIS A CD2 1 
ATOM   17   C CE1 . HIS A 1 16  ? 4.606   0.799   15.113  1.00 83.53  ? 6   HIS A CE1 1 
ATOM   18   N NE2 . HIS A 1 16  ? 3.972   1.908   15.453  1.00 106.04 ? 6   HIS A NE2 1 
ATOM   19   N N   . MET A 1 17  ? -0.296  2.157   10.958  1.00 64.34  ? 7   MET A N   1 
ATOM   20   C CA  . MET A 1 17  ? -0.665  2.191   9.547   1.00 25.83  ? 7   MET A CA  1 
ATOM   21   C C   . MET A 1 17  ? 0.544   2.630   8.743   1.00 34.78  ? 7   MET A C   1 
ATOM   22   O O   . MET A 1 17  ? 0.999   3.770   8.877   1.00 48.36  ? 7   MET A O   1 
ATOM   23   C CB  . MET A 1 17  ? -1.833  3.133   9.257   1.00 40.29  ? 7   MET A CB  1 
ATOM   24   C CG  . MET A 1 17  ? -2.066  3.282   7.747   1.00 35.45  ? 7   MET A CG  1 
ATOM   25   S SD  . MET A 1 17  ? -3.371  4.416   7.233   1.00 52.44  ? 7   MET A SD  1 
ATOM   26   C CE  . MET A 1 17  ? -4.839  3.505   7.698   1.00 25.04  ? 7   MET A CE  1 
ATOM   27   N N   . ASN A 1 18  ? 1.047   1.733   7.904   1.00 36.71  ? 8   ASN A N   1 
ATOM   28   C CA  . ASN A 1 18  ? 2.172   2.028   7.033   1.00 35.54  ? 8   ASN A CA  1 
ATOM   29   C C   . ASN A 1 18  ? 1.682   2.126   5.602   1.00 42.13  ? 8   ASN A C   1 
ATOM   30   O O   . ASN A 1 18  ? 0.824   1.350   5.180   1.00 51.61  ? 8   ASN A O   1 
ATOM   31   C CB  . ASN A 1 18  ? 3.252   0.951   7.123   1.00 56.88  ? 8   ASN A CB  1 
ATOM   32   C CG  . ASN A 1 18  ? 3.705   0.706   8.531   1.00 43.07  ? 8   ASN A CG  1 
ATOM   33   O OD1 . ASN A 1 18  ? 3.766   1.627   9.340   1.00 40.09  ? 8   ASN A OD1 1 
ATOM   34   N ND2 . ASN A 1 18  ? 4.020   -0.546  8.843   1.00 50.59  ? 8   ASN A ND2 1 
ATOM   35   N N   . LEU A 1 19  ? 2.236   3.069   4.859   1.00 29.18  ? 9   LEU A N   1 
ATOM   36   C CA  . LEU A 1 19  ? 1.943   3.203   3.443   1.00 29.64  ? 9   LEU A CA  1 
ATOM   37   C C   . LEU A 1 19  ? 3.024   2.489   2.650   1.00 38.06  ? 9   LEU A C   1 
ATOM   38   O O   . LEU A 1 19  ? 4.213   2.616   2.956   1.00 45.64  ? 9   LEU A O   1 
ATOM   39   C CB  . LEU A 1 19  ? 1.873   4.674   3.024   1.00 25.10  ? 9   LEU A CB  1 
ATOM   40   C CG  . LEU A 1 19  ? 0.578   5.464   3.240   1.00 41.85  ? 9   LEU A CG  1 
ATOM   41   C CD1 . LEU A 1 19  ? 0.198   5.547   4.708   1.00 40.19  ? 9   LEU A CD1 1 
ATOM   42   C CD2 . LEU A 1 19  ? 0.720   6.857   2.651   1.00 18.10  ? 9   LEU A CD2 1 
ATOM   43   N N   . ILE A 1 20  ? 2.616   1.734   1.634   1.00 36.56  ? 10  ILE A N   1 
ATOM   44   C CA  . ILE A 1 20  ? 3.577   1.112   0.734   1.00 17.92  ? 10  ILE A CA  1 
ATOM   45   C C   . ILE A 1 20  ? 3.165   1.400   -0.704  1.00 42.91  ? 10  ILE A C   1 
ATOM   46   O O   . ILE A 1 20  ? 2.018   1.152   -1.095  1.00 26.12  ? 10  ILE A O   1 
ATOM   47   C CB  . ILE A 1 20  ? 3.725   -0.400  0.996   1.00 24.49  ? 10  ILE A CB  1 
ATOM   48   C CG1 . ILE A 1 20  ? 4.733   -1.009  0.018   1.00 27.41  ? 10  ILE A CG1 1 
ATOM   49   C CG2 . ILE A 1 20  ? 2.374   -1.110  0.969   1.00 30.15  ? 10  ILE A CG2 1 
ATOM   50   C CD1 . ILE A 1 20  ? 5.378   -2.271  0.533   1.00 30.07  ? 10  ILE A CD1 1 
ATOM   51   N N   . VAL A 1 21  ? 4.103   1.936   -1.484  1.00 25.86  ? 11  VAL A N   1 
ATOM   52   C CA  . VAL A 1 21  ? 3.827   2.424   -2.826  1.00 26.54  ? 11  VAL A CA  1 
ATOM   53   C C   . VAL A 1 21  ? 5.104   2.323   -3.647  1.00 30.37  ? 11  VAL A C   1 
ATOM   54   O O   . VAL A 1 21  ? 6.213   2.340   -3.110  1.00 33.04  ? 11  VAL A O   1 
ATOM   55   C CB  . VAL A 1 21  ? 3.305   3.879   -2.783  1.00 31.74  ? 11  VAL A CB  1 
ATOM   56   C CG1 . VAL A 1 21  ? 4.381   4.806   -2.246  1.00 15.53  ? 11  VAL A CG1 1 
ATOM   57   C CG2 . VAL A 1 21  ? 2.828   4.335   -4.155  1.00 30.34  ? 11  VAL A CG2 1 
ATOM   58   N N   . ALA A 1 22  ? 4.942   2.207   -4.961  1.00 36.52  ? 12  ALA A N   1 
ATOM   59   C CA  . ALA A 1 22  ? 6.049   2.323   -5.904  1.00 19.50  ? 12  ALA A CA  1 
ATOM   60   C C   . ALA A 1 22  ? 5.736   3.490   -6.830  1.00 27.19  ? 12  ALA A C   1 
ATOM   61   O O   . ALA A 1 22  ? 4.774   3.435   -7.603  1.00 54.47  ? 12  ALA A O   1 
ATOM   62   C CB  . ALA A 1 22  ? 6.259   1.026   -6.682  1.00 18.54  ? 12  ALA A CB  1 
ATOM   63   N N   . VAL A 1 23  ? 6.541   4.542   -6.741  1.00 18.45  ? 13  VAL A N   1 
ATOM   64   C CA  . VAL A 1 23  ? 6.360   5.751   -7.524  1.00 17.98  ? 13  VAL A CA  1 
ATOM   65   C C   . VAL A 1 23  ? 7.520   5.884   -8.500  1.00 25.45  ? 13  VAL A C   1 
ATOM   66   O O   . VAL A 1 23  ? 8.610   5.341   -8.291  1.00 43.71  ? 13  VAL A O   1 
ATOM   67   C CB  . VAL A 1 23  ? 6.266   6.990   -6.617  1.00 34.87  ? 13  VAL A CB  1 
ATOM   68   C CG1 . VAL A 1 23  ? 5.306   6.724   -5.486  1.00 21.02  ? 13  VAL A CG1 1 
ATOM   69   C CG2 . VAL A 1 23  ? 7.632   7.330   -6.063  1.00 28.29  ? 13  VAL A CG2 1 
ATOM   70   N N   . ASP A 1 24  ? 7.284   6.618   -9.580  1.00 23.16  ? 14  ASP A N   1 
ATOM   71   C CA  . ASP A 1 24  ? 8.314   6.814   -10.582 1.00 12.31  ? 14  ASP A CA  1 
ATOM   72   C C   . ASP A 1 24  ? 8.936   8.197   -10.401 1.00 20.09  ? 14  ASP A C   1 
ATOM   73   O O   . ASP A 1 24  ? 8.717   8.868   -9.388  1.00 26.95  ? 14  ASP A O   1 
ATOM   74   C CB  . ASP A 1 24  ? 7.755   6.563   -11.993 1.00 23.67  ? 14  ASP A CB  1 
ATOM   75   C CG  . ASP A 1 24  ? 6.878   7.704   -12.532 1.00 37.41  ? 14  ASP A CG  1 
ATOM   76   O OD1 . ASP A 1 24  ? 6.590   8.688   -11.824 1.00 41.87  ? 14  ASP A OD1 1 
ATOM   77   O OD2 . ASP A 1 24  ? 6.473   7.596   -13.711 1.00 31.60  ? 14  ASP A OD2 1 
ATOM   78   N N   . GLY A 1 25  ? 9.727   8.631   -11.387 1.00 25.28  ? 15  GLY A N   1 
ATOM   79   C CA  . GLY A 1 25  ? 10.417  9.905   -11.277 1.00 13.85  ? 15  GLY A CA  1 
ATOM   80   C C   . GLY A 1 25  ? 9.496   11.106  -11.221 1.00 44.91  ? 15  GLY A C   1 
ATOM   81   O O   . GLY A 1 25  ? 9.917   12.180  -10.772 1.00 46.47  ? 15  GLY A O   1 
ATOM   82   N N   . CYS A 1 26  ? 8.251   10.955  -11.671 1.00 39.21  ? 16  CYS A N   1 
ATOM   83   C CA  . CYS A 1 26  ? 7.258   12.020  -11.653 1.00 34.32  ? 16  CYS A CA  1 
ATOM   84   C C   . CYS A 1 26  ? 6.280   11.900  -10.498 1.00 21.69  ? 16  CYS A C   1 
ATOM   85   O O   . CYS A 1 26  ? 5.424   12.773  -10.335 1.00 47.81  ? 16  CYS A O   1 
ATOM   86   C CB  . CYS A 1 26  ? 6.466   12.030  -12.958 1.00 21.52  ? 16  CYS A CB  1 
ATOM   87   S SG  . CYS A 1 26  ? 7.406   12.504  -14.393 1.00 46.27  ? 16  CYS A SG  1 
ATOM   88   N N   . GLY A 1 27  ? 6.375   10.844  -9.705  1.00 13.38  ? 17  GLY A N   1 
ATOM   89   C CA  . GLY A 1 27  ? 5.366   10.558  -8.718  1.00 7.44   ? 17  GLY A CA  1 
ATOM   90   C C   . GLY A 1 27  ? 4.252   9.675   -9.222  1.00 16.34  ? 17  GLY A C   1 
ATOM   91   O O   . GLY A 1 27  ? 3.244   9.514   -8.522  1.00 30.92  ? 17  GLY A O   1 
ATOM   92   N N   . GLY A 1 28  ? 4.401   9.085   -10.405 1.00 31.58  ? 18  GLY A N   1 
ATOM   93   C CA  . GLY A 1 28  ? 3.340   8.271   -10.954 1.00 23.92  ? 18  GLY A CA  1 
ATOM   94   C C   . GLY A 1 28  ? 3.193   6.942   -10.241 1.00 19.12  ? 18  GLY A C   1 
ATOM   95   O O   . GLY A 1 28  ? 4.161   6.332   -9.790  1.00 44.64  ? 18  GLY A O   1 
ATOM   96   N N   . ILE A 1 29  ? 1.943   6.503   -10.131 1.00 27.80  ? 19  ILE A N   1 
ATOM   97   C CA  . ILE A 1 29  ? 1.642   5.165   -9.630  1.00 11.48  ? 19  ILE A CA  1 
ATOM   98   C C   . ILE A 1 29  ? 0.777   4.354   -10.580 1.00 37.49  ? 19  ILE A C   1 
ATOM   99   O O   . ILE A 1 29  ? 0.790   3.109   -10.515 1.00 29.85  ? 19  ILE A O   1 
ATOM   100  C CB  . ILE A 1 29  ? 0.979   5.233   -8.236  1.00 36.04  ? 19  ILE A CB  1 
ATOM   101  C CG1 . ILE A 1 29  ? -0.378  5.933   -8.329  1.00 24.48  ? 19  ILE A CG1 1 
ATOM   102  C CG2 . ILE A 1 29  ? 1.897   5.932   -7.240  1.00 22.95  ? 19  ILE A CG2 1 
ATOM   103  C CD1 . ILE A 1 29  ? -1.201  5.827   -7.060  1.00 18.25  ? 19  ILE A CD1 1 
ATOM   104  N N   . GLY A 1 30  ? 0.026   4.968   -11.482 1.00 29.96  ? 20  GLY A N   1 
ATOM   105  C CA  . GLY A 1 30  ? -0.903  4.226   -12.309 1.00 21.13  ? 20  GLY A CA  1 
ATOM   106  C C   . GLY A 1 30  ? -0.933  4.736   -13.732 1.00 21.14  ? 20  GLY A C   1 
ATOM   107  O O   . GLY A 1 30  ? -0.704  5.916   -13.999 1.00 30.52  ? 20  GLY A O   1 
ATOM   108  N N   . ARG A 1 31  ? -1.229  3.820   -14.648 1.00 22.85  ? 21  ARG A N   1 
ATOM   109  C CA  . ARG A 1 31  ? -1.403  4.150   -16.056 1.00 23.84  ? 21  ARG A CA  1 
ATOM   110  C C   . ARG A 1 31  ? -2.533  3.307   -16.619 1.00 37.31  ? 21  ARG A C   1 
ATOM   111  O O   . ARG A 1 31  ? -2.490  2.077   -16.531 1.00 41.19  ? 21  ARG A O   1 
ATOM   112  C CB  . ARG A 1 31  ? -0.119  3.909   -16.839 1.00 21.01  ? 21  ARG A CB  1 
ATOM   113  C CG  . ARG A 1 31  ? -0.290  4.068   -18.321 1.00 33.53  ? 21  ARG A CG  1 
ATOM   114  C CD  . ARG A 1 31  ? 1.042   4.053   -19.034 1.00 19.90  ? 21  ARG A CD  1 
ATOM   115  N NE  . ARG A 1 31  ? 0.856   3.890   -20.469 1.00 52.37  ? 21  ARG A NE  1 
ATOM   116  C CZ  . ARG A 1 31  ? 0.790   4.891   -21.334 1.00 26.90  ? 21  ARG A CZ  1 
ATOM   117  N NH1 . ARG A 1 31  ? 0.923   6.150   -20.946 1.00 34.19  ? 21  ARG A NH1 1 
ATOM   118  N NH2 . ARG A 1 31  ? 0.592   4.623   -22.621 1.00 50.12  ? 21  ARG A NH2 1 
ATOM   119  N N   . ASN A 1 32  ? -3.544  3.969   -17.183 1.00 33.41  ? 22  ASN A N   1 
ATOM   120  C CA  . ASN A 1 32  ? -4.656  3.290   -17.854 1.00 72.66  ? 22  ASN A CA  1 
ATOM   121  C C   . ASN A 1 32  ? -5.340  2.280   -16.933 1.00 32.92  ? 22  ASN A C   1 
ATOM   122  O O   . ASN A 1 32  ? -5.690  1.174   -17.347 1.00 42.87  ? 22  ASN A O   1 
ATOM   123  C CB  . ASN A 1 32  ? -4.188  2.608   -19.146 1.00 46.03  ? 22  ASN A CB  1 
ATOM   124  C CG  . ASN A 1 32  ? -3.761  3.599   -20.213 1.00 51.16  ? 22  ASN A CG  1 
ATOM   125  O OD1 . ASN A 1 32  ? -4.283  4.712   -20.288 1.00 93.85  ? 22  ASN A OD1 1 
ATOM   126  N ND2 . ASN A 1 32  ? -2.812  3.194   -21.052 1.00 57.77  ? 22  ASN A ND2 1 
ATOM   127  N N   . GLY A 1 33  ? -5.540  2.663   -15.672 1.00 27.29  ? 23  GLY A N   1 
ATOM   128  C CA  . GLY A 1 33  ? -6.173  1.792   -14.701 1.00 23.12  ? 23  GLY A CA  1 
ATOM   129  C C   . GLY A 1 33  ? -5.302  0.675   -14.161 1.00 54.37  ? 23  GLY A C   1 
ATOM   130  O O   . GLY A 1 33  ? -5.738  -0.043  -13.248 1.00 26.65  ? 23  GLY A O   1 
ATOM   131  N N   . GLY A 1 34  ? -4.090  0.498   -14.683 1.00 36.63  ? 24  GLY A N   1 
ATOM   132  C CA  . GLY A 1 34  ? -3.227  -0.574  -14.230 1.00 22.65  ? 24  GLY A CA  1 
ATOM   133  C C   . GLY A 1 34  ? -1.854  -0.091  -13.825 1.00 41.42  ? 24  GLY A C   1 
ATOM   134  O O   . GLY A 1 34  ? -1.654  1.099   -13.560 1.00 39.81  ? 24  GLY A O   1 
ATOM   135  N N   . MET A 1 35  ? -0.894  -1.006  -13.786 1.00 30.34  ? 25  MET A N   1 
ATOM   136  C CA  . MET A 1 35  ? 0.443   -0.603  -13.382 1.00 30.88  ? 25  MET A CA  1 
ATOM   137  C C   . MET A 1 35  ? 1.250   -0.164  -14.597 1.00 24.11  ? 25  MET A C   1 
ATOM   138  O O   . MET A 1 35  ? 1.132   -0.765  -15.668 1.00 38.38  ? 25  MET A O   1 
ATOM   139  C CB  . MET A 1 35  ? 1.154   -1.755  -12.691 1.00 42.26  ? 25  MET A CB  1 
ATOM   140  C CG  . MET A 1 35  ? 0.394   -2.277  -11.500 1.00 24.66  ? 25  MET A CG  1 
ATOM   141  S SD  . MET A 1 35  ? 0.723   -1.194  -10.110 1.00 34.19  ? 25  MET A SD  1 
ATOM   142  C CE  . MET A 1 35  ? 2.514   -1.173  -10.180 1.00 30.93  ? 25  MET A CE  1 
ATOM   143  N N   . PRO A 1 36  ? 2.083   0.871   -14.452 1.00 27.92  ? 26  PRO A N   1 
ATOM   144  C CA  . PRO A 1 36  ? 2.935   1.288   -15.576 1.00 24.67  ? 26  PRO A CA  1 
ATOM   145  C C   . PRO A 1 36  ? 4.098   0.349   -15.828 1.00 37.11  ? 26  PRO A C   1 
ATOM   146  O O   . PRO A 1 36  ? 4.789   0.511   -16.842 1.00 40.05  ? 26  PRO A O   1 
ATOM   147  C CB  . PRO A 1 36  ? 3.431   2.680   -15.152 1.00 25.35  ? 26  PRO A CB  1 
ATOM   148  C CG  . PRO A 1 36  ? 2.627   3.054   -13.928 1.00 16.91  ? 26  PRO A CG  1 
ATOM   149  C CD  . PRO A 1 36  ? 2.228   1.761   -13.292 1.00 32.15  ? 26  PRO A CD  1 
ATOM   150  N N   . TRP A 1 37  ? 4.328   -0.621  -14.945 1.00 31.75  ? 27  TRP A N   1 
ATOM   151  C CA  . TRP A 1 37  ? 5.463   -1.527  -15.039 1.00 37.42  ? 27  TRP A CA  1 
ATOM   152  C C   . TRP A 1 37  ? 5.055   -2.867  -14.450 1.00 39.68  ? 27  TRP A C   1 
ATOM   153  O O   . TRP A 1 37  ? 4.010   -2.994  -13.809 1.00 47.79  ? 27  TRP A O   1 
ATOM   154  C CB  . TRP A 1 37  ? 6.686   -0.975  -14.295 1.00 25.91  ? 27  TRP A CB  1 
ATOM   155  C CG  . TRP A 1 37  ? 6.364   -0.630  -12.875 1.00 12.63  ? 27  TRP A CG  1 
ATOM   156  C CD1 . TRP A 1 37  ? 6.186   -1.499  -11.841 1.00 32.68  ? 27  TRP A CD1 1 
ATOM   157  C CD2 . TRP A 1 37  ? 6.148   0.678   -12.340 1.00 12.39  ? 27  TRP A CD2 1 
ATOM   158  N NE1 . TRP A 1 37  ? 5.879   -0.813  -10.689 1.00 26.08  ? 27  TRP A NE1 1 
ATOM   159  C CE2 . TRP A 1 37  ? 5.846   0.527   -10.971 1.00 25.05  ? 27  TRP A CE2 1 
ATOM   160  C CE3 . TRP A 1 37  ? 6.169   1.964   -12.887 1.00 42.09  ? 27  TRP A CE3 1 
ATOM   161  C CZ2 . TRP A 1 37  ? 5.577   1.613   -10.141 1.00 17.99  ? 27  TRP A CZ2 1 
ATOM   162  C CZ3 . TRP A 1 37  ? 5.901   3.044   -12.062 1.00 15.90  ? 27  TRP A CZ3 1 
ATOM   163  C CH2 . TRP A 1 37  ? 5.609   2.860   -10.702 1.00 21.20  ? 27  TRP A CH2 1 
ATOM   164  N N   . PHE A 1 38  ? 5.898   -3.873  -14.665 1.00 32.29  ? 28  PHE A N   1 
ATOM   165  C CA  . PHE A 1 38  ? 5.805   -5.123  -13.922 1.00 36.41  ? 28  PHE A CA  1 
ATOM   166  C C   . PHE A 1 38  ? 7.180   -5.462  -13.373 1.00 26.22  ? 28  PHE A C   1 
ATOM   167  O O   . PHE A 1 38  ? 8.150   -5.550  -14.134 1.00 31.92  ? 28  PHE A O   1 
ATOM   168  C CB  . PHE A 1 38  ? 5.268   -6.264  -14.786 1.00 43.63  ? 28  PHE A CB  1 
ATOM   169  C CG  . PHE A 1 38  ? 5.136   -7.561  -14.044 1.00 33.30  ? 28  PHE A CG  1 
ATOM   170  C CD1 . PHE A 1 38  ? 4.422   -7.623  -12.857 1.00 38.92  ? 28  PHE A CD1 1 
ATOM   171  C CD2 . PHE A 1 38  ? 5.735   -8.715  -14.523 1.00 40.87  ? 28  PHE A CD2 1 
ATOM   172  C CE1 . PHE A 1 38  ? 4.304   -8.814  -12.158 1.00 52.49  ? 28  PHE A CE1 1 
ATOM   173  C CE2 . PHE A 1 38  ? 5.617   -9.909  -13.834 1.00 41.71  ? 28  PHE A CE2 1 
ATOM   174  C CZ  . PHE A 1 38  ? 4.904   -9.959  -12.647 1.00 37.12  ? 28  PHE A CZ  1 
ATOM   175  N N   . LEU A 1 39  ? 7.261   -5.640  -12.053 1.00 32.55  ? 29  LEU A N   1 
ATOM   176  C CA  . LEU A 1 39  ? 8.515   -5.873  -11.339 1.00 23.22  ? 29  LEU A CA  1 
ATOM   177  C C   . LEU A 1 39  ? 8.315   -7.022  -10.363 1.00 33.52  ? 29  LEU A C   1 
ATOM   178  O O   . LEU A 1 39  ? 7.924   -6.804  -9.209  1.00 36.33  ? 29  LEU A O   1 
ATOM   179  C CB  . LEU A 1 39  ? 8.964   -4.619  -10.595 1.00 25.98  ? 29  LEU A CB  1 
ATOM   180  C CG  . LEU A 1 39  ? 9.192   -3.344  -11.393 1.00 32.02  ? 29  LEU A CG  1 
ATOM   181  C CD1 . LEU A 1 39  ? 9.415   -2.190  -10.436 1.00 27.01  ? 29  LEU A CD1 1 
ATOM   182  C CD2 . LEU A 1 39  ? 10.373  -3.498  -12.335 1.00 32.44  ? 29  LEU A CD2 1 
ATOM   183  N N   . PRO A 1 40  ? 8.593   -8.259  -10.785 1.00 39.40  ? 30  PRO A N   1 
ATOM   184  C CA  . PRO A 1 40  ? 8.271   -9.414  -9.926  1.00 29.84  ? 30  PRO A CA  1 
ATOM   185  C C   . PRO A 1 40  ? 9.031   -9.443  -8.612  1.00 38.33  ? 30  PRO A C   1 
ATOM   186  O O   . PRO A 1 40  ? 8.469   -9.859  -7.589  1.00 46.54  ? 30  PRO A O   1 
ATOM   187  C CB  . PRO A 1 40  ? 8.620   -10.618 -10.813 1.00 28.79  ? 30  PRO A CB  1 
ATOM   188  C CG  . PRO A 1 40  ? 9.525   -10.081 -11.870 1.00 35.81  ? 30  PRO A CG  1 
ATOM   189  C CD  . PRO A 1 40  ? 9.097   -8.667  -12.104 1.00 38.95  ? 30  PRO A CD  1 
ATOM   190  N N   . ALA A 1 41  ? 10.295  -9.021  -8.595  1.00 35.27  ? 31  ALA A N   1 
ATOM   191  C CA  . ALA A 1 41  ? 11.018  -9.011  -7.326  1.00 50.70  ? 31  ALA A CA  1 
ATOM   192  C C   . ALA A 1 41  ? 10.457  -7.949  -6.390  1.00 36.33  ? 31  ALA A C   1 
ATOM   193  O O   . ALA A 1 41  ? 10.287  -8.195  -5.187  1.00 47.12  ? 31  ALA A O   1 
ATOM   194  C CB  . ALA A 1 41  ? 12.511  -8.801  -7.573  1.00 38.47  ? 31  ALA A CB  1 
ATOM   195  N N   . GLU A 1 42  ? 10.153  -6.764  -6.933  1.00 38.64  ? 32  GLU A N   1 
ATOM   196  C CA  . GLU A 1 42  ? 9.498   -5.718  -6.153  1.00 37.97  ? 32  GLU A CA  1 
ATOM   197  C C   . GLU A 1 42  ? 8.164   -6.203  -5.596  1.00 45.27  ? 32  GLU A C   1 
ATOM   198  O O   . GLU A 1 42  ? 7.832   -5.947  -4.430  1.00 39.48  ? 32  GLU A O   1 
ATOM   199  C CB  . GLU A 1 42  ? 9.308   -4.472  -7.024  1.00 50.84  ? 32  GLU A CB  1 
ATOM   200  C CG  . GLU A 1 42  ? 9.349   -3.134  -6.283  1.00 42.88  ? 32  GLU A CG  1 
ATOM   201  C CD  . GLU A 1 42  ? 8.029   -2.775  -5.610  1.00 59.27  ? 32  GLU A CD  1 
ATOM   202  O OE1 . GLU A 1 42  ? 6.959   -2.986  -6.223  1.00 43.29  ? 32  GLU A OE1 1 
ATOM   203  O OE2 . GLU A 1 42  ? 8.061   -2.275  -4.465  1.00 47.59  ? 32  GLU A OE2 1 
ATOM   204  N N   . MET A 1 43  ? 7.396   -6.929  -6.411  1.00 37.35  ? 33  MET A N   1 
ATOM   205  C CA  . MET A 1 43  ? 6.111   -7.447  -5.954  1.00 33.70  ? 33  MET A CA  1 
ATOM   206  C C   . MET A 1 43  ? 6.291   -8.492  -4.862  1.00 43.86  ? 33  MET A C   1 
ATOM   207  O O   . MET A 1 43  ? 5.485   -8.568  -3.925  1.00 50.63  ? 33  MET A O   1 
ATOM   208  C CB  . MET A 1 43  ? 5.342   -8.025  -7.137  1.00 46.81  ? 33  MET A CB  1 
ATOM   209  C CG  . MET A 1 43  ? 5.023   -7.000  -8.211  1.00 65.41  ? 33  MET A CG  1 
ATOM   210  S SD  . MET A 1 43  ? 3.802   -5.804  -7.629  1.00 59.15  ? 33  MET A SD  1 
ATOM   211  C CE  . MET A 1 43  ? 2.611   -6.894  -6.879  1.00 31.07  ? 33  MET A CE  1 
ATOM   212  N N   . ALA A 1 44  ? 7.338   -9.309  -4.966  1.00 45.06  ? 34  ALA A N   1 
ATOM   213  C CA  . ALA A 1 44  ? 7.620   -10.283 -3.919  1.00 39.18  ? 34  ALA A CA  1 
ATOM   214  C C   . ALA A 1 44  ? 7.921   -9.587  -2.598  1.00 37.01  ? 34  ALA A C   1 
ATOM   215  O O   . ALA A 1 44  ? 7.407   -9.975  -1.539  1.00 40.48  ? 34  ALA A O   1 
ATOM   216  C CB  . ALA A 1 44  ? 8.788   -11.167 -4.342  1.00 41.15  ? 34  ALA A CB  1 
ATOM   217  N N   . ARG A 1 45  ? 8.766   -8.556  -2.646  1.00 45.09  ? 35  ARG A N   1 
ATOM   218  C CA  . ARG A 1 45  ? 9.047   -7.776  -1.443  1.00 50.14  ? 35  ARG A CA  1 
ATOM   219  C C   . ARG A 1 45  ? 7.779   -7.140  -0.894  1.00 37.81  ? 35  ARG A C   1 
ATOM   220  O O   . ARG A 1 45  ? 7.593   -7.063  0.326   1.00 36.69  ? 35  ARG A O   1 
ATOM   221  C CB  . ARG A 1 45  ? 10.093  -6.699  -1.736  1.00 27.13  ? 35  ARG A CB  1 
ATOM   222  C CG  . ARG A 1 45  ? 10.262  -5.682  -0.621  1.00 41.77  ? 35  ARG A CG  1 
ATOM   223  C CD  . ARG A 1 45  ? 11.335  -4.682  -0.992  1.00 62.05  ? 35  ARG A CD  1 
ATOM   224  N NE  . ARG A 1 45  ? 11.604  -3.710  0.059   1.00 61.47  ? 35  ARG A NE  1 
ATOM   225  C CZ  . ARG A 1 45  ? 11.089  -2.489  0.096   1.00 47.11  ? 35  ARG A CZ  1 
ATOM   226  N NH1 . ARG A 1 45  ? 10.266  -2.058  -0.843  1.00 59.02  ? 35  ARG A NH1 1 
ATOM   227  N NH2 . ARG A 1 45  ? 11.409  -1.680  1.101   1.00 46.49  ? 35  ARG A NH2 1 
ATOM   228  N N   . PHE A 1 46  ? 6.909   -6.654  -1.785  1.00 37.44  ? 36  PHE A N   1 
ATOM   229  C CA  . PHE A 1 46  ? 5.627   -6.095  -1.365  1.00 34.94  ? 36  PHE A CA  1 
ATOM   230  C C   . PHE A 1 46  ? 4.812   -7.122  -0.586  1.00 22.48  ? 36  PHE A C   1 
ATOM   231  O O   . PHE A 1 46  ? 4.290   -6.833  0.498   1.00 41.21  ? 36  PHE A O   1 
ATOM   232  C CB  . PHE A 1 46  ? 4.857   -5.606  -2.597  1.00 46.26  ? 36  PHE A CB  1 
ATOM   233  C CG  . PHE A 1 46  ? 3.397   -5.338  -2.347  1.00 31.24  ? 36  PHE A CG  1 
ATOM   234  C CD1 . PHE A 1 46  ? 2.458   -6.362  -2.428  1.00 41.99  ? 36  PHE A CD1 1 
ATOM   235  C CD2 . PHE A 1 46  ? 2.959   -4.061  -2.045  1.00 32.53  ? 36  PHE A CD2 1 
ATOM   236  C CE1 . PHE A 1 46  ? 1.124   -6.122  -2.193  1.00 24.66  ? 36  PHE A CE1 1 
ATOM   237  C CE2 . PHE A 1 46  ? 1.625   -3.813  -1.815  1.00 27.08  ? 36  PHE A CE2 1 
ATOM   238  C CZ  . PHE A 1 46  ? 0.706   -4.844  -1.890  1.00 33.40  ? 36  PHE A CZ  1 
ATOM   239  N N   . ALA A 1 47  ? 4.684   -8.327  -1.142  1.00 35.63  ? 37  ALA A N   1 
ATOM   240  C CA  . ALA A 1 47  ? 3.899   -9.372  -0.494  1.00 32.59  ? 37  ALA A CA  1 
ATOM   241  C C   . ALA A 1 47  ? 4.511   -9.776  0.840   1.00 50.09  ? 37  ALA A C   1 
ATOM   242  O O   . ALA A 1 47  ? 3.792   -10.084 1.798   1.00 52.46  ? 37  ALA A O   1 
ATOM   243  C CB  . ALA A 1 47  ? 3.788   -10.581 -1.417  1.00 45.62  ? 37  ALA A CB  1 
ATOM   244  N N   . LYS A 1 48  ? 5.840   -9.782  0.922   1.00 45.46  ? 38  LYS A N   1 
ATOM   245  C CA  . LYS A 1 48  ? 6.477   -10.108 2.192   1.00 60.88  ? 38  LYS A CA  1 
ATOM   246  C C   . LYS A 1 48  ? 6.209   -9.023  3.230   1.00 51.81  ? 38  LYS A C   1 
ATOM   247  O O   . LYS A 1 48  ? 5.721   -9.310  4.331   1.00 40.75  ? 38  LYS A O   1 
ATOM   248  C CB  . LYS A 1 48  ? 7.973   -10.317 1.979   1.00 46.30  ? 38  LYS A CB  1 
ATOM   249  C CG  . LYS A 1 48  ? 8.279   -11.572 1.188   1.00 78.62  ? 38  LYS A CG  1 
ATOM   250  C CD  . LYS A 1 48  ? 9.769   -11.731 0.959   1.00 70.67  ? 38  LYS A CD  1 
ATOM   251  C CE  . LYS A 1 48  ? 10.070  -13.078 0.323   1.00 62.55  ? 38  LYS A CE  1 
ATOM   252  N NZ  . LYS A 1 48  ? 11.419  -13.131 -0.301  1.00 41.41  ? 38  LYS A NZ  1 
ATOM   253  N N   . LEU A 1 49  ? 6.502   -7.765  2.884   1.00 43.94  ? 39  LEU A N   1 
ATOM   254  C CA  . LEU A 1 49  ? 6.289   -6.657  3.812   1.00 37.61  ? 39  LEU A CA  1 
ATOM   255  C C   . LEU A 1 49  ? 4.853   -6.613  4.302   1.00 28.84  ? 39  LEU A C   1 
ATOM   256  O O   . LEU A 1 49  ? 4.598   -6.334  5.480   1.00 50.28  ? 39  LEU A O   1 
ATOM   257  C CB  . LEU A 1 49  ? 6.654   -5.331  3.145   1.00 32.39  ? 39  LEU A CB  1 
ATOM   258  C CG  . LEU A 1 49  ? 8.140   -5.032  2.993   1.00 42.22  ? 39  LEU A CG  1 
ATOM   259  C CD1 . LEU A 1 49  ? 8.387   -3.810  2.120   1.00 35.32  ? 39  LEU A CD1 1 
ATOM   260  C CD2 . LEU A 1 49  ? 8.735   -4.832  4.370   1.00 39.03  ? 39  LEU A CD2 1 
ATOM   261  N N   . THR A 1 50  ? 3.898   -6.888  3.421   1.00 33.02  ? 40  THR A N   1 
ATOM   262  C CA  . THR A 1 50  ? 2.501   -6.767  3.805   1.00 49.77  ? 40  THR A CA  1 
ATOM   263  C C   . THR A 1 50  ? 1.954   -8.010  4.489   1.00 49.49  ? 40  THR A C   1 
ATOM   264  O O   . THR A 1 50  ? 0.954   -7.910  5.209   1.00 51.88  ? 40  THR A O   1 
ATOM   265  C CB  . THR A 1 50  ? 1.654   -6.432  2.576   1.00 41.23  ? 40  THR A CB  1 
ATOM   266  O OG1 . THR A 1 50  ? 1.955   -7.353  1.522   1.00 41.60  ? 40  THR A OG1 1 
ATOM   267  C CG2 . THR A 1 50  ? 1.969   -5.027  2.097   1.00 38.29  ? 40  THR A CG2 1 
ATOM   268  N N   . THR A 1 51  ? 2.588   -9.169  4.305   1.00 48.04  ? 41  THR A N   1 
ATOM   269  C CA  . THR A 1 51  ? 2.070   -10.407 4.877   1.00 61.05  ? 41  THR A CA  1 
ATOM   270  C C   . THR A 1 51  ? 2.645   -10.706 6.259   1.00 64.52  ? 41  THR A C   1 
ATOM   271  O O   . THR A 1 51  ? 1.902   -11.077 7.173   1.00 41.84  ? 41  THR A O   1 
ATOM   272  C CB  . THR A 1 51  ? 2.359   -11.582 3.936   1.00 50.89  ? 41  THR A CB  1 
ATOM   273  O OG1 . THR A 1 51  ? 1.981   -11.237 2.599   1.00 42.55  ? 41  THR A OG1 1 
ATOM   274  C CG2 . THR A 1 51  ? 1.579   -12.806 4.368   1.00 42.30  ? 41  THR A CG2 1 
ATOM   275  N N   . LEU A 1 52  ? 3.956   -10.550 6.425   1.00 67.91  ? 42  LEU A N   1 
ATOM   276  C CA  . LEU A 1 52  ? 4.628   -11.058 7.614   1.00 53.01  ? 42  LEU A CA  1 
ATOM   277  C C   . LEU A 1 52  ? 4.284   -10.230 8.843   1.00 49.76  ? 42  LEU A C   1 
ATOM   278  O O   . LEU A 1 52  ? 4.425   -9.002  8.845   1.00 56.33  ? 42  LEU A O   1 
ATOM   279  C CB  . LEU A 1 52  ? 6.138   -11.071 7.406   1.00 52.43  ? 42  LEU A CB  1 
ATOM   280  C CG  . LEU A 1 52  ? 6.628   -12.054 6.346   1.00 71.40  ? 42  LEU A CG  1 
ATOM   281  C CD1 . LEU A 1 52  ? 8.137   -11.969 6.204   1.00 65.33  ? 42  LEU A CD1 1 
ATOM   282  C CD2 . LEU A 1 52  ? 6.193   -13.463 6.707   1.00 62.50  ? 42  LEU A CD2 1 
ATOM   283  N N   . THR A 1 53  ? 3.848   -10.917 9.893   1.00 79.10  ? 43  THR A N   1 
ATOM   284  C CA  . THR A 1 53  ? 3.561   -10.334 11.193  1.00 64.09  ? 43  THR A CA  1 
ATOM   285  C C   . THR A 1 53  ? 4.580   -10.824 12.213  1.00 59.72  ? 43  THR A C   1 
ATOM   286  O O   . THR A 1 53  ? 5.192   -11.884 12.051  1.00 64.28  ? 43  THR A O   1 
ATOM   287  C CB  . THR A 1 53  ? 2.147   -10.696 11.664  1.00 67.74  ? 43  THR A CB  1 
ATOM   288  O OG1 . THR A 1 53  ? 2.031   -12.121 11.775  1.00 63.49  ? 43  THR A OG1 1 
ATOM   289  C CG2 . THR A 1 53  ? 1.112   -10.188 10.681  1.00 75.51  ? 43  THR A CG2 1 
ATOM   290  N N   . THR A 1 54  ? 4.749   -10.035 13.278  1.00 89.53  ? 44  THR A N   1 
ATOM   291  C CA  . THR A 1 54  ? 5.648   -10.427 14.357  1.00 93.00  ? 44  THR A CA  1 
ATOM   292  C C   . THR A 1 54  ? 5.007   -11.486 15.251  1.00 88.76  ? 44  THR A C   1 
ATOM   293  O O   . THR A 1 54  ? 5.609   -12.533 15.521  1.00 113.78 ? 44  THR A O   1 
ATOM   294  C CB  . THR A 1 54  ? 6.043   -9.199  15.180  1.00 75.04  ? 44  THR A CB  1 
ATOM   295  O OG1 . THR A 1 54  ? 6.728   -8.254  14.346  1.00 77.09  ? 44  THR A OG1 1 
ATOM   296  C CG2 . THR A 1 54  ? 6.950   -9.596  16.333  1.00 121.38 ? 44  THR A CG2 1 
ATOM   297  N N   . ASP A 1 55  ? 3.785   -11.229 15.711  1.00 56.62  ? 45  ASP A N   1 
ATOM   298  C CA  . ASP A 1 55  ? 3.048   -12.158 16.564  1.00 84.59  ? 45  ASP A CA  1 
ATOM   299  C C   . ASP A 1 55  ? 2.479   -13.275 15.697  1.00 67.61  ? 45  ASP A C   1 
ATOM   300  O O   . ASP A 1 55  ? 1.600   -13.036 14.863  1.00 100.52 ? 45  ASP A O   1 
ATOM   301  C CB  . ASP A 1 55  ? 1.948   -11.411 17.317  1.00 69.81  ? 45  ASP A CB  1 
ATOM   302  C CG  . ASP A 1 55  ? 1.191   -12.289 18.300  1.00 81.87  ? 45  ASP A CG  1 
ATOM   303  O OD1 . ASP A 1 55  ? 0.645   -13.336 17.894  1.00 79.02  ? 45  ASP A OD1 1 
ATOM   304  O OD2 . ASP A 1 55  ? 1.128   -11.923 19.495  1.00 95.24  ? 45  ASP A OD2 1 
ATOM   305  N N   . SER A 1 56  ? 2.979   -14.494 15.894  1.00 99.34  ? 46  SER A N   1 
ATOM   306  C CA  . SER A 1 56  ? 2.501   -15.636 15.127  1.00 89.68  ? 46  SER A CA  1 
ATOM   307  C C   . SER A 1 56  ? 1.000   -15.811 15.319  1.00 77.07  ? 46  SER A C   1 
ATOM   308  O O   . SER A 1 56  ? 0.478   -15.665 16.427  1.00 104.31 ? 46  SER A O   1 
ATOM   309  C CB  . SER A 1 56  ? 3.243   -16.902 15.553  1.00 111.54 ? 46  SER A CB  1 
ATOM   310  O OG  . SER A 1 56  ? 4.647   -16.689 15.576  1.00 111.94 ? 46  SER A OG  1 
ATOM   311  N N   . GLY A 1 57  ? 0.302   -16.115 14.229  1.00 74.78  ? 47  GLY A N   1 
ATOM   312  C CA  . GLY A 1 57  ? -1.137  -16.236 14.242  1.00 96.43  ? 47  GLY A CA  1 
ATOM   313  C C   . GLY A 1 57  ? -1.883  -14.941 13.985  1.00 112.32 ? 47  GLY A C   1 
ATOM   314  O O   . GLY A 1 57  ? -3.021  -14.978 13.505  1.00 94.29  ? 47  GLY A O   1 
ATOM   315  N N   . LYS A 1 58  ? -1.275  -13.798 14.299  1.00 83.32  ? 48  LYS A N   1 
ATOM   316  C CA  . LYS A 1 58  ? -1.886  -12.514 13.989  1.00 76.86  ? 48  LYS A CA  1 
ATOM   317  C C   . LYS A 1 58  ? -1.779  -12.212 12.499  1.00 100.46 ? 48  LYS A C   1 
ATOM   318  O O   . LYS A 1 58  ? -0.838  -12.635 11.819  1.00 65.48  ? 48  LYS A O   1 
ATOM   319  C CB  . LYS A 1 58  ? -1.224  -11.396 14.793  1.00 76.87  ? 48  LYS A CB  1 
ATOM   320  C CG  . LYS A 1 58  ? -2.057  -10.887 15.956  1.00 90.37  ? 48  LYS A CG  1 
ATOM   321  C CD  . LYS A 1 58  ? -1.296  -9.844  16.763  1.00 70.44  ? 48  LYS A CD  1 
ATOM   322  C CE  . LYS A 1 58  ? -2.196  -9.182  17.789  1.00 40.69  ? 48  LYS A CE  1 
ATOM   323  N NZ  . LYS A 1 58  ? -2.975  -10.189 18.560  1.00 92.68  ? 48  LYS A NZ  1 
ATOM   324  N N   . LYS A 1 59  ? -2.758  -11.466 11.993  1.00 90.95  ? 49  LYS A N   1 
ATOM   325  C CA  . LYS A 1 59  ? -2.841  -11.119 10.583  1.00 61.40  ? 49  LYS A CA  1 
ATOM   326  C C   . LYS A 1 59  ? -2.563  -9.639  10.374  1.00 48.89  ? 49  LYS A C   1 
ATOM   327  O O   . LYS A 1 59  ? -2.771  -8.811  11.264  1.00 62.39  ? 49  LYS A O   1 
ATOM   328  C CB  . LYS A 1 59  ? -4.223  -11.445 10.006  1.00 43.67  ? 49  LYS A CB  1 
ATOM   329  C CG  . LYS A 1 59  ? -4.379  -12.863 9.490   1.00 86.29  ? 49  LYS A CG  1 
ATOM   330  C CD  . LYS A 1 59  ? -5.658  -13.014 8.681   1.00 60.92  ? 49  LYS A CD  1 
ATOM   331  C CE  . LYS A 1 59  ? -5.762  -14.404 8.071   1.00 56.03  ? 49  LYS A CE  1 
ATOM   332  N NZ  . LYS A 1 59  ? -6.788  -14.450 6.998   1.00 49.47  ? 49  LYS A NZ  1 
ATOM   333  N N   . ASN A 1 60  ? -2.086  -9.319  9.183   1.00 59.70  ? 50  ASN A N   1 
ATOM   334  C CA  . ASN A 1 60  ? -2.093  -7.946  8.718   1.00 43.00  ? 50  ASN A CA  1 
ATOM   335  C C   . ASN A 1 60  ? -3.365  -7.679  7.926   1.00 57.68  ? 50  ASN A C   1 
ATOM   336  O O   . ASN A 1 60  ? -4.020  -8.593  7.416   1.00 57.48  ? 50  ASN A O   1 
ATOM   337  C CB  . ASN A 1 60  ? -0.874  -7.649  7.850   1.00 29.57  ? 50  ASN A CB  1 
ATOM   338  C CG  . ASN A 1 60  ? 0.386   -7.514  8.656   1.00 33.22  ? 50  ASN A CG  1 
ATOM   339  O OD1 . ASN A 1 60  ? 0.348   -7.145  9.833   1.00 51.74  ? 50  ASN A OD1 1 
ATOM   340  N ND2 . ASN A 1 60  ? 1.518   -7.805  8.032   1.00 63.03  ? 50  ASN A ND2 1 
ATOM   341  N N   . ALA A 1 61  ? -3.714  -6.404  7.831   1.00 63.66  ? 51  ALA A N   1 
ATOM   342  C CA  . ALA A 1 61  ? -4.799  -5.962  6.976   1.00 36.72  ? 51  ALA A CA  1 
ATOM   343  C C   . ALA A 1 61  ? -4.233  -5.045  5.905   1.00 51.17  ? 51  ALA A C   1 
ATOM   344  O O   . ALA A 1 61  ? -3.368  -4.206  6.185   1.00 36.33  ? 51  ALA A O   1 
ATOM   345  C CB  . ALA A 1 61  ? -5.887  -5.242  7.779   1.00 32.88  ? 51  ALA A CB  1 
ATOM   346  N N   . VAL A 1 62  ? -4.695  -5.244  4.674   1.00 49.90  ? 52  VAL A N   1 
ATOM   347  C CA  . VAL A 1 62  ? -4.419  -4.336  3.571   1.00 19.36  ? 52  VAL A CA  1 
ATOM   348  C C   . VAL A 1 62  ? -5.687  -3.545  3.306   1.00 44.49  ? 52  VAL A C   1 
ATOM   349  O O   . VAL A 1 62  ? -6.788  -4.111  3.285   1.00 39.58  ? 52  VAL A O   1 
ATOM   350  C CB  . VAL A 1 62  ? -3.945  -5.079  2.311   1.00 31.42  ? 52  VAL A CB  1 
ATOM   351  C CG1 . VAL A 1 62  ? -2.528  -5.583  2.508   1.00 44.88  ? 52  VAL A CG1 1 
ATOM   352  C CG2 . VAL A 1 62  ? -4.877  -6.231  1.975   1.00 39.50  ? 52  VAL A CG2 1 
ATOM   353  N N   . ILE A 1 63  ? -5.535  -2.234  3.162   1.00 60.33  ? 53  ILE A N   1 
ATOM   354  C CA  . ILE A 1 63  ? -6.628  -1.328  2.841   1.00 44.65  ? 53  ILE A CA  1 
ATOM   355  C C   . ILE A 1 63  ? -6.326  -0.731  1.476   1.00 31.55  ? 53  ILE A C   1 
ATOM   356  O O   . ILE A 1 63  ? -5.235  -0.193  1.252   1.00 23.80  ? 53  ILE A O   1 
ATOM   357  C CB  . ILE A 1 63  ? -6.800  -0.246  3.925   1.00 51.18  ? 53  ILE A CB  1 
ATOM   358  C CG1 . ILE A 1 63  ? -7.878  0.755   3.535   1.00 32.03  ? 53  ILE A CG1 1 
ATOM   359  C CG2 . ILE A 1 63  ? -5.481  0.466   4.231   1.00 39.75  ? 53  ILE A CG2 1 
ATOM   360  C CD1 . ILE A 1 63  ? -8.291  1.635   4.685   1.00 39.47  ? 53  ILE A CD1 1 
ATOM   361  N N   . MET A 1 64  ? -7.274  -0.868  0.554   1.00 36.93  ? 54  MET A N   1 
ATOM   362  C CA  . MET A 1 64  ? -7.046  -0.501  -0.835  1.00 43.09  ? 54  MET A CA  1 
ATOM   363  C C   . MET A 1 64  ? -8.305  0.123   -1.410  1.00 19.89  ? 54  MET A C   1 
ATOM   364  O O   . MET A 1 64  ? -9.401  -0.051  -0.878  1.00 36.01  ? 54  MET A O   1 
ATOM   365  C CB  . MET A 1 64  ? -6.657  -1.722  -1.672  1.00 29.01  ? 54  MET A CB  1 
ATOM   366  C CG  . MET A 1 64  ? -7.843  -2.592  -2.042  1.00 32.28  ? 54  MET A CG  1 
ATOM   367  S SD  . MET A 1 64  ? -7.374  -4.202  -2.698  1.00 35.86  ? 54  MET A SD  1 
ATOM   368  C CE  . MET A 1 64  ? -7.129  -5.122  -1.177  1.00 17.49  ? 54  MET A CE  1 
ATOM   369  N N   . GLY A 1 65  ? -8.137  0.850   -2.511  1.00 32.83  ? 55  GLY A N   1 
ATOM   370  C CA  . GLY A 1 65  ? -9.272  1.351   -3.257  1.00 20.34  ? 55  GLY A CA  1 
ATOM   371  C C   . GLY A 1 65  ? -9.767  0.349   -4.288  1.00 47.30  ? 55  GLY A C   1 
ATOM   372  O O   . GLY A 1 65  ? -9.084  -0.620  -4.621  1.00 38.75  ? 55  GLY A O   1 
ATOM   373  N N   . ARG A 1 66  ? -10.972 0.613   -4.805  1.00 31.74  ? 56  ARG A N   1 
ATOM   374  C CA  . ARG A 1 66  ? -11.624 -0.343  -5.694  1.00 37.33  ? 56  ARG A CA  1 
ATOM   375  C C   . ARG A 1 66  ? -10.785 -0.635  -6.935  1.00 27.34  ? 56  ARG A C   1 
ATOM   376  O O   . ARG A 1 66  ? -10.723 -1.780  -7.393  1.00 34.32  ? 56  ARG A O   1 
ATOM   377  C CB  . ARG A 1 66  ? -13.010 0.163   -6.101  1.00 27.64  ? 56  ARG A CB  1 
ATOM   378  C CG  . ARG A 1 66  ? -13.607 -0.634  -7.263  1.00 19.59  ? 56  ARG A CG  1 
ATOM   379  C CD  . ARG A 1 66  ? -14.964 -0.119  -7.711  1.00 57.73  ? 56  ARG A CD  1 
ATOM   380  N NE  . ARG A 1 66  ? -14.915 1.205   -8.323  1.00 47.39  ? 56  ARG A NE  1 
ATOM   381  C CZ  . ARG A 1 66  ? -14.429 1.458   -9.531  1.00 35.61  ? 56  ARG A CZ  1 
ATOM   382  N NH1 . ARG A 1 66  ? -13.849 0.515   -10.254 1.00 19.24  ? 56  ARG A NH1 1 
ATOM   383  N NH2 . ARG A 1 66  ? -14.532 2.688   -10.028 1.00 29.88  ? 56  ARG A NH2 1 
ATOM   384  N N   . LYS A 1 67  ? -10.139 0.382   -7.502  1.00 35.32  ? 57  LYS A N   1 
ATOM   385  C CA  . LYS A 1 67  ? -9.399  0.158   -8.740  1.00 37.34  ? 57  LYS A CA  1 
ATOM   386  C C   . LYS A 1 67  ? -8.117  -0.632  -8.502  1.00 27.63  ? 57  LYS A C   1 
ATOM   387  O O   . LYS A 1 67  ? -7.691  -1.394  -9.379  1.00 36.77  ? 57  LYS A O   1 
ATOM   388  C CB  . LYS A 1 67  ? -9.108  1.493   -9.418  1.00 31.26  ? 57  LYS A CB  1 
ATOM   389  C CG  . LYS A 1 67  ? -10.375 2.213   -9.829  1.00 22.19  ? 57  LYS A CG  1 
ATOM   390  C CD  . LYS A 1 67  ? -10.103 3.607   -10.362 1.00 26.69  ? 57  LYS A CD  1 
ATOM   391  C CE  . LYS A 1 67  ? -11.406 4.383   -10.527 1.00 40.81  ? 57  LYS A CE  1 
ATOM   392  N NZ  . LYS A 1 67  ? -11.188 5.849   -10.683 1.00 64.79  ? 57  LYS A NZ  1 
ATOM   393  N N   . VAL A 1 68  ? -7.493  -0.475  -7.335  1.00 30.45  ? 58  VAL A N   1 
ATOM   394  C CA  . VAL A 1 68  ? -6.439  -1.404  -6.941  1.00 33.90  ? 58  VAL A CA  1 
ATOM   395  C C   . VAL A 1 68  ? -6.977  -2.826  -6.937  1.00 32.16  ? 58  VAL A C   1 
ATOM   396  O O   . VAL A 1 68  ? -6.417  -3.725  -7.576  1.00 38.36  ? 58  VAL A O   1 
ATOM   397  C CB  . VAL A 1 68  ? -5.873  -1.030  -5.563  1.00 32.85  ? 58  VAL A CB  1 
ATOM   398  C CG1 . VAL A 1 68  ? -4.966  -2.138  -5.062  1.00 25.56  ? 58  VAL A CG1 1 
ATOM   399  C CG2 . VAL A 1 68  ? -5.121  0.263   -5.640  1.00 29.14  ? 58  VAL A CG2 1 
ATOM   400  N N   . TRP A 1 69  ? -8.071  -3.046  -6.205  1.00 29.59  ? 59  TRP A N   1 
ATOM   401  C CA  . TRP A 1 69  ? -8.673  -4.372  -6.124  1.00 40.46  ? 59  TRP A CA  1 
ATOM   402  C C   . TRP A 1 69  ? -8.885  -4.954  -7.514  1.00 38.43  ? 59  TRP A C   1 
ATOM   403  O O   . TRP A 1 69  ? -8.475  -6.083  -7.805  1.00 54.68  ? 59  TRP A O   1 
ATOM   404  C CB  . TRP A 1 69  ? -9.994  -4.288  -5.350  1.00 29.40  ? 59  TRP A CB  1 
ATOM   405  C CG  . TRP A 1 69  ? -10.846 -5.516  -5.440  1.00 38.93  ? 59  TRP A CG  1 
ATOM   406  C CD1 . TRP A 1 69  ? -11.852 -5.751  -6.330  1.00 33.41  ? 59  TRP A CD1 1 
ATOM   407  C CD2 . TRP A 1 69  ? -10.770 -6.680  -4.606  1.00 42.43  ? 59  TRP A CD2 1 
ATOM   408  N NE1 . TRP A 1 69  ? -12.404 -6.988  -6.107  1.00 47.42  ? 59  TRP A NE1 1 
ATOM   409  C CE2 . TRP A 1 69  ? -11.758 -7.579  -5.054  1.00 42.53  ? 59  TRP A CE2 1 
ATOM   410  C CE3 . TRP A 1 69  ? -9.961  -7.050  -3.527  1.00 41.82  ? 59  TRP A CE3 1 
ATOM   411  C CZ2 . TRP A 1 69  ? -11.965 -8.819  -4.456  1.00 36.99  ? 59  TRP A CZ2 1 
ATOM   412  C CZ3 . TRP A 1 69  ? -10.166 -8.287  -2.938  1.00 27.77  ? 59  TRP A CZ3 1 
ATOM   413  C CH2 . TRP A 1 69  ? -11.157 -9.154  -3.404  1.00 29.82  ? 59  TRP A CH2 1 
ATOM   414  N N   . GLU A 1 70  ? -9.472  -4.162  -8.405  1.00 40.84  ? 60  GLU A N   1 
ATOM   415  C CA  . GLU A 1 70  ? -9.763  -4.631  -9.750  1.00 44.39  ? 60  GLU A CA  1 
ATOM   416  C C   . GLU A 1 70  ? -8.510  -4.813  -10.601 1.00 26.22  ? 60  GLU A C   1 
ATOM   417  O O   . GLU A 1 70  ? -8.549  -5.573  -11.574 1.00 35.26  ? 60  GLU A O   1 
ATOM   418  C CB  . GLU A 1 70  ? -10.747 -3.666  -10.416 1.00 22.48  ? 60  GLU A CB  1 
ATOM   419  C CG  . GLU A 1 70  ? -12.130 -3.714  -9.765  1.00 55.86  ? 60  GLU A CG  1 
ATOM   420  C CD  . GLU A 1 70  ? -13.158 -2.838  -10.459 1.00 64.65  ? 60  GLU A CD  1 
ATOM   421  O OE1 . GLU A 1 70  ? -12.770 -2.023  -11.325 1.00 33.24  ? 60  GLU A OE1 1 
ATOM   422  O OE2 . GLU A 1 70  ? -14.358 -2.968  -10.129 1.00 50.94  ? 60  GLU A OE2 1 
ATOM   423  N N   . SER A 1 71  ? -7.401  -4.158  -10.263 1.00 38.33  ? 61  SER A N   1 
ATOM   424  C CA  . SER A 1 71  ? -6.166  -4.347  -11.017 1.00 40.82  ? 61  SER A CA  1 
ATOM   425  C C   . SER A 1 71  ? -5.326  -5.512  -10.501 1.00 40.13  ? 61  SER A C   1 
ATOM   426  O O   . SER A 1 71  ? -4.249  -5.771  -11.051 1.00 42.58  ? 61  SER A O   1 
ATOM   427  C CB  . SER A 1 71  ? -5.333  -3.059  -11.016 1.00 31.06  ? 61  SER A CB  1 
ATOM   428  O OG  . SER A 1 71  ? -4.959  -2.684  -9.704  1.00 58.01  ? 61  SER A OG  1 
ATOM   429  N N   . ILE A 1 72  ? -5.788  -6.219  -9.473  1.00 33.82  ? 62  ILE A N   1 
ATOM   430  C CA  . ILE A 1 72  ? -5.111  -7.417  -8.984  1.00 39.15  ? 62  ILE A CA  1 
ATOM   431  C C   . ILE A 1 72  ? -5.562  -8.604  -9.825  1.00 51.00  ? 62  ILE A C   1 
ATOM   432  O O   . ILE A 1 72  ? -6.756  -8.724  -10.137 1.00 48.12  ? 62  ILE A O   1 
ATOM   433  C CB  . ILE A 1 72  ? -5.401  -7.662  -7.493  1.00 51.35  ? 62  ILE A CB  1 
ATOM   434  C CG1 . ILE A 1 72  ? -4.799  -6.561  -6.630  1.00 26.10  ? 62  ILE A CG1 1 
ATOM   435  C CG2 . ILE A 1 72  ? -4.855  -9.008  -7.039  1.00 23.50  ? 62  ILE A CG2 1 
ATOM   436  C CD1 . ILE A 1 72  ? -5.204  -6.673  -5.186  1.00 30.02  ? 62  ILE A CD1 1 
ATOM   437  N N   . PRO A 1 73  ? -4.657  -9.487  -10.228 1.00 43.72  ? 63  PRO A N   1 
ATOM   438  C CA  . PRO A 1 73  ? -5.071  -10.710 -10.918 1.00 37.32  ? 63  PRO A CA  1 
ATOM   439  C C   . PRO A 1 73  ? -5.978  -11.541 -10.030 1.00 41.75  ? 63  PRO A C   1 
ATOM   440  O O   . PRO A 1 73  ? -5.658  -11.781 -8.856  1.00 54.37  ? 63  PRO A O   1 
ATOM   441  C CB  . PRO A 1 73  ? -3.742  -11.427 -11.190 1.00 37.56  ? 63  PRO A CB  1 
ATOM   442  C CG  . PRO A 1 73  ? -2.730  -10.314 -11.239 1.00 50.28  ? 63  PRO A CG  1 
ATOM   443  C CD  . PRO A 1 73  ? -3.193  -9.325  -10.209 1.00 40.78  ? 63  PRO A CD  1 
ATOM   444  N N   . PRO A 1 74  ? -7.118  -11.998 -10.554 1.00 61.60  ? 64  PRO A N   1 
ATOM   445  C CA  . PRO A 1 74  ? -8.107  -12.666 -9.689  1.00 64.20  ? 64  PRO A CA  1 
ATOM   446  C C   . PRO A 1 74  ? -7.608  -13.964 -9.085  1.00 60.78  ? 64  PRO A C   1 
ATOM   447  O O   . PRO A 1 74  ? -8.203  -14.440 -8.107  1.00 65.89  ? 64  PRO A O   1 
ATOM   448  C CB  . PRO A 1 74  ? -9.295  -12.901 -10.632 1.00 48.61  ? 64  PRO A CB  1 
ATOM   449  C CG  . PRO A 1 74  ? -8.680  -12.958 -11.991 1.00 71.53  ? 64  PRO A CG  1 
ATOM   450  C CD  . PRO A 1 74  ? -7.526  -11.992 -11.967 1.00 38.93  ? 64  PRO A CD  1 
ATOM   451  N N   . LYS A 1 75  ? -6.542  -14.554 -9.632  1.00 45.85  ? 65  LYS A N   1 
ATOM   452  C CA  . LYS A 1 75  ? -5.931  -15.711 -8.988  1.00 49.25  ? 65  LYS A CA  1 
ATOM   453  C C   . LYS A 1 75  ? -5.308  -15.317 -7.653  1.00 67.34  ? 65  LYS A C   1 
ATOM   454  O O   . LYS A 1 75  ? -5.512  -15.989 -6.634  1.00 58.61  ? 65  LYS A O   1 
ATOM   455  C CB  . LYS A 1 75  ? -4.890  -16.342 -9.914  1.00 70.54  ? 65  LYS A CB  1 
ATOM   456  C CG  . LYS A 1 75  ? -4.036  -15.345 -10.679 1.00 47.17  ? 65  LYS A CG  1 
ATOM   457  N N   . PHE A 1 76  ? -4.561  -14.215 -7.638  1.00 62.74  ? 66  PHE A N   1 
ATOM   458  C CA  . PHE A 1 76  ? -3.979  -13.675 -6.418  1.00 46.25  ? 66  PHE A CA  1 
ATOM   459  C C   . PHE A 1 76  ? -4.982  -12.913 -5.561  1.00 62.04  ? 66  PHE A C   1 
ATOM   460  O O   . PHE A 1 76  ? -4.601  -12.379 -4.513  1.00 45.94  ? 66  PHE A O   1 
ATOM   461  C CB  . PHE A 1 76  ? -2.812  -12.750 -6.767  1.00 37.87  ? 66  PHE A CB  1 
ATOM   462  C CG  . PHE A 1 76  ? -1.655  -13.444 -7.420  1.00 51.13  ? 66  PHE A CG  1 
ATOM   463  C CD1 . PHE A 1 76  ? -1.650  -13.680 -8.782  1.00 67.46  ? 66  PHE A CD1 1 
ATOM   464  C CD2 . PHE A 1 76  ? -0.560  -13.845 -6.671  1.00 97.88  ? 66  PHE A CD2 1 
ATOM   465  C CE1 . PHE A 1 76  ? -0.581  -14.311 -9.387  1.00 62.35  ? 66  PHE A CE1 1 
ATOM   466  C CE2 . PHE A 1 76  ? 0.514   -14.479 -7.269  1.00 56.57  ? 66  PHE A CE2 1 
ATOM   467  C CZ  . PHE A 1 76  ? 0.502   -14.711 -8.630  1.00 85.85  ? 66  PHE A CZ  1 
ATOM   468  N N   . ARG A 1 77  ? -6.245  -12.851 -5.970  1.00 51.60  ? 67  ARG A N   1 
ATOM   469  C CA  . ARG A 1 77  ? -7.222  -11.984 -5.333  1.00 48.85  ? 67  ARG A CA  1 
ATOM   470  C C   . ARG A 1 77  ? -8.312  -12.819 -4.676  1.00 48.03  ? 67  ARG A C   1 
ATOM   471  O O   . ARG A 1 77  ? -8.943  -13.644 -5.357  1.00 61.30  ? 67  ARG A O   1 
ATOM   472  C CB  . ARG A 1 77  ? -7.817  -11.035 -6.369  1.00 54.60  ? 67  ARG A CB  1 
ATOM   473  C CG  . ARG A 1 77  ? -8.909  -10.146 -5.853  1.00 40.64  ? 67  ARG A CG  1 
ATOM   474  C CD  . ARG A 1 77  ? -10.009 -10.035 -6.888  1.00 59.46  ? 67  ARG A CD  1 
ATOM   475  N NE  . ARG A 1 77  ? -9.570  -9.342  -8.091  1.00 39.02  ? 67  ARG A NE  1 
ATOM   476  C CZ  . ARG A 1 77  ? -10.367 -9.059  -9.112  1.00 53.14  ? 67  ARG A CZ  1 
ATOM   477  N NH1 . ARG A 1 77  ? -11.641 -9.415  -9.109  1.00 45.36  ? 67  ARG A NH1 1 
ATOM   478  N NH2 . ARG A 1 77  ? -9.876  -8.397  -10.157 1.00 37.21  ? 67  ARG A NH2 1 
ATOM   479  N N   . PRO A 1 78  ? -8.579  -12.649 -3.373  1.00 36.86  ? 68  PRO A N   1 
ATOM   480  C CA  . PRO A 1 78  ? -7.981  -11.683 -2.431  1.00 40.97  ? 68  PRO A CA  1 
ATOM   481  C C   . PRO A 1 78  ? -6.525  -11.965 -2.093  1.00 38.57  ? 68  PRO A C   1 
ATOM   482  O O   . PRO A 1 78  ? -6.034  -13.068 -2.302  1.00 51.31  ? 68  PRO A O   1 
ATOM   483  C CB  . PRO A 1 78  ? -8.860  -11.830 -1.186  1.00 35.15  ? 68  PRO A CB  1 
ATOM   484  C CG  . PRO A 1 78  ? -9.356  -13.238 -1.240  1.00 42.79  ? 68  PRO A CG  1 
ATOM   485  C CD  . PRO A 1 78  ? -9.567  -13.518 -2.707  1.00 37.85  ? 68  PRO A CD  1 
ATOM   486  N N   . LEU A 1 79  ? -5.819  -10.963 -1.576  1.00 40.84  ? 69  LEU A N   1 
ATOM   487  C CA  . LEU A 1 79  ? -4.428  -11.136 -1.184  1.00 37.97  ? 69  LEU A CA  1 
ATOM   488  C C   . LEU A 1 79  ? -4.347  -12.131 -0.036  1.00 38.95  ? 69  LEU A C   1 
ATOM   489  O O   . LEU A 1 79  ? -4.949  -11.918 1.023   1.00 31.29  ? 69  LEU A O   1 
ATOM   490  C CB  . LEU A 1 79  ? -3.821  -9.793  -0.792  1.00 37.57  ? 69  LEU A CB  1 
ATOM   491  C CG  . LEU A 1 79  ? -3.689  -8.794  -1.944  1.00 40.58  ? 69  LEU A CG  1 
ATOM   492  C CD1 . LEU A 1 79  ? -2.901  -7.554  -1.525  1.00 59.94  ? 69  LEU A CD1 1 
ATOM   493  C CD2 . LEU A 1 79  ? -3.050  -9.454  -3.157  1.00 32.09  ? 69  LEU A CD2 1 
ATOM   494  N N   . LYS A 1 80  ? -3.608  -13.218 -0.254  1.00 54.85  ? 70  LYS A N   1 
ATOM   495  C CA  . LYS A 1 80  ? -3.626  -14.351 0.661   1.00 53.47  ? 70  LYS A CA  1 
ATOM   496  C C   . LYS A 1 80  ? -2.884  -14.024 1.949   1.00 48.56  ? 70  LYS A C   1 
ATOM   497  O O   . LYS A 1 80  ? -1.909  -13.265 1.956   1.00 39.14  ? 70  LYS A O   1 
ATOM   498  C CB  . LYS A 1 80  ? -3.003  -15.582 0.001   1.00 38.07  ? 70  LYS A CB  1 
ATOM   499  N N   . SER A 1 81  ? -3.363  -14.614 3.046   1.00 38.71  ? 71  SER A N   1 
ATOM   500  C CA  . SER A 1 81  ? -2.800  -14.487 4.388   1.00 55.32  ? 71  SER A CA  1 
ATOM   501  C C   . SER A 1 81  ? -2.943  -13.082 4.951   1.00 56.97  ? 71  SER A C   1 
ATOM   502  O O   . SER A 1 81  ? -2.326  -12.763 5.976   1.00 41.54  ? 71  SER A O   1 
ATOM   503  C CB  . SER A 1 81  ? -1.325  -14.899 4.427   1.00 54.65  ? 71  SER A CB  1 
ATOM   504  O OG  . SER A 1 81  ? -1.116  -16.087 3.686   1.00 70.95  ? 71  SER A OG  1 
ATOM   505  N N   . ARG A 1 82  ? -3.736  -12.231 4.309   1.00 65.61  ? 72  ARG A N   1 
ATOM   506  C CA  . ARG A 1 82  ? -4.011  -10.892 4.794   1.00 40.20  ? 72  ARG A CA  1 
ATOM   507  C C   . ARG A 1 82  ? -5.512  -10.655 4.773   1.00 35.31  ? 72  ARG A C   1 
ATOM   508  O O   . ARG A 1 82  ? -6.265  -11.369 4.105   1.00 55.36  ? 72  ARG A O   1 
ATOM   509  C CB  . ARG A 1 82  ? -3.288  -9.841  3.953   1.00 34.93  ? 72  ARG A CB  1 
ATOM   510  C CG  . ARG A 1 82  ? -1.799  -9.746  4.241   1.00 50.99  ? 72  ARG A CG  1 
ATOM   511  C CD  . ARG A 1 82  ? -1.044  -9.333  3.002   1.00 27.71  ? 72  ARG A CD  1 
ATOM   512  N NE  . ARG A 1 82  ? -1.186  -10.340 1.959   1.00 42.27  ? 72  ARG A NE  1 
ATOM   513  C CZ  . ARG A 1 82  ? -0.675  -10.230 0.742   1.00 43.66  ? 72  ARG A CZ  1 
ATOM   514  N NH1 . ARG A 1 82  ? 0.009   -9.160  0.374   1.00 36.96  ? 72  ARG A NH1 1 
ATOM   515  N NH2 . ARG A 1 82  ? -0.857  -11.218 -0.130  1.00 50.39  ? 72  ARG A NH2 1 
ATOM   516  N N   . PHE A 1 83  ? -5.948  -9.656  5.531   1.00 30.43  ? 73  PHE A N   1 
ATOM   517  C CA  . PHE A 1 83  ? -7.349  -9.260  5.566   1.00 49.48  ? 73  PHE A CA  1 
ATOM   518  C C   . PHE A 1 83  ? -7.552  -8.076  4.630   1.00 49.40  ? 73  PHE A C   1 
ATOM   519  O O   . PHE A 1 83  ? -6.976  -7.005  4.843   1.00 61.89  ? 73  PHE A O   1 
ATOM   520  C CB  . PHE A 1 83  ? -7.783  -8.907  6.985   1.00 55.54  ? 73  PHE A CB  1 
ATOM   521  C CG  . PHE A 1 83  ? -9.247  -8.628  7.110   1.00 42.41  ? 73  PHE A CG  1 
ATOM   522  C CD1 . PHE A 1 83  ? -10.175 -9.611  6.819   1.00 57.66  ? 73  PHE A CD1 1 
ATOM   523  C CD2 . PHE A 1 83  ? -9.696  -7.389  7.522   1.00 34.14  ? 73  PHE A CD2 1 
ATOM   524  C CE1 . PHE A 1 83  ? -11.525 -9.359  6.936   1.00 40.04  ? 73  PHE A CE1 1 
ATOM   525  C CE2 . PHE A 1 83  ? -11.040 -7.133  7.641   1.00 34.70  ? 73  PHE A CE2 1 
ATOM   526  C CZ  . PHE A 1 83  ? -11.959 -8.118  7.348   1.00 47.44  ? 73  PHE A CZ  1 
ATOM   527  N N   . ASN A 1 84  ? -8.367  -8.269  3.598   1.00 38.60  ? 74  ASN A N   1 
ATOM   528  C CA  . ASN A 1 84  ? -8.553  -7.260  2.567   1.00 37.47  ? 74  ASN A CA  1 
ATOM   529  C C   . ASN A 1 84  ? -9.734  -6.354  2.901   1.00 43.48  ? 74  ASN A C   1 
ATOM   530  O O   . ASN A 1 84  ? -10.838 -6.832  3.191   1.00 51.52  ? 74  ASN A O   1 
ATOM   531  C CB  . ASN A 1 84  ? -8.766  -7.923  1.208   1.00 38.57  ? 74  ASN A CB  1 
ATOM   532  C CG  . ASN A 1 84  ? -7.583  -8.751  0.779   1.00 48.72  ? 74  ASN A CG  1 
ATOM   533  O OD1 . ASN A 1 84  ? -6.884  -9.333  1.608   1.00 49.88  ? 74  ASN A OD1 1 
ATOM   534  N ND2 . ASN A 1 84  ? -7.340  -8.798  -0.525  1.00 30.59  ? 74  ASN A ND2 1 
ATOM   535  N N   . VAL A 1 85  ? -9.499  -5.045  2.847   1.00 30.91  ? 75  VAL A N   1 
ATOM   536  C CA  . VAL A 1 85  ? -10.541 -4.046  3.027   1.00 27.29  ? 75  VAL A CA  1 
ATOM   537  C C   . VAL A 1 85  ? -10.528 -3.160  1.796   1.00 35.47  ? 75  VAL A C   1 
ATOM   538  O O   . VAL A 1 85  ? -9.554  -2.428  1.560   1.00 44.46  ? 75  VAL A O   1 
ATOM   539  C CB  . VAL A 1 85  ? -10.332 -3.218  4.296   1.00 26.28  ? 75  VAL A CB  1 
ATOM   540  C CG1 . VAL A 1 85  ? -11.335 -2.078  4.342   1.00 27.20  ? 75  VAL A CG1 1 
ATOM   541  C CG2 . VAL A 1 85  ? -10.451 -4.103  5.522   1.00 41.58  ? 75  VAL A CG2 1 
ATOM   542  N N   . VAL A 1 86  ? -11.608 -3.211  1.019   1.00 35.10  ? 76  VAL A N   1 
ATOM   543  C CA  . VAL A 1 86  ? -11.726 -2.457  -0.222  1.00 26.80  ? 76  VAL A CA  1 
ATOM   544  C C   . VAL A 1 86  ? -12.679 -1.296  0.016   1.00 26.33  ? 76  VAL A C   1 
ATOM   545  O O   . VAL A 1 86  ? -13.864 -1.504  0.300   1.00 37.88  ? 76  VAL A O   1 
ATOM   546  C CB  . VAL A 1 86  ? -12.216 -3.342  -1.378  1.00 28.56  ? 76  VAL A CB  1 
ATOM   547  C CG1 . VAL A 1 86  ? -12.051 -2.619  -2.707  1.00 27.36  ? 76  VAL A CG1 1 
ATOM   548  C CG2 . VAL A 1 86  ? -11.458 -4.647  -1.382  1.00 27.11  ? 76  VAL A CG2 1 
ATOM   549  N N   . LEU A 1 87  ? -12.158 -0.079  -0.082  1.00 25.82  ? 77  LEU A N   1 
ATOM   550  C CA  . LEU A 1 87  ? -12.997 1.111   -0.058  1.00 31.13  ? 77  LEU A CA  1 
ATOM   551  C C   . LEU A 1 87  ? -13.730 1.233   -1.385  1.00 43.43  ? 77  LEU A C   1 
ATOM   552  O O   . LEU A 1 87  ? -13.097 1.247   -2.448  1.00 27.00  ? 77  LEU A O   1 
ATOM   553  C CB  . LEU A 1 87  ? -12.146 2.353   0.193   1.00 29.35  ? 77  LEU A CB  1 
ATOM   554  C CG  . LEU A 1 87  ? -11.310 2.356   1.464   1.00 25.85  ? 77  LEU A CG  1 
ATOM   555  C CD1 . LEU A 1 87  ? -10.508 3.635   1.550   1.00 26.82  ? 77  LEU A CD1 1 
ATOM   556  C CD2 . LEU A 1 87  ? -12.213 2.207   2.668   1.00 53.61  ? 77  LEU A CD2 1 
ATOM   557  N N   . SER A 1 88  ? -15.059 1.315   -1.329  1.00 31.95  ? 78  SER A N   1 
ATOM   558  C CA  . SER A 1 88  ? -15.848 1.529   -2.532  1.00 35.81  ? 78  SER A CA  1 
ATOM   559  C C   . SER A 1 88  ? -17.254 1.956   -2.149  1.00 50.79  ? 78  SER A C   1 
ATOM   560  O O   . SER A 1 88  ? -17.825 1.442   -1.184  1.00 36.76  ? 78  SER A O   1 
ATOM   561  C CB  . SER A 1 88  ? -15.915 0.273   -3.408  1.00 35.73  ? 78  SER A CB  1 
ATOM   562  O OG  . SER A 1 88  ? -16.672 0.520   -4.583  1.00 33.61  ? 78  SER A OG  1 
ATOM   563  N N   . LYS A 1 89  ? -17.804 2.885   -2.924  1.00 25.18  ? 79  LYS A N   1 
ATOM   564  C CA  . LYS A 1 89  ? -19.191 3.294   -2.788  1.00 33.06  ? 79  LYS A CA  1 
ATOM   565  C C   . LYS A 1 89  ? -20.112 2.574   -3.766  1.00 41.02  ? 79  LYS A C   1 
ATOM   566  O O   . LYS A 1 89  ? -21.317 2.840   -3.776  1.00 40.66  ? 79  LYS A O   1 
ATOM   567  C CB  . LYS A 1 89  ? -19.307 4.807   -2.993  1.00 34.98  ? 79  LYS A CB  1 
ATOM   568  C CG  . LYS A 1 89  ? -18.656 5.638   -1.907  1.00 39.93  ? 79  LYS A CG  1 
ATOM   569  C CD  . LYS A 1 89  ? -19.370 5.436   -0.586  1.00 55.93  ? 79  LYS A CD  1 
ATOM   570  N N   . LYS A 1 90  ? -19.579 1.670   -4.584  1.00 31.71  ? 80  LYS A N   1 
ATOM   571  C CA  . LYS A 1 90  ? -20.362 1.112   -5.677  1.00 20.32  ? 80  LYS A CA  1 
ATOM   572  C C   . LYS A 1 90  ? -20.341 -0.410  -5.676  1.00 30.55  ? 80  LYS A C   1 
ATOM   573  O O   . LYS A 1 90  ? -21.273 -1.041  -6.185  1.00 41.32  ? 80  LYS A O   1 
ATOM   574  C CB  . LYS A 1 90  ? -19.842 1.629   -7.022  1.00 36.81  ? 80  LYS A CB  1 
ATOM   575  C CG  . LYS A 1 90  ? -20.060 3.113   -7.284  1.00 47.90  ? 80  LYS A CG  1 
ATOM   576  C CD  . LYS A 1 90  ? -19.590 3.475   -8.694  1.00 61.17  ? 80  LYS A CD  1 
ATOM   577  C CE  . LYS A 1 90  ? -19.832 4.945   -9.014  1.00 45.51  ? 80  LYS A CE  1 
ATOM   578  N NZ  . LYS A 1 90  ? -19.207 5.833   -7.995  1.00 59.35  ? 80  LYS A NZ  1 
ATOM   579  N N   . MET A 1 91  ? -19.282 -1.006  -5.132  1.00 31.33  ? 81  MET A N   1 
ATOM   580  C CA  . MET A 1 91  ? -19.151 -2.457  -5.150  1.00 21.49  ? 81  MET A CA  1 
ATOM   581  C C   . MET A 1 91  ? -20.196 -3.093  -4.256  1.00 44.77  ? 81  MET A C   1 
ATOM   582  O O   . MET A 1 91  ? -20.503 -2.584  -3.173  1.00 39.06  ? 81  MET A O   1 
ATOM   583  C CB  . MET A 1 91  ? -17.763 -2.892  -4.679  1.00 32.92  ? 81  MET A CB  1 
ATOM   584  C CG  . MET A 1 91  ? -16.737 -3.068  -5.783  1.00 45.96  ? 81  MET A CG  1 
ATOM   585  S SD  . MET A 1 91  ? -15.096 -3.489  -5.149  1.00 54.99  ? 81  MET A SD  1 
ATOM   586  C CE  . MET A 1 91  ? -15.312 -5.190  -4.642  1.00 33.40  ? 81  MET A CE  1 
ATOM   587  N N   . LYS A 1 92  ? -20.743 -4.212  -4.719  1.00 43.94  ? 82  LYS A N   1 
ATOM   588  C CA  . LYS A 1 92  ? -21.576 -5.044  -3.870  1.00 61.08  ? 82  LYS A CA  1 
ATOM   589  C C   . LYS A 1 92  ? -20.716 -5.761  -2.834  1.00 33.56  ? 82  LYS A C   1 
ATOM   590  O O   . LYS A 1 92  ? -19.505 -5.940  -3.005  1.00 49.78  ? 82  LYS A O   1 
ATOM   591  C CB  . LYS A 1 92  ? -22.349 -6.058  -4.714  1.00 38.46  ? 82  LYS A CB  1 
ATOM   592  C CG  . LYS A 1 92  ? -23.065 -5.428  -5.897  1.00 40.06  ? 82  LYS A CG  1 
ATOM   593  C CD  . LYS A 1 92  ? -23.306 -6.428  -7.025  1.00 96.38  ? 82  LYS A CD  1 
ATOM   594  C CE  . LYS A 1 92  ? -23.892 -5.743  -8.267  1.00 81.10  ? 82  LYS A CE  1 
ATOM   595  N NZ  . LYS A 1 92  ? -23.280 -6.244  -9.533  1.00 28.74  ? 82  LYS A NZ  1 
ATOM   596  N N   . GLU A 1 93  ? -21.363 -6.168  -1.742  1.00 51.11  ? 83  GLU A N   1 
ATOM   597  C CA  . GLU A 1 93  ? -20.673 -6.853  -0.658  1.00 59.83  ? 83  GLU A CA  1 
ATOM   598  C C   . GLU A 1 93  ? -19.918 -8.070  -1.181  1.00 57.56  ? 83  GLU A C   1 
ATOM   599  O O   . GLU A 1 93  ? -20.340 -8.726  -2.139  1.00 61.41  ? 83  GLU A O   1 
ATOM   600  C CB  . GLU A 1 93  ? -21.678 -7.272  0.418   1.00 42.83  ? 83  GLU A CB  1 
ATOM   601  C CG  . GLU A 1 93  ? -21.311 -6.841  1.826   1.00 114.08 ? 83  GLU A CG  1 
ATOM   602  C CD  . GLU A 1 93  ? -21.386 -5.336  2.027   1.00 117.66 ? 83  GLU A CD  1 
ATOM   603  O OE1 . GLU A 1 93  ? -20.460 -4.771  2.649   1.00 68.55  ? 83  GLU A OE1 1 
ATOM   604  O OE2 . GLU A 1 93  ? -22.372 -4.718  1.565   1.00 67.79  ? 83  GLU A OE2 1 
ATOM   605  N N   . GLU A 1 94  ? -18.788 -8.367  -0.544  1.00 76.54  ? 84  GLU A N   1 
ATOM   606  C CA  . GLU A 1 94  ? -17.943 -9.484  -0.943  1.00 74.49  ? 84  GLU A CA  1 
ATOM   607  C C   . GLU A 1 94  ? -18.281 -10.705 -0.100  1.00 74.98  ? 84  GLU A C   1 
ATOM   608  O O   . GLU A 1 94  ? -18.175 -10.662 1.132   1.00 46.17  ? 84  GLU A O   1 
ATOM   609  C CB  . GLU A 1 94  ? -16.466 -9.121  -0.813  1.00 69.66  ? 84  GLU A CB  1 
ATOM   610  C CG  . GLU A 1 94  ? -15.937 -8.305  -1.978  1.00 40.54  ? 84  GLU A CG  1 
ATOM   611  C CD  . GLU A 1 94  ? -15.981 -9.068  -3.289  1.00 64.37  ? 84  GLU A CD  1 
ATOM   612  O OE1 . GLU A 1 94  ? -15.908 -10.315 -3.256  1.00 62.13  ? 84  GLU A OE1 1 
ATOM   613  O OE2 . GLU A 1 94  ? -16.091 -8.420  -4.352  1.00 68.51  ? 84  GLU A OE2 1 
ATOM   614  N N   . SER A 1 95  ? -18.682 -11.788 -0.773  1.00 70.68  ? 85  SER A N   1 
ATOM   615  C CA  . SER A 1 95  ? -19.079 -13.005 -0.072  1.00 78.71  ? 85  SER A CA  1 
ATOM   616  C C   . SER A 1 95  ? -17.905 -13.609 0.687   1.00 62.41  ? 85  SER A C   1 
ATOM   617  O O   . SER A 1 95  ? -18.082 -14.165 1.777   1.00 60.07  ? 85  SER A O   1 
ATOM   618  C CB  . SER A 1 95  ? -19.650 -14.018 -1.065  1.00 73.71  ? 85  SER A CB  1 
ATOM   619  O OG  . SER A 1 95  ? -20.758 -13.479 -1.769  1.00 71.22  ? 85  SER A OG  1 
ATOM   620  N N   . ASN A 1 96  ? -16.704 -13.513 0.123   1.00 80.97  ? 86  ASN A N   1 
ATOM   621  C CA  . ASN A 1 96  ? -15.513 -14.031 0.781   1.00 35.17  ? 86  ASN A CA  1 
ATOM   622  C C   . ASN A 1 96  ? -15.339 -13.391 2.159   1.00 65.82  ? 86  ASN A C   1 
ATOM   623  O O   . ASN A 1 96  ? -15.725 -12.241 2.391   1.00 86.92  ? 86  ASN A O   1 
ATOM   624  C CB  . ASN A 1 96  ? -14.287 -13.770 -0.092  1.00 51.00  ? 86  ASN A CB  1 
ATOM   625  C CG  . ASN A 1 96  ? -13.064 -14.541 0.362   1.00 66.30  ? 86  ASN A CG  1 
ATOM   626  O OD1 . ASN A 1 96  ? -12.778 -14.648 1.557   1.00 69.75  ? 86  ASN A OD1 1 
ATOM   627  N ND2 . ASN A 1 96  ? -12.327 -15.080 -0.600  1.00 59.05  ? 86  ASN A ND2 1 
ATOM   628  N N   . GLU A 1 97  ? -14.748 -14.156 3.078   1.00 64.59  ? 87  GLU A N   1 
ATOM   629  C CA  . GLU A 1 97  ? -14.588 -13.729 4.462   1.00 41.77  ? 87  GLU A CA  1 
ATOM   630  C C   . GLU A 1 97  ? -13.311 -12.932 4.690   1.00 59.48  ? 87  GLU A C   1 
ATOM   631  O O   . GLU A 1 97  ? -13.278 -12.081 5.585   1.00 70.74  ? 87  GLU A O   1 
ATOM   632  C CB  . GLU A 1 97  ? -14.598 -14.944 5.393   1.00 61.23  ? 87  GLU A CB  1 
ATOM   633  N N   . ASN A 1 98  ? -12.260 -13.189 3.910   1.00 56.70  ? 88  ASN A N   1 
ATOM   634  C CA  . ASN A 1 98  ? -11.032 -12.407 3.990   1.00 69.41  ? 88  ASN A CA  1 
ATOM   635  C C   . ASN A 1 98  ? -11.159 -11.043 3.334   1.00 58.71  ? 88  ASN A C   1 
ATOM   636  O O   . ASN A 1 98  ? -10.171 -10.300 3.291   1.00 58.86  ? 88  ASN A O   1 
ATOM   637  C CB  . ASN A 1 98  ? -9.874  -13.167 3.342   1.00 80.93  ? 88  ASN A CB  1 
ATOM   638  C CG  . ASN A 1 98  ? -9.459  -14.377 4.139   1.00 65.92  ? 88  ASN A CG  1 
ATOM   639  O OD1 . ASN A 1 98  ? -9.682  -14.444 5.345   1.00 70.25  ? 88  ASN A OD1 1 
ATOM   640  N ND2 . ASN A 1 98  ? -8.845  -15.344 3.468   1.00 83.10  ? 88  ASN A ND2 1 
ATOM   641  N N   . VAL A 1 99  ? -12.334 -10.703 2.812   1.00 48.41  ? 89  VAL A N   1 
ATOM   642  C CA  . VAL A 1 99  ? -12.563 -9.436  2.134   1.00 45.36  ? 89  VAL A CA  1 
ATOM   643  C C   . VAL A 1 99  ? -13.787 -8.773  2.738   1.00 60.73  ? 89  VAL A C   1 
ATOM   644  O O   . VAL A 1 99  ? -14.799 -9.435  3.002   1.00 67.91  ? 89  VAL A O   1 
ATOM   645  C CB  . VAL A 1 99  ? -12.767 -9.625  0.617   1.00 41.52  ? 89  VAL A CB  1 
ATOM   646  C CG1 . VAL A 1 99  ? -12.522 -8.318  -0.115  1.00 46.06  ? 89  VAL A CG1 1 
ATOM   647  C CG2 . VAL A 1 99  ? -11.880 -10.731 0.088   1.00 57.39  ? 89  VAL A CG2 1 
ATOM   648  N N   . VAL A 1 100 ? -13.701 -7.464  2.947   1.00 32.77  ? 90  VAL A N   1 
ATOM   649  C CA  . VAL A 1 100 ? -14.877 -6.670  3.280   1.00 57.34  ? 90  VAL A CA  1 
ATOM   650  C C   . VAL A 1 100 ? -14.846 -5.377  2.474   1.00 63.50  ? 90  VAL A C   1 
ATOM   651  O O   . VAL A 1 100 ? -13.776 -4.798  2.237   1.00 42.59  ? 90  VAL A O   1 
ATOM   652  C CB  . VAL A 1 100 ? -14.968 -6.396  4.796   1.00 54.09  ? 90  VAL A CB  1 
ATOM   653  C CG1 . VAL A 1 100 ? -13.745 -5.640  5.273   1.00 33.24  ? 90  VAL A CG1 1 
ATOM   654  C CG2 . VAL A 1 100 ? -16.255 -5.647  5.134   1.00 62.55  ? 90  VAL A CG2 1 
ATOM   655  N N   . VAL A 1 101 ? -16.022 -4.943  2.027   1.00 39.19  ? 91  VAL A N   1 
ATOM   656  C CA  . VAL A 1 101 ? -16.181 -3.679  1.319   1.00 47.09  ? 91  VAL A CA  1 
ATOM   657  C C   . VAL A 1 101 ? -16.605 -2.623  2.327   1.00 48.29  ? 91  VAL A C   1 
ATOM   658  O O   . VAL A 1 101 ? -17.616 -2.787  3.022   1.00 47.63  ? 91  VAL A O   1 
ATOM   659  C CB  . VAL A 1 101 ? -17.203 -3.794  0.181   1.00 29.74  ? 91  VAL A CB  1 
ATOM   660  C CG1 . VAL A 1 101 ? -17.326 -2.462  -0.530  1.00 40.78  ? 91  VAL A CG1 1 
ATOM   661  C CG2 . VAL A 1 101 ? -16.791 -4.884  -0.791  1.00 18.87  ? 91  VAL A CG2 1 
ATOM   662  N N   . ALA A 1 102 ? -15.836 -1.538  2.399   1.00 38.33  ? 92  ALA A N   1 
ATOM   663  C CA  . ALA A 1 102 ? -16.054 -0.458  3.351   1.00 40.88  ? 92  ALA A CA  1 
ATOM   664  C C   . ALA A 1 102 ? -16.410 0.813   2.595   1.00 56.31  ? 92  ALA A C   1 
ATOM   665  O O   . ALA A 1 102 ? -15.722 1.185   1.639   1.00 38.04  ? 92  ALA A O   1 
ATOM   666  C CB  . ALA A 1 102 ? -14.813 -0.235  4.222   1.00 33.06  ? 92  ALA A CB  1 
ATOM   667  N N   . ARG A 1 103 ? -17.477 1.481   3.033   1.00 38.31  ? 93  ARG A N   1 
ATOM   668  C CA  . ARG A 1 103 ? -18.016 2.626   2.313   1.00 26.64  ? 93  ARG A CA  1 
ATOM   669  C C   . ARG A 1 103 ? -17.289 3.931   2.612   1.00 27.81  ? 93  ARG A C   1 
ATOM   670  O O   . ARG A 1 103 ? -17.585 4.942   1.966   1.00 41.60  ? 93  ARG A O   1 
ATOM   671  C CB  . ARG A 1 103 ? -19.505 2.777   2.635   1.00 47.68  ? 93  ARG A CB  1 
ATOM   672  C CG  . ARG A 1 103 ? -20.334 1.526   2.355   1.00 31.77  ? 93  ARG A CG  1 
ATOM   673  C CD  . ARG A 1 103 ? -20.217 1.112   0.897   1.00 23.41  ? 93  ARG A CD  1 
ATOM   674  N NE  . ARG A 1 103 ? -20.888 -0.153  0.626   1.00 29.13  ? 93  ARG A NE  1 
ATOM   675  C CZ  . ARG A 1 103 ? -20.791 -0.828  -0.512  1.00 30.98  ? 93  ARG A CZ  1 
ATOM   676  N NH1 . ARG A 1 103 ? -20.040 -0.396  -1.512  1.00 30.16  ? 93  ARG A NH1 1 
ATOM   677  N NH2 . ARG A 1 103 ? -21.460 -1.968  -0.646  1.00 55.20  ? 93  ARG A NH2 1 
ATOM   678  N N   . SER A 1 104 ? -16.356 3.944   3.562   1.00 28.03  ? 94  SER A N   1 
ATOM   679  C CA  . SER A 1 104 ? -15.631 5.162   3.895   1.00 29.01  ? 94  SER A CA  1 
ATOM   680  C C   . SER A 1 104 ? -14.331 4.792   4.587   1.00 22.43  ? 94  SER A C   1 
ATOM   681  O O   . SER A 1 104 ? -14.192 3.702   5.146   1.00 38.02  ? 94  SER A O   1 
ATOM   682  C CB  . SER A 1 104 ? -16.452 6.089   4.795   1.00 37.47  ? 94  SER A CB  1 
ATOM   683  O OG  . SER A 1 104 ? -16.567 5.548   6.098   1.00 32.31  ? 94  SER A OG  1 
ATOM   684  N N   . PHE A 1 105 ? -13.384 5.731   4.552   1.00 37.84  ? 95  PHE A N   1 
ATOM   685  C CA  . PHE A 1 105 ? -12.099 5.506   5.205   1.00 26.72  ? 95  PHE A CA  1 
ATOM   686  C C   . PHE A 1 105 ? -12.273 5.381   6.709   1.00 41.44  ? 95  PHE A C   1 
ATOM   687  O O   . PHE A 1 105 ? -11.711 4.476   7.338   1.00 40.09  ? 95  PHE A O   1 
ATOM   688  C CB  . PHE A 1 105 ? -11.140 6.645   4.870   1.00 34.89  ? 95  PHE A CB  1 
ATOM   689  C CG  . PHE A 1 105 ? -9.721  6.388   5.286   1.00 36.75  ? 95  PHE A CG  1 
ATOM   690  C CD1 . PHE A 1 105 ? -8.886  5.613   4.498   1.00 42.56  ? 95  PHE A CD1 1 
ATOM   691  C CD2 . PHE A 1 105 ? -9.215  6.933   6.455   1.00 57.34  ? 95  PHE A CD2 1 
ATOM   692  C CE1 . PHE A 1 105 ? -7.573  5.378   4.870   1.00 30.07  ? 95  PHE A CE1 1 
ATOM   693  C CE2 . PHE A 1 105 ? -7.902  6.704   6.833   1.00 34.64  ? 95  PHE A CE2 1 
ATOM   694  C CZ  . PHE A 1 105 ? -7.080  5.924   6.040   1.00 52.40  ? 95  PHE A CZ  1 
ATOM   695  N N   . GLU A 1 106 ? -13.051 6.288   7.303   1.00 47.78  ? 96  GLU A N   1 
ATOM   696  C CA  . GLU A 1 106 ? -13.222 6.277   8.750   1.00 36.70  ? 96  GLU A CA  1 
ATOM   697  C C   . GLU A 1 106 ? -13.811 4.957   9.224   1.00 29.69  ? 96  GLU A C   1 
ATOM   698  O O   . GLU A 1 106 ? -13.365 4.399   10.230  1.00 60.16  ? 96  GLU A O   1 
ATOM   699  C CB  . GLU A 1 106 ? -14.096 7.452   9.187   1.00 41.85  ? 96  GLU A CB  1 
ATOM   700  C CG  . GLU A 1 106 ? -14.415 7.472   10.680  1.00 41.95  ? 96  GLU A CG  1 
ATOM   701  C CD  . GLU A 1 106 ? -15.778 6.872   10.998  1.00 71.52  ? 96  GLU A CD  1 
ATOM   702  O OE1 . GLU A 1 106 ? -16.651 6.875   10.102  1.00 52.20  ? 96  GLU A OE1 1 
ATOM   703  O OE2 . GLU A 1 106 ? -15.981 6.396   12.139  1.00 60.60  ? 96  GLU A OE2 1 
ATOM   704  N N   . SER A 1 107 ? -14.798 4.428   8.499   1.00 35.92  ? 97  SER A N   1 
ATOM   705  C CA  . SER A 1 107 ? -15.394 3.159   8.906   1.00 50.77  ? 97  SER A CA  1 
ATOM   706  C C   . SER A 1 107 ? -14.411 2.007   8.740   1.00 50.33  ? 97  SER A C   1 
ATOM   707  O O   . SER A 1 107 ? -14.381 1.085   9.563   1.00 48.47  ? 97  SER A O   1 
ATOM   708  C CB  . SER A 1 107 ? -16.671 2.898   8.111   1.00 32.51  ? 97  SER A CB  1 
ATOM   709  O OG  . SER A 1 107 ? -16.406 2.894   6.720   1.00 62.91  ? 97  SER A OG  1 
ATOM   710  N N   . ALA A 1 108 ? -13.591 2.041   7.688   1.00 30.75  ? 98  ALA A N   1 
ATOM   711  C CA  . ALA A 1 108 ? -12.589 0.995   7.507   1.00 40.06  ? 98  ALA A CA  1 
ATOM   712  C C   . ALA A 1 108 ? -11.592 0.996   8.659   1.00 39.47  ? 98  ALA A C   1 
ATOM   713  O O   . ALA A 1 108 ? -11.281 -0.054  9.237   1.00 62.88  ? 98  ALA A O   1 
ATOM   714  C CB  . ALA A 1 108 ? -11.874 1.177   6.165   1.00 22.36  ? 98  ALA A CB  1 
ATOM   715  N N   . VAL A 1 109 ? -11.096 2.181   9.018   1.00 55.58  ? 99  VAL A N   1 
ATOM   716  C CA  . VAL A 1 109 ? -10.149 2.290   10.123  1.00 36.36  ? 99  VAL A CA  1 
ATOM   717  C C   . VAL A 1 109 ? -10.804 1.882   11.436  1.00 50.54  ? 99  VAL A C   1 
ATOM   718  O O   . VAL A 1 109 ? -10.172 1.246   12.288  1.00 58.92  ? 99  VAL A O   1 
ATOM   719  C CB  . VAL A 1 109 ? -9.583  3.717   10.188  1.00 53.15  ? 99  VAL A CB  1 
ATOM   720  C CG1 . VAL A 1 109 ? -8.773  3.912   11.460  1.00 50.34  ? 99  VAL A CG1 1 
ATOM   721  C CG2 . VAL A 1 109 ? -8.746  3.991   8.949   1.00 46.73  ? 99  VAL A CG2 1 
ATOM   722  N N   . SER A 1 110 ? -12.080 2.234   11.620  1.00 50.58  ? 100 SER A N   1 
ATOM   723  C CA  . SER A 1 110 ? -12.794 1.842   12.833  1.00 56.87  ? 100 SER A CA  1 
ATOM   724  C C   . SER A 1 110 ? -12.901 0.325   12.945  1.00 56.52  ? 100 SER A C   1 
ATOM   725  O O   . SER A 1 110 ? -12.593 -0.258  13.993  1.00 80.59  ? 100 SER A O   1 
ATOM   726  C CB  . SER A 1 110 ? -14.179 2.485   12.848  1.00 64.09  ? 100 SER A CB  1 
ATOM   727  O OG  . SER A 1 110 ? -14.971 1.938   13.886  1.00 61.32  ? 100 SER A OG  1 
ATOM   728  N N   . LEU A 1 111 ? -13.333 -0.334  11.868  1.00 60.88  ? 101 LEU A N   1 
ATOM   729  C CA  . LEU A 1 111 ? -13.415 -1.791  11.873  1.00 53.76  ? 101 LEU A CA  1 
ATOM   730  C C   . LEU A 1 111 ? -12.054 -2.426  12.141  1.00 63.46  ? 101 LEU A C   1 
ATOM   731  O O   . LEU A 1 111 ? -11.960 -3.421  12.869  1.00 67.37  ? 101 LEU A O   1 
ATOM   732  C CB  . LEU A 1 111 ? -13.987 -2.288  10.546  1.00 40.76  ? 101 LEU A CB  1 
ATOM   733  C CG  . LEU A 1 111 ? -13.827 -3.782  10.233  1.00 60.49  ? 101 LEU A CG  1 
ATOM   734  C CD1 . LEU A 1 111 ? -14.524 -4.660  11.269  1.00 70.42  ? 101 LEU A CD1 1 
ATOM   735  C CD2 . LEU A 1 111 ? -14.338 -4.092  8.831   1.00 40.60  ? 101 LEU A CD2 1 
ATOM   736  N N   . LEU A 1 112 ? -10.986 -1.862  11.572  1.00 57.27  ? 102 LEU A N   1 
ATOM   737  C CA  . LEU A 1 112 ? -9.670  -2.470  11.750  1.00 65.68  ? 102 LEU A CA  1 
ATOM   738  C C   . LEU A 1 112 ? -9.169  -2.320  13.184  1.00 55.57  ? 102 LEU A C   1 
ATOM   739  O O   . LEU A 1 112 ? -8.684  -3.286  13.783  1.00 65.62  ? 102 LEU A O   1 
ATOM   740  C CB  . LEU A 1 112 ? -8.676  -1.874  10.756  1.00 72.24  ? 102 LEU A CB  1 
ATOM   741  C CG  . LEU A 1 112 ? -8.915  -2.344  9.325   1.00 41.00  ? 102 LEU A CG  1 
ATOM   742  C CD1 . LEU A 1 112 ? -7.853  -1.805  8.390   1.00 52.78  ? 102 LEU A CD1 1 
ATOM   743  C CD2 . LEU A 1 112 ? -8.942  -3.858  9.288   1.00 43.27  ? 102 LEU A CD2 1 
ATOM   744  N N   . GLN A 1 113 ? -9.267  -1.115  13.756  1.00 76.77  ? 103 GLN A N   1 
ATOM   745  C CA  . GLN A 1 113 ? -8.880  -0.954  15.155  1.00 66.58  ? 103 GLN A CA  1 
ATOM   746  C C   . GLN A 1 113 ? -9.806  -1.722  16.085  1.00 73.04  ? 103 GLN A C   1 
ATOM   747  O O   . GLN A 1 113 ? -9.447  -1.958  17.244  1.00 74.38  ? 103 GLN A O   1 
ATOM   748  C CB  . GLN A 1 113 ? -8.841  0.527   15.551  1.00 62.83  ? 103 GLN A CB  1 
ATOM   749  C CG  . GLN A 1 113 ? -10.146 1.282   15.333  1.00 79.98  ? 103 GLN A CG  1 
ATOM   750  C CD  . GLN A 1 113 ? -10.803 1.747   16.622  1.00 114.12 ? 103 GLN A CD  1 
ATOM   751  O OE1 . GLN A 1 113 ? -10.154 2.325   17.495  1.00 121.14 ? 103 GLN A OE1 1 
ATOM   752  N NE2 . GLN A 1 113 ? -12.103 1.502   16.741  1.00 94.70  ? 103 GLN A NE2 1 
ATOM   753  N N   . ASP A 1 114 ? -10.982 -2.123  15.600  1.00 74.27  ? 104 ASP A N   1 
ATOM   754  C CA  . ASP A 1 114 ? -11.864 -2.971  16.393  1.00 78.12  ? 104 ASP A CA  1 
ATOM   755  C C   . ASP A 1 114 ? -11.396 -4.423  16.414  1.00 66.28  ? 104 ASP A C   1 
ATOM   756  O O   . ASP A 1 114 ? -11.606 -5.121  17.411  1.00 94.85  ? 104 ASP A O   1 
ATOM   757  C CB  . ASP A 1 114 ? -13.289 -2.884  15.849  1.00 77.85  ? 104 ASP A CB  1 
ATOM   758  C CG  . ASP A 1 114 ? -14.330 -3.330  16.856  1.00 109.91 ? 104 ASP A CG  1 
ATOM   759  O OD1 . ASP A 1 114 ? -13.954 -3.623  18.009  1.00 114.18 ? 104 ASP A OD1 1 
ATOM   760  O OD2 . ASP A 1 114 ? -15.523 -3.385  16.491  1.00 103.49 ? 104 ASP A OD2 1 
ATOM   761  N N   . MET A 1 115 ? -10.759 -4.894  15.341  1.00 86.63  ? 105 MET A N   1 
ATOM   762  C CA  . MET A 1 115 ? -10.338 -6.289  15.257  1.00 65.25  ? 105 MET A CA  1 
ATOM   763  C C   . MET A 1 115 ? -9.038  -6.504  16.017  1.00 76.68  ? 105 MET A C   1 
ATOM   764  O O   . MET A 1 115 ? -8.054  -5.787  15.809  1.00 76.61  ? 105 MET A O   1 
ATOM   765  C CB  . MET A 1 115 ? -10.178 -6.716  13.799  1.00 40.41  ? 105 MET A CB  1 
ATOM   766  C CG  . MET A 1 115 ? -11.496 -7.031  13.120  1.00 58.12  ? 105 MET A CG  1 
ATOM   767  S SD  . MET A 1 115 ? -11.418 -6.868  11.331  1.00 72.61  ? 105 MET A SD  1 
ATOM   768  C CE  . MET A 1 115 ? -10.181 -8.095  10.934  1.00 60.20  ? 105 MET A CE  1 
ATOM   769  N N   . GLU A 1 116 ? -9.034  -7.517  16.884  1.00 96.95  ? 106 GLU A N   1 
ATOM   770  C CA  . GLU A 1 116 ? -7.909  -7.723  17.788  1.00 71.15  ? 106 GLU A CA  1 
ATOM   771  C C   . GLU A 1 116 ? -6.700  -8.301  17.063  1.00 64.65  ? 106 GLU A C   1 
ATOM   772  O O   . GLU A 1 116 ? -5.563  -7.901  17.333  1.00 73.77  ? 106 GLU A O   1 
ATOM   773  C CB  . GLU A 1 116 ? -8.331  -8.638  18.939  1.00 39.17  ? 106 GLU A CB  1 
ATOM   774  N N   . ASN A 1 117 ? -6.922  -9.232  16.136  1.00 56.73  ? 107 ASN A N   1 
ATOM   775  C CA  . ASN A 1 117 ? -5.820  -9.963  15.522  1.00 62.36  ? 107 ASN A CA  1 
ATOM   776  C C   . ASN A 1 117 ? -5.119  -9.192  14.413  1.00 76.21  ? 107 ASN A C   1 
ATOM   777  O O   . ASN A 1 117 ? -4.154  -9.713  13.842  1.00 69.71  ? 107 ASN A O   1 
ATOM   778  C CB  . ASN A 1 117 ? -6.307  -11.309 14.978  1.00 88.17  ? 107 ASN A CB  1 
ATOM   779  C CG  . ASN A 1 117 ? -7.247  -11.163 13.796  1.00 99.05  ? 107 ASN A CG  1 
ATOM   780  O OD1 . ASN A 1 117 ? -8.471  -11.170 13.954  1.00 81.01  ? 107 ASN A OD1 1 
ATOM   781  N ND2 . ASN A 1 117 ? -6.680  -11.042 12.598  1.00 114.87 ? 107 ASN A ND2 1 
ATOM   782  N N   . ILE A 1 118 ? -5.563  -7.981  14.086  1.00 92.59  ? 108 ILE A N   1 
ATOM   783  C CA  . ILE A 1 118 ? -4.860  -7.174  13.095  1.00 89.95  ? 108 ILE A CA  1 
ATOM   784  C C   . ILE A 1 118 ? -3.658  -6.530  13.772  1.00 70.98  ? 108 ILE A C   1 
ATOM   785  O O   . ILE A 1 118 ? -3.802  -5.805  14.763  1.00 56.39  ? 108 ILE A O   1 
ATOM   786  C CB  . ILE A 1 118 ? -5.777  -6.116  12.467  1.00 64.01  ? 108 ILE A CB  1 
ATOM   787  C CG1 . ILE A 1 118 ? -6.932  -6.784  11.717  1.00 38.98  ? 108 ILE A CG1 1 
ATOM   788  C CG2 . ILE A 1 118 ? -4.982  -5.228  11.528  1.00 39.90  ? 108 ILE A CG2 1 
ATOM   789  C CD1 . ILE A 1 118 ? -6.500  -7.865  10.754  1.00 37.02  ? 108 ILE A CD1 1 
ATOM   790  N N   . GLU A 1 119 ? -2.470  -6.804  13.240  1.00 47.66  ? 109 GLU A N   1 
ATOM   791  C CA  . GLU A 1 119 ? -1.225  -6.283  13.786  1.00 66.45  ? 109 GLU A CA  1 
ATOM   792  C C   . GLU A 1 119 ? -0.856  -4.929  13.189  1.00 62.62  ? 109 GLU A C   1 
ATOM   793  O O   . GLU A 1 119 ? -0.543  -3.985  13.920  1.00 62.08  ? 109 GLU A O   1 
ATOM   794  C CB  . GLU A 1 119 ? -0.095  -7.285  13.539  1.00 62.44  ? 109 GLU A CB  1 
ATOM   795  C CG  . GLU A 1 119 ? 1.241   -6.816  14.055  1.00 87.44  ? 109 GLU A CG  1 
ATOM   796  C CD  . GLU A 1 119 ? 2.255   -7.932  14.125  1.00 86.93  ? 109 GLU A CD  1 
ATOM   797  O OE1 . GLU A 1 119 ? 3.284   -7.851  13.424  1.00 65.88  ? 109 GLU A OE1 1 
ATOM   798  O OE2 . GLU A 1 119 ? 2.014   -8.893  14.887  1.00 65.95  ? 109 GLU A OE2 1 
ATOM   799  N N   . THR A 1 120 ? -0.887  -4.825  11.865  1.00 51.57  ? 110 THR A N   1 
ATOM   800  C CA  . THR A 1 120 ? -0.452  -3.626  11.171  1.00 47.36  ? 110 THR A CA  1 
ATOM   801  C C   . THR A 1 120 ? -1.322  -3.442  9.943   1.00 42.22  ? 110 THR A C   1 
ATOM   802  O O   . THR A 1 120 ? -1.571  -4.403  9.214   1.00 80.17  ? 110 THR A O   1 
ATOM   803  C CB  . THR A 1 120 ? 1.024   -3.731  10.770  1.00 45.63  ? 110 THR A CB  1 
ATOM   804  O OG1 . THR A 1 120 ? 1.839   -3.762  11.949  1.00 48.19  ? 110 THR A OG1 1 
ATOM   805  C CG2 . THR A 1 120 ? 1.437   -2.556  9.903   1.00 59.80  ? 110 THR A CG2 1 
ATOM   806  N N   . ILE A 1 121 ? -1.784  -2.217  9.721   1.00 46.53  ? 111 ILE A N   1 
ATOM   807  C CA  . ILE A 1 121 ? -2.630  -1.890  8.586   1.00 34.94  ? 111 ILE A CA  1 
ATOM   808  C C   . ILE A 1 121 ? -1.748  -1.322  7.488   1.00 39.83  ? 111 ILE A C   1 
ATOM   809  O O   . ILE A 1 121 ? -1.049  -0.320  7.690   1.00 52.69  ? 111 ILE A O   1 
ATOM   810  C CB  . ILE A 1 121 ? -3.728  -0.896  8.979   1.00 31.65  ? 111 ILE A CB  1 
ATOM   811  C CG1 . ILE A 1 121 ? -4.589  -1.496  10.088  1.00 46.06  ? 111 ILE A CG1 1 
ATOM   812  C CG2 . ILE A 1 121 ? -4.551  -0.524  7.765   1.00 37.10  ? 111 ILE A CG2 1 
ATOM   813  C CD1 . ILE A 1 121 ? -5.055  -0.477  11.089  1.00 42.24  ? 111 ILE A CD1 1 
ATOM   814  N N   . TRP A 1 122 ? -1.787  -1.955  6.328   1.00 33.91  ? 112 TRP A N   1 
ATOM   815  C CA  . TRP A 1 122 ? -0.969  -1.551  5.196   1.00 55.69  ? 112 TRP A CA  1 
ATOM   816  C C   . TRP A 1 122 ? -1.851  -0.826  4.189   1.00 31.83  ? 112 TRP A C   1 
ATOM   817  O O   . TRP A 1 122 ? -2.728  -1.431  3.564   1.00 41.52  ? 112 TRP A O   1 
ATOM   818  C CB  . TRP A 1 122 ? -0.273  -2.760  4.579   1.00 40.57  ? 112 TRP A CB  1 
ATOM   819  C CG  . TRP A 1 122 ? 0.859   -3.242  5.427   1.00 42.12  ? 112 TRP A CG  1 
ATOM   820  C CD1 . TRP A 1 122 ? 0.800   -4.169  6.427   1.00 48.92  ? 112 TRP A CD1 1 
ATOM   821  C CD2 . TRP A 1 122 ? 2.218   -2.800  5.369   1.00 34.80  ? 112 TRP A CD2 1 
ATOM   822  N NE1 . TRP A 1 122 ? 2.040   -4.342  6.987   1.00 36.15  ? 112 TRP A NE1 1 
ATOM   823  C CE2 . TRP A 1 122 ? 2.930   -3.514  6.355   1.00 44.33  ? 112 TRP A CE2 1 
ATOM   824  C CE3 . TRP A 1 122 ? 2.905   -1.878  4.574   1.00 28.84  ? 112 TRP A CE3 1 
ATOM   825  C CZ2 . TRP A 1 122 ? 4.296   -3.333  6.568   1.00 29.23  ? 112 TRP A CZ2 1 
ATOM   826  C CZ3 . TRP A 1 122 ? 4.263   -1.700  4.786   1.00 43.15  ? 112 TRP A CZ3 1 
ATOM   827  C CH2 . TRP A 1 122 ? 4.943   -2.424  5.775   1.00 40.10  ? 112 TRP A CH2 1 
ATOM   828  N N   . ASN A 1 123 ? -1.634  0.479   4.066   1.00 45.58  ? 113 ASN A N   1 
ATOM   829  C CA  . ASN A 1 123 ? -2.254  1.280   3.022   1.00 26.01  ? 113 ASN A CA  1 
ATOM   830  C C   . ASN A 1 123 ? -1.508  0.995   1.728   1.00 24.04  ? 113 ASN A C   1 
ATOM   831  O O   . ASN A 1 123 ? -0.362  1.430   1.552   1.00 30.60  ? 113 ASN A O   1 
ATOM   832  C CB  . ASN A 1 123 ? -2.203  2.758   3.389   1.00 36.56  ? 113 ASN A CB  1 
ATOM   833  C CG  . ASN A 1 123 ? -3.094  3.600   2.519   1.00 39.53  ? 113 ASN A CG  1 
ATOM   834  O OD1 . ASN A 1 123 ? -3.119  3.447   1.294   1.00 31.62  ? 113 ASN A OD1 1 
ATOM   835  N ND2 . ASN A 1 123 ? -3.849  4.494   3.146   1.00 45.98  ? 113 ASN A ND2 1 
ATOM   836  N N   . ILE A 1 124 ? -2.154  0.252   0.829   1.00 26.20  ? 114 ILE A N   1 
ATOM   837  C CA  . ILE A 1 124 ? -1.487  -0.311  -0.334  1.00 40.81  ? 114 ILE A CA  1 
ATOM   838  C C   . ILE A 1 124 ? -1.887  0.396   -1.612  1.00 35.33  ? 114 ILE A C   1 
ATOM   839  O O   . ILE A 1 124 ? -1.517  -0.053  -2.702  1.00 55.60  ? 114 ILE A O   1 
ATOM   840  C CB  . ILE A 1 124 ? -1.743  -1.817  -0.459  1.00 24.71  ? 114 ILE A CB  1 
ATOM   841  C CG1 . ILE A 1 124 ? -3.177  -2.069  -0.899  1.00 37.58  ? 114 ILE A CG1 1 
ATOM   842  C CG2 . ILE A 1 124 ? -1.424  -2.510  0.847   1.00 32.97  ? 114 ILE A CG2 1 
ATOM   843  C CD1 . ILE A 1 124 ? -3.354  -3.344  -1.705  1.00 23.09  ? 114 ILE A CD1 1 
ATOM   844  N N   . GLY A 1 125 ? -2.645  1.482   -1.527  1.00 30.89  ? 115 GLY A N   1 
ATOM   845  C CA  . GLY A 1 125 ? -2.852  2.204   -2.759  1.00 59.40  ? 115 GLY A CA  1 
ATOM   846  C C   . GLY A 1 125 ? -4.249  2.684   -3.067  1.00 47.61  ? 115 GLY A C   1 
ATOM   847  O O   . GLY A 1 125 ? -5.242  2.313   -2.430  1.00 21.54  ? 115 GLY A O   1 
ATOM   848  N N   . GLY A 1 126 ? -4.311  3.450   -4.147  1.00 34.11  ? 116 GLY A N   1 
ATOM   849  C CA  . GLY A 1 126 ? -5.342  4.430   -4.364  1.00 37.14  ? 116 GLY A CA  1 
ATOM   850  C C   . GLY A 1 126 ? -4.815  5.761   -3.875  1.00 37.39  ? 116 GLY A C   1 
ATOM   851  O O   . GLY A 1 126 ? -4.517  5.895   -2.685  1.00 32.69  ? 116 GLY A O   1 
ATOM   852  N N   . ARG A 1 127 ? -4.651  6.730   -4.783  1.00 25.48  ? 117 ARG A N   1 
ATOM   853  C CA  . ARG A 1 127 ? -4.203  8.061   -4.380  1.00 22.65  ? 117 ARG A CA  1 
ATOM   854  C C   . ARG A 1 127 ? -5.035  8.600   -3.226  1.00 26.14  ? 117 ARG A C   1 
ATOM   855  O O   . ARG A 1 127 ? -4.494  9.141   -2.257  1.00 28.11  ? 117 ARG A O   1 
ATOM   856  C CB  . ARG A 1 127 ? -4.261  9.038   -5.558  1.00 15.58  ? 117 ARG A CB  1 
ATOM   857  C CG  . ARG A 1 127 ? -4.072  10.481  -5.105  1.00 24.09  ? 117 ARG A CG  1 
ATOM   858  C CD  . ARG A 1 127 ? -3.894  11.460  -6.255  1.00 21.60  ? 117 ARG A CD  1 
ATOM   859  N NE  . ARG A 1 127 ? -3.470  12.772  -5.771  1.00 26.72  ? 117 ARG A NE  1 
ATOM   860  C CZ  . ARG A 1 127 ? -2.843  13.677  -6.512  1.00 14.83  ? 117 ARG A CZ  1 
ATOM   861  N NH1 . ARG A 1 127 ? -2.532  13.439  -7.776  1.00 16.28  ? 117 ARG A NH1 1 
ATOM   862  N NH2 . ARG A 1 127 ? -2.525  14.851  -5.971  1.00 9.94   ? 117 ARG A NH2 1 
ATOM   863  N N   . GLU A 1 128 ? -6.363  8.470   -3.319  1.00 17.59  ? 118 GLU A N   1 
ATOM   864  C CA  . GLU A 1 128 ? -7.217  8.992   -2.255  1.00 20.43  ? 118 GLU A CA  1 
ATOM   865  C C   . GLU A 1 128 ? -7.001  8.228   -0.959  1.00 26.14  ? 118 GLU A C   1 
ATOM   866  O O   . GLU A 1 128 ? -6.996  8.822   0.128   1.00 43.30  ? 118 GLU A O   1 
ATOM   867  C CB  . GLU A 1 128 ? -8.685  8.932   -2.665  1.00 33.58  ? 118 GLU A CB  1 
ATOM   868  C CG  . GLU A 1 128 ? -9.620  9.516   -1.623  1.00 57.19  ? 118 GLU A CG  1 
ATOM   869  C CD  . GLU A 1 128 ? -11.053 9.632   -2.106  1.00 67.83  ? 118 GLU A CD  1 
ATOM   870  O OE1 . GLU A 1 128 ? -11.356 9.145   -3.219  1.00 61.35  ? 118 GLU A OE1 1 
ATOM   871  O OE2 . GLU A 1 128 ? -11.875 10.215  -1.365  1.00 56.56  ? 118 GLU A OE2 1 
ATOM   872  N N   . VAL A 1 129 ? -6.830  6.909   -1.059  1.00 24.20  ? 119 VAL A N   1 
ATOM   873  C CA  . VAL A 1 129 ? -6.499  6.103   0.112   1.00 19.23  ? 119 VAL A CA  1 
ATOM   874  C C   . VAL A 1 129 ? -5.209  6.608   0.744   1.00 25.68  ? 119 VAL A C   1 
ATOM   875  O O   . VAL A 1 129 ? -5.125  6.787   1.963   1.00 32.94  ? 119 VAL A O   1 
ATOM   876  C CB  . VAL A 1 129 ? -6.399  4.617   -0.280  1.00 26.60  ? 119 VAL A CB  1 
ATOM   877  C CG1 . VAL A 1 129 ? -6.353  3.733   0.950   1.00 31.73  ? 119 VAL A CG1 1 
ATOM   878  C CG2 . VAL A 1 129 ? -7.563  4.226   -1.169  1.00 23.41  ? 119 VAL A CG2 1 
ATOM   879  N N   . TYR A 1 130 ? -4.193  6.870   -0.086  1.00 21.58  ? 120 TYR A N   1 
ATOM   880  C CA  . TYR A 1 130 ? -2.919  7.374   0.417   1.00 20.48  ? 120 TYR A CA  1 
ATOM   881  C C   . TYR A 1 130 ? -3.092  8.721   1.104   1.00 34.45  ? 120 TYR A C   1 
ATOM   882  O O   . TYR A 1 130 ? -2.521  8.964   2.171   1.00 33.86  ? 120 TYR A O   1 
ATOM   883  C CB  . TYR A 1 130 ? -1.910  7.510   -0.723  1.00 28.68  ? 120 TYR A CB  1 
ATOM   884  C CG  . TYR A 1 130 ? -1.309  6.232   -1.251  1.00 22.57  ? 120 TYR A CG  1 
ATOM   885  C CD1 . TYR A 1 130 ? -1.013  5.172   -0.412  1.00 27.64  ? 120 TYR A CD1 1 
ATOM   886  C CD2 . TYR A 1 130 ? -1.030  6.095   -2.604  1.00 24.32  ? 120 TYR A CD2 1 
ATOM   887  C CE1 . TYR A 1 130 ? -0.456  4.008   -0.910  1.00 18.34  ? 120 TYR A CE1 1 
ATOM   888  C CE2 . TYR A 1 130 ? -0.484  4.944   -3.107  1.00 22.89  ? 120 TYR A CE2 1 
ATOM   889  C CZ  . TYR A 1 130 ? -0.188  3.907   -2.260  1.00 26.76  ? 120 TYR A CZ  1 
ATOM   890  O OH  . TYR A 1 130 ? 0.362   2.757   -2.779  1.00 27.63  ? 120 TYR A OH  1 
ATOM   891  N N   . GLU A 1 131 ? -3.839  9.630   0.476   1.00 36.68  ? 121 GLU A N   1 
ATOM   892  C CA  . GLU A 1 131 ? -4.032  10.958  1.047   1.00 29.33  ? 121 GLU A CA  1 
ATOM   893  C C   . GLU A 1 131 ? -4.724  10.868  2.401   1.00 21.00  ? 121 GLU A C   1 
ATOM   894  O O   . GLU A 1 131 ? -4.305  11.517  3.375   1.00 42.16  ? 121 GLU A O   1 
ATOM   895  C CB  . GLU A 1 131 ? -4.832  11.822  0.069   1.00 39.07  ? 121 GLU A CB  1 
ATOM   896  C CG  . GLU A 1 131 ? -4.702  13.318  0.292   1.00 40.37  ? 121 GLU A CG  1 
ATOM   897  N N   . LEU A 1 132 ? -5.763  10.033  2.494   1.00 23.87  ? 122 LEU A N   1 
ATOM   898  C CA  . LEU A 1 132 ? -6.467  9.878   3.761   1.00 24.84  ? 122 LEU A CA  1 
ATOM   899  C C   . LEU A 1 132 ? -5.564  9.254   4.816   1.00 34.45  ? 122 LEU A C   1 
ATOM   900  O O   . LEU A 1 132 ? -5.618  9.633   5.991   1.00 46.79  ? 122 LEU A O   1 
ATOM   901  C CB  . LEU A 1 132 ? -7.729  9.040   3.563   1.00 53.18  ? 122 LEU A CB  1 
ATOM   902  C CG  . LEU A 1 132 ? -8.881  9.717   2.820   1.00 39.61  ? 122 LEU A CG  1 
ATOM   903  C CD1 . LEU A 1 132 ? -9.773  8.664   2.189   1.00 39.28  ? 122 LEU A CD1 1 
ATOM   904  C CD2 . LEU A 1 132 ? -9.683  10.610  3.754   1.00 28.81  ? 122 LEU A CD2 1 
ATOM   905  N N   . GLY A 1 133 ? -4.722  8.301   4.416   1.00 53.62  ? 123 GLY A N   1 
ATOM   906  C CA  . GLY A 1 133 ? -3.754  7.755   5.355   1.00 33.24  ? 123 GLY A CA  1 
ATOM   907  C C   . GLY A 1 133 ? -2.775  8.804   5.840   1.00 40.08  ? 123 GLY A C   1 
ATOM   908  O O   . GLY A 1 133 ? -2.493  8.899   7.037   1.00 35.63  ? 123 GLY A O   1 
ATOM   909  N N   . LEU A 1 134 ? -2.261  9.622   4.919   1.00 23.96  ? 124 LEU A N   1 
ATOM   910  C CA  . LEU A 1 134 ? -1.324  10.673  5.290   1.00 35.35  ? 124 LEU A CA  1 
ATOM   911  C C   . LEU A 1 134 ? -1.945  11.661  6.264   1.00 37.99  ? 124 LEU A C   1 
ATOM   912  O O   . LEU A 1 134 ? -1.227  12.266  7.068   1.00 34.35  ? 124 LEU A O   1 
ATOM   913  C CB  . LEU A 1 134 ? -0.818  11.402  4.044   1.00 13.85  ? 124 LEU A CB  1 
ATOM   914  C CG  . LEU A 1 134 ? 0.244   10.655  3.241   1.00 29.72  ? 124 LEU A CG  1 
ATOM   915  C CD1 . LEU A 1 134 ? 0.790   11.526  2.122   1.00 19.53  ? 124 LEU A CD1 1 
ATOM   916  C CD2 . LEU A 1 134 ? 1.356   10.191  4.172   1.00 28.94  ? 124 LEU A CD2 1 
ATOM   917  N N   . ASN A 1 135 ? -3.265  11.849  6.210   1.00 40.08  ? 125 ASN A N   1 
ATOM   918  C CA  . ASN A 1 135 ? -3.935  12.662  7.221   1.00 45.78  ? 125 ASN A CA  1 
ATOM   919  C C   . ASN A 1 135 ? -4.438  11.838  8.409   1.00 37.02  ? 125 ASN A C   1 
ATOM   920  O O   . ASN A 1 135 ? -5.304  12.310  9.153   1.00 45.49  ? 125 ASN A O   1 
ATOM   921  C CB  . ASN A 1 135 ? -5.096  13.449  6.605   1.00 22.89  ? 125 ASN A CB  1 
ATOM   922  C CG  . ASN A 1 135 ? -4.629  14.538  5.658   1.00 33.29  ? 125 ASN A CG  1 
ATOM   923  O OD1 . ASN A 1 135 ? -4.159  15.588  6.090   1.00 61.13  ? 125 ASN A OD1 1 
ATOM   924  N ND2 . ASN A 1 135 ? -4.761  14.295  4.359   1.00 50.98  ? 125 ASN A ND2 1 
ATOM   925  N N   . SER A 1 136 ? -3.890  10.598  8.625   1.00 39.73  ? 126 SER A N   1 
ATOM   926  C CA  . SER A 1 136 ? -4.490  9.785   9.676   1.00 32.07  ? 126 SER A CA  1 
ATOM   927  C C   . SER A 1 136 ? -3.632  9.766   10.934  1.00 46.02  ? 126 SER A C   1 
ATOM   928  O O   . SER A 1 136 ? -2.401  9.807   10.857  1.00 51.69  ? 126 SER A O   1 
ATOM   929  C CB  . SER A 1 136 ? -4.694  8.344   9.209   1.00 45.42  ? 126 SER A CB  1 
ATOM   930  O OG  . SER A 1 136 ? -5.014  7.509   10.311  1.00 45.96  ? 126 SER A OG  1 
ATOM   931  N N   . PRO A 1 137 ? -4.277  9.686   12.102  1.00 42.16  ? 127 PRO A N   1 
ATOM   932  C CA  . PRO A 1 137 ? -3.514  9.563   13.355  1.00 47.60  ? 127 PRO A CA  1 
ATOM   933  C C   . PRO A 1 137 ? -2.678  8.304   13.426  1.00 53.19  ? 127 PRO A C   1 
ATOM   934  O O   . PRO A 1 137 ? -1.616  8.308   14.060  1.00 56.11  ? 127 PRO A O   1 
ATOM   935  C CB  . PRO A 1 137 ? -4.607  9.564   14.431  1.00 34.24  ? 127 PRO A CB  1 
ATOM   936  C CG  . PRO A 1 137 ? -5.791  10.198  13.779  1.00 48.85  ? 127 PRO A CG  1 
ATOM   937  C CD  . PRO A 1 137 ? -5.725  9.801   12.342  1.00 50.65  ? 127 PRO A CD  1 
ATOM   938  N N   . PHE A 1 138 ? -3.126  7.226   12.793  1.00 52.73  ? 128 PHE A N   1 
ATOM   939  C CA  . PHE A 1 138 ? -2.426  5.950   12.818  1.00 30.69  ? 128 PHE A CA  1 
ATOM   940  C C   . PHE A 1 138 ? -1.208  5.928   11.904  1.00 30.22  ? 128 PHE A C   1 
ATOM   941  O O   . PHE A 1 138 ? -0.484  4.925   11.888  1.00 46.81  ? 128 PHE A O   1 
ATOM   942  C CB  . PHE A 1 138 ? -3.384  4.824   12.420  1.00 35.46  ? 128 PHE A CB  1 
ATOM   943  C CG  . PHE A 1 138 ? -4.532  4.612   13.380  1.00 52.15  ? 128 PHE A CG  1 
ATOM   944  C CD1 . PHE A 1 138 ? -5.522  5.573   13.541  1.00 68.87  ? 128 PHE A CD1 1 
ATOM   945  C CD2 . PHE A 1 138 ? -4.636  3.428   14.096  1.00 63.55  ? 128 PHE A CD2 1 
ATOM   946  C CE1 . PHE A 1 138 ? -6.576  5.366   14.413  1.00 55.87  ? 128 PHE A CE1 1 
ATOM   947  C CE2 . PHE A 1 138 ? -5.688  3.213   14.965  1.00 63.66  ? 128 PHE A CE2 1 
ATOM   948  C CZ  . PHE A 1 138 ? -6.659  4.183   15.124  1.00 105.49 ? 128 PHE A CZ  1 
ATOM   949  N N   . LEU A 1 139 ? -0.978  6.994   11.140  1.00 39.78  ? 129 LEU A N   1 
ATOM   950  C CA  . LEU A 1 139 ? 0.132   7.023   10.200  1.00 37.50  ? 129 LEU A CA  1 
ATOM   951  C C   . LEU A 1 139 ? 1.437   6.734   10.920  1.00 50.35  ? 129 LEU A C   1 
ATOM   952  O O   . LEU A 1 139 ? 1.759   7.370   11.927  1.00 56.04  ? 129 LEU A O   1 
ATOM   953  C CB  . LEU A 1 139 ? 0.210   8.384   9.510   1.00 32.36  ? 129 LEU A CB  1 
ATOM   954  C CG  . LEU A 1 139 ? 1.470   8.574   8.661   1.00 30.52  ? 129 LEU A CG  1 
ATOM   955  C CD1 . LEU A 1 139 ? 1.442   7.641   7.463   1.00 31.99  ? 129 LEU A CD1 1 
ATOM   956  C CD2 . LEU A 1 139 ? 1.618   10.012  8.222   1.00 20.61  ? 129 LEU A CD2 1 
ATOM   957  N N   . HIS A 1 140 ? 2.190   5.763   10.400  1.00 54.79  ? 130 HIS A N   1 
ATOM   958  C CA  . HIS A 1 140 ? 3.448   5.362   11.018  1.00 44.31  ? 130 HIS A CA  1 
ATOM   959  C C   . HIS A 1 140 ? 4.618   5.519   10.047  1.00 28.49  ? 130 HIS A C   1 
ATOM   960  O O   . HIS A 1 140 ? 5.469   6.383   10.265  1.00 40.46  ? 130 HIS A O   1 
ATOM   961  C CB  . HIS A 1 140 ? 3.340   3.930   11.539  1.00 55.54  ? 130 HIS A CB  1 
ATOM   962  C CG  . HIS A 1 140 ? 4.566   3.456   12.253  1.00 70.80  ? 130 HIS A CG  1 
ATOM   963  N ND1 . HIS A 1 140 ? 5.210   4.215   13.205  1.00 50.28  ? 130 HIS A ND1 1 
ATOM   964  C CD2 . HIS A 1 140 ? 5.268   2.302   12.151  1.00 73.81  ? 130 HIS A CD2 1 
ATOM   965  C CE1 . HIS A 1 140 ? 6.256   3.549   13.660  1.00 58.57  ? 130 HIS A CE1 1 
ATOM   966  N NE2 . HIS A 1 140 ? 6.315   2.386   13.036  1.00 53.72  ? 130 HIS A NE2 1 
ATOM   967  N N   . GLN A 1 141 ? 4.691   4.702   9.001   1.00 44.08  ? 131 GLN A N   1 
ATOM   968  C CA  . GLN A 1 141 ? 5.816   4.724   8.078   1.00 47.80  ? 131 GLN A CA  1 
ATOM   969  C C   . GLN A 1 141 ? 5.336   4.721   6.634   1.00 56.98  ? 131 GLN A C   1 
ATOM   970  O O   . GLN A 1 141 ? 4.206   4.334   6.320   1.00 35.97  ? 131 GLN A O   1 
ATOM   971  C CB  . GLN A 1 141 ? 6.745   3.522   8.274   1.00 40.80  ? 131 GLN A CB  1 
ATOM   972  C CG  . GLN A 1 141 ? 7.339   3.374   9.651   1.00 66.87  ? 131 GLN A CG  1 
ATOM   973  C CD  . GLN A 1 141 ? 8.239   2.161   9.736   1.00 55.45  ? 131 GLN A CD  1 
ATOM   974  O OE1 . GLN A 1 141 ? 7.934   1.183   10.424  1.00 46.29  ? 131 GLN A OE1 1 
ATOM   975  N NE2 . GLN A 1 141 ? 9.350   2.210   9.017   1.00 43.85  ? 131 GLN A NE2 1 
ATOM   976  N N   . MET A 1 142 ? 6.240   5.140   5.757   1.00 37.79  ? 132 MET A N   1 
ATOM   977  C CA  . MET A 1 142 ? 6.076   5.039   4.316   1.00 33.45  ? 132 MET A CA  1 
ATOM   978  C C   . MET A 1 142 ? 7.212   4.185   3.778   1.00 48.97  ? 132 MET A C   1 
ATOM   979  O O   . MET A 1 142 ? 8.385   4.493   4.013   1.00 50.75  ? 132 MET A O   1 
ATOM   980  C CB  . MET A 1 142 ? 6.084   6.419   3.655   1.00 35.67  ? 132 MET A CB  1 
ATOM   981  C CG  . MET A 1 142 ? 5.224   7.468   4.343   1.00 37.19  ? 132 MET A CG  1 
ATOM   982  S SD  . MET A 1 142 ? 4.900   8.874   3.254   1.00 41.39  ? 132 MET A SD  1 
ATOM   983  C CE  . MET A 1 142 ? 6.545   9.487   2.904   1.00 28.21  ? 132 MET A CE  1 
ATOM   984  N N   . TYR A 1 143 ? 6.864   3.112   3.069   1.00 41.48  ? 133 TYR A N   1 
ATOM   985  C CA  . TYR A 1 143 ? 7.833   2.248   2.397   1.00 28.87  ? 133 TYR A CA  1 
ATOM   986  C C   . TYR A 1 143 ? 7.711   2.549   0.910   1.00 21.82  ? 133 TYR A C   1 
ATOM   987  O O   . TYR A 1 143 ? 6.861   1.993   0.218   1.00 38.73  ? 133 TYR A O   1 
ATOM   988  C CB  . TYR A 1 143 ? 7.579   0.769   2.711   1.00 26.64  ? 133 TYR A CB  1 
ATOM   989  C CG  . TYR A 1 143 ? 7.830   0.417   4.159   1.00 38.67  ? 133 TYR A CG  1 
ATOM   990  C CD1 . TYR A 1 143 ? 6.891   0.711   5.139   1.00 51.52  ? 133 TYR A CD1 1 
ATOM   991  C CD2 . TYR A 1 143 ? 9.010   -0.194  4.550   1.00 30.18  ? 133 TYR A CD2 1 
ATOM   992  C CE1 . TYR A 1 143 ? 7.121   0.402   6.466   1.00 55.07  ? 133 TYR A CE1 1 
ATOM   993  C CE2 . TYR A 1 143 ? 9.247   -0.508  5.873   1.00 31.48  ? 133 TYR A CE2 1 
ATOM   994  C CZ  . TYR A 1 143 ? 8.304   -0.207  6.826   1.00 51.88  ? 133 TYR A CZ  1 
ATOM   995  O OH  . TYR A 1 143 ? 8.543   -0.520  8.145   1.00 63.36  ? 133 TYR A OH  1 
ATOM   996  N N   . ILE A 1 144 ? 8.564   3.439   0.424   1.00 31.58  ? 134 ILE A N   1 
ATOM   997  C CA  . ILE A 1 144 ? 8.461   3.947   -0.936  1.00 24.98  ? 134 ILE A CA  1 
ATOM   998  C C   . ILE A 1 144 ? 9.458   3.218   -1.822  1.00 34.98  ? 134 ILE A C   1 
ATOM   999  O O   . ILE A 1 144 ? 10.593  2.953   -1.416  1.00 55.13  ? 134 ILE A O   1 
ATOM   1000 C CB  . ILE A 1 144 ? 8.692   5.467   -0.965  1.00 20.33  ? 134 ILE A CB  1 
ATOM   1001 C CG1 . ILE A 1 144 ? 7.584   6.163   -0.179  1.00 19.89  ? 134 ILE A CG1 1 
ATOM   1002 C CG2 . ILE A 1 144 ? 8.758   5.979   -2.396  1.00 20.10  ? 134 ILE A CG2 1 
ATOM   1003 C CD1 . ILE A 1 144 ? 7.755   7.638   -0.067  1.00 18.72  ? 134 ILE A CD1 1 
ATOM   1004 N N   . THR A 1 145 ? 9.024   2.858   -3.019  1.00 25.48  ? 135 THR A N   1 
ATOM   1005 C CA  . THR A 1 145 ? 9.909   2.307   -4.038  1.00 28.09  ? 135 THR A CA  1 
ATOM   1006 C C   . THR A 1 145 ? 10.028  3.363   -5.126  1.00 26.88  ? 135 THR A C   1 
ATOM   1007 O O   . THR A 1 145 ? 9.109   3.541   -5.929  1.00 56.71  ? 135 THR A O   1 
ATOM   1008 C CB  . THR A 1 145 ? 9.376   0.992   -4.594  1.00 43.61  ? 135 THR A CB  1 
ATOM   1009 O OG1 . THR A 1 145 ? 9.154   0.074   -3.516  1.00 28.17  ? 135 THR A OG1 1 
ATOM   1010 C CG2 . THR A 1 145 ? 10.374  0.398   -5.584  1.00 17.08  ? 135 THR A CG2 1 
ATOM   1011 N N   . ARG A 1 146 ? 11.145  4.076   -5.143  1.00 29.06  ? 136 ARG A N   1 
ATOM   1012 C CA  . ARG A 1 146 ? 11.341  5.129   -6.123  1.00 42.28  ? 136 ARG A CA  1 
ATOM   1013 C C   . ARG A 1 146 ? 11.890  4.488   -7.383  1.00 45.57  ? 136 ARG A C   1 
ATOM   1014 O O   . ARG A 1 146 ? 13.013  3.976   -7.383  1.00 38.63  ? 136 ARG A O   1 
ATOM   1015 C CB  . ARG A 1 146 ? 12.272  6.210   -5.591  1.00 57.47  ? 136 ARG A CB  1 
ATOM   1016 C CG  . ARG A 1 146 ? 12.116  7.525   -6.328  1.00 58.23  ? 136 ARG A CG  1 
ATOM   1017 C CD  . ARG A 1 146 ? 12.453  8.685   -5.423  1.00 53.34  ? 136 ARG A CD  1 
ATOM   1018 N NE  . ARG A 1 146 ? 11.669  8.671   -4.192  1.00 50.36  ? 136 ARG A NE  1 
ATOM   1019 C CZ  . ARG A 1 146 ? 10.520  9.311   -4.031  1.00 62.41  ? 136 ARG A CZ  1 
ATOM   1020 N NH1 . ARG A 1 146 ? 9.962   9.990   -5.023  1.00 27.69  ? 136 ARG A NH1 1 
ATOM   1021 N NH2 . ARG A 1 146 ? 9.916   9.273   -2.846  1.00 34.42  ? 136 ARG A NH2 1 
ATOM   1022 N N   . VAL A 1 147 ? 11.079  4.491   -8.444  1.00 33.97  ? 137 VAL A N   1 
ATOM   1023 C CA  . VAL A 1 147 ? 11.435  3.913   -9.734  1.00 26.69  ? 137 VAL A CA  1 
ATOM   1024 C C   . VAL A 1 147 ? 11.948  5.026   -10.632 1.00 34.50  ? 137 VAL A C   1 
ATOM   1025 O O   . VAL A 1 147 ? 11.394  6.133   -10.646 1.00 63.12  ? 137 VAL A O   1 
ATOM   1026 C CB  . VAL A 1 147 ? 10.227  3.201   -10.368 1.00 14.66  ? 137 VAL A CB  1 
ATOM   1027 C CG1 . VAL A 1 147 ? 10.595  2.630   -11.721 1.00 15.13  ? 137 VAL A CG1 1 
ATOM   1028 C CG2 . VAL A 1 147 ? 9.728   2.117   -9.455  1.00 17.65  ? 137 VAL A CG2 1 
ATOM   1029 N N   . GLU A 1 148 ? 13.012  4.744   -11.380 1.00 33.46  ? 138 GLU A N   1 
ATOM   1030 C CA  . GLU A 1 148 ? 13.671  5.770   -12.174 1.00 26.50  ? 138 GLU A CA  1 
ATOM   1031 C C   . GLU A 1 148 ? 12.992  5.916   -13.529 1.00 28.03  ? 138 GLU A C   1 
ATOM   1032 O O   . GLU A 1 148 ? 12.721  4.919   -14.206 1.00 40.97  ? 138 GLU A O   1 
ATOM   1033 C CB  . GLU A 1 148 ? 15.154  5.438   -12.352 1.00 30.70  ? 138 GLU A CB  1 
ATOM   1034 C CG  . GLU A 1 148 ? 15.980  5.509   -11.075 1.00 58.77  ? 138 GLU A CG  1 
ATOM   1035 C CD  . GLU A 1 148 ? 17.475  5.397   -11.338 1.00 83.41  ? 138 GLU A CD  1 
ATOM   1036 O OE1 . GLU A 1 148 ? 17.878  5.473   -12.519 1.00 50.61  ? 138 GLU A OE1 1 
ATOM   1037 O OE2 . GLU A 1 148 ? 18.246  5.234   -10.364 1.00 91.74  ? 138 GLU A OE2 1 
ATOM   1038 N N   . GLY A 1 149 ? 12.719  7.152   -13.917 1.00 32.78  ? 139 GLY A N   1 
ATOM   1039 C CA  . GLY A 1 149 ? 12.180  7.456   -15.226 1.00 20.54  ? 139 GLY A CA  1 
ATOM   1040 C C   . GLY A 1 149 ? 10.721  7.887   -15.170 1.00 48.77  ? 139 GLY A C   1 
ATOM   1041 O O   . GLY A 1 149 ? 10.055  7.839   -14.132 1.00 40.62  ? 139 GLY A O   1 
ATOM   1042 N N   . ASP A 1 150 ? 10.235  8.310   -16.335 1.00 38.53  ? 140 ASP A N   1 
ATOM   1043 C CA  . ASP A 1 150 ? 8.853   8.737   -16.516 1.00 33.68  ? 140 ASP A CA  1 
ATOM   1044 C C   . ASP A 1 150 ? 8.114   7.666   -17.310 1.00 38.04  ? 140 ASP A C   1 
ATOM   1045 O O   . ASP A 1 150 ? 8.366   7.490   -18.507 1.00 31.91  ? 140 ASP A O   1 
ATOM   1046 C CB  . ASP A 1 150 ? 8.794   10.085  -17.231 1.00 33.09  ? 140 ASP A CB  1 
ATOM   1047 C CG  . ASP A 1 150 ? 7.373   10.587  -17.408 1.00 43.81  ? 140 ASP A CG  1 
ATOM   1048 O OD1 . ASP A 1 150 ? 6.424   9.915   -16.941 1.00 40.41  ? 140 ASP A OD1 1 
ATOM   1049 O OD2 . ASP A 1 150 ? 7.205   11.666  -18.011 1.00 41.82  ? 140 ASP A OD2 1 
ATOM   1050 N N   . PHE A 1 151 ? 7.186   6.973   -16.648 1.00 28.06  ? 141 PHE A N   1 
ATOM   1051 C CA  . PHE A 1 151 ? 6.386   5.929   -17.275 1.00 28.05  ? 141 PHE A CA  1 
ATOM   1052 C C   . PHE A 1 151 ? 5.030   6.432   -17.773 1.00 34.02  ? 141 PHE A C   1 
ATOM   1053 O O   . PHE A 1 151 ? 4.125   5.622   -17.990 1.00 28.11  ? 141 PHE A O   1 
ATOM   1054 C CB  . PHE A 1 151 ? 6.176   4.770   -16.303 1.00 22.83  ? 141 PHE A CB  1 
ATOM   1055 C CG  . PHE A 1 151 ? 7.403   3.967   -16.056 1.00 49.14  ? 141 PHE A CG  1 
ATOM   1056 C CD1 . PHE A 1 151 ? 8.307   4.348   -15.083 1.00 52.26  ? 141 PHE A CD1 1 
ATOM   1057 C CD2 . PHE A 1 151 ? 7.656   2.826   -16.794 1.00 35.04  ? 141 PHE A CD2 1 
ATOM   1058 C CE1 . PHE A 1 151 ? 9.443   3.611   -14.852 1.00 43.83  ? 141 PHE A CE1 1 
ATOM   1059 C CE2 . PHE A 1 151 ? 8.793   2.082   -16.567 1.00 69.44  ? 141 PHE A CE2 1 
ATOM   1060 C CZ  . PHE A 1 151 ? 9.688   2.474   -15.594 1.00 38.66  ? 141 PHE A CZ  1 
ATOM   1061 N N   . LEU A 1 152 ? 4.867   7.745   -17.940 1.00 32.98  ? 142 LEU A N   1 
ATOM   1062 C CA  . LEU A 1 152 ? 3.650   8.330   -18.504 1.00 16.96  ? 142 LEU A CA  1 
ATOM   1063 C C   . LEU A 1 152 ? 2.417   7.906   -17.710 1.00 31.36  ? 142 LEU A C   1 
ATOM   1064 O O   . LEU A 1 152 ? 1.467   7.328   -18.236 1.00 47.28  ? 142 LEU A O   1 
ATOM   1065 C CB  . LEU A 1 152 ? 3.502   7.955   -19.979 1.00 26.09  ? 142 LEU A CB  1 
ATOM   1066 C CG  . LEU A 1 152 ? 4.691   8.363   -20.840 1.00 20.88  ? 142 LEU A CG  1 
ATOM   1067 C CD1 . LEU A 1 152 ? 4.436   8.036   -22.296 1.00 34.87  ? 142 LEU A CD1 1 
ATOM   1068 C CD2 . LEU A 1 152 ? 4.966   9.839   -20.647 1.00 25.48  ? 142 LEU A CD2 1 
ATOM   1069 N N   . ALA A 1 153 ? 2.458   8.198   -16.417 1.00 47.10  ? 143 ALA A N   1 
ATOM   1070 C CA  . ALA A 1 153 ? 1.386   7.798   -15.525 1.00 30.93  ? 143 ALA A CA  1 
ATOM   1071 C C   . ALA A 1 153 ? 0.250   8.811   -15.576 1.00 37.45  ? 143 ALA A C   1 
ATOM   1072 O O   . ALA A 1 153 ? 0.456   9.990   -15.882 1.00 34.81  ? 143 ALA A O   1 
ATOM   1073 C CB  . ALA A 1 153 ? 1.907   7.661   -14.095 1.00 14.81  ? 143 ALA A CB  1 
ATOM   1074 N N   . ASP A 1 154 ? -0.963  8.335   -15.292 1.00 19.59  ? 144 ASP A N   1 
ATOM   1075 C CA  . ASP A 1 154 ? -2.118  9.216   -15.206 1.00 37.14  ? 144 ASP A CA  1 
ATOM   1076 C C   . ASP A 1 154 ? -2.649  9.358   -13.792 1.00 33.22  ? 144 ASP A C   1 
ATOM   1077 O O   . ASP A 1 154 ? -3.476  10.241  -13.547 1.00 42.22  ? 144 ASP A O   1 
ATOM   1078 C CB  . ASP A 1 154 ? -3.250  8.751   -16.144 1.00 19.01  ? 144 ASP A CB  1 
ATOM   1079 C CG  . ASP A 1 154 ? -3.616  7.287   -15.967 1.00 38.23  ? 144 ASP A CG  1 
ATOM   1080 O OD1 . ASP A 1 154 ? -3.771  6.832   -14.814 1.00 44.90  ? 144 ASP A OD1 1 
ATOM   1081 O OD2 . ASP A 1 154 ? -3.778  6.593   -16.998 1.00 35.96  ? 144 ASP A OD2 1 
ATOM   1082 N N   . VAL A 1 155 ? -2.200  8.527   -12.861 1.00 27.55  ? 145 VAL A N   1 
ATOM   1083 C CA  . VAL A 1 155 ? -2.494  8.697   -11.446 1.00 28.37  ? 145 VAL A CA  1 
ATOM   1084 C C   . VAL A 1 155 ? -1.172  8.854   -10.713 1.00 36.77  ? 145 VAL A C   1 
ATOM   1085 O O   . VAL A 1 155 ? -0.141  8.326   -11.141 1.00 34.56  ? 145 VAL A O   1 
ATOM   1086 C CB  . VAL A 1 155 ? -3.319  7.518   -10.892 1.00 35.44  ? 145 VAL A CB  1 
ATOM   1087 C CG1 . VAL A 1 155 ? -3.509  7.633   -9.380  1.00 27.65  ? 145 VAL A CG1 1 
ATOM   1088 C CG2 . VAL A 1 155 ? -4.663  7.475   -11.595 1.00 15.24  ? 145 VAL A CG2 1 
ATOM   1089 N N   . PHE A 1 156 ? -1.195  9.607   -9.618  1.00 32.61  ? 146 PHE A N   1 
ATOM   1090 C CA  . PHE A 1 156 ? 0.023   9.942   -8.904  1.00 26.82  ? 146 PHE A CA  1 
ATOM   1091 C C   . PHE A 1 156 ? -0.156  9.747   -7.408  1.00 25.44  ? 146 PHE A C   1 
ATOM   1092 O O   . PHE A 1 156 ? -1.270  9.692   -6.889  1.00 39.49  ? 146 PHE A O   1 
ATOM   1093 C CB  . PHE A 1 156 ? 0.448   11.380  -9.188  1.00 22.40  ? 146 PHE A CB  1 
ATOM   1094 C CG  . PHE A 1 156 ? 0.724   11.644  -10.628 1.00 15.63  ? 146 PHE A CG  1 
ATOM   1095 C CD1 . PHE A 1 156 ? -0.299  11.996  -11.486 1.00 31.30  ? 146 PHE A CD1 1 
ATOM   1096 C CD2 . PHE A 1 156 ? 2.008   11.540  -11.127 1.00 17.13  ? 146 PHE A CD2 1 
ATOM   1097 C CE1 . PHE A 1 156 ? -0.048  12.242  -12.820 1.00 19.12  ? 146 PHE A CE1 1 
ATOM   1098 C CE2 . PHE A 1 156 ? 2.269   11.787  -12.458 1.00 38.31  ? 146 PHE A CE2 1 
ATOM   1099 C CZ  . PHE A 1 156 ? 1.237   12.138  -13.307 1.00 30.59  ? 146 PHE A CZ  1 
ATOM   1100 N N   . PHE A 1 157 ? 0.976   9.631   -6.729  1.00 25.01  ? 147 PHE A N   1 
ATOM   1101 C CA  . PHE A 1 157 ? 1.007   9.658   -5.282  1.00 17.39  ? 147 PHE A CA  1 
ATOM   1102 C C   . PHE A 1 157 ? 0.606   11.054  -4.794  1.00 34.30  ? 147 PHE A C   1 
ATOM   1103 O O   . PHE A 1 157 ? 0.852   12.049  -5.485  1.00 20.12  ? 147 PHE A O   1 
ATOM   1104 C CB  . PHE A 1 157 ? 2.417   9.291   -4.809  1.00 29.69  ? 147 PHE A CB  1 
ATOM   1105 C CG  . PHE A 1 157 ? 2.515   8.930   -3.354  1.00 21.25  ? 147 PHE A CG  1 
ATOM   1106 C CD1 . PHE A 1 157 ? 1.904   7.783   -2.868  1.00 38.85  ? 147 PHE A CD1 1 
ATOM   1107 C CD2 . PHE A 1 157 ? 3.253   9.713   -2.481  1.00 25.22  ? 147 PHE A CD2 1 
ATOM   1108 C CE1 . PHE A 1 157 ? 1.999   7.445   -1.529  1.00 23.29  ? 147 PHE A CE1 1 
ATOM   1109 C CE2 . PHE A 1 157 ? 3.354   9.381   -1.140  1.00 23.29  ? 147 PHE A CE2 1 
ATOM   1110 C CZ  . PHE A 1 157 ? 2.722   8.245   -0.663  1.00 24.13  ? 147 PHE A CZ  1 
ATOM   1111 N N   . PRO A 1 158 ? -0.047  11.161  -3.632  1.00 20.95  ? 148 PRO A N   1 
ATOM   1112 C CA  . PRO A 1 158 ? -0.386  12.482  -3.087  1.00 28.06  ? 148 PRO A CA  1 
ATOM   1113 C C   . PRO A 1 158 ? 0.830   13.391  -2.968  1.00 22.55  ? 148 PRO A C   1 
ATOM   1114 O O   . PRO A 1 158 ? 1.968   12.936  -2.845  1.00 34.41  ? 148 PRO A O   1 
ATOM   1115 C CB  . PRO A 1 158 ? -0.955  12.158  -1.702  1.00 14.84  ? 148 PRO A CB  1 
ATOM   1116 C CG  . PRO A 1 158 ? -1.506  10.808  -1.842  1.00 30.30  ? 148 PRO A CG  1 
ATOM   1117 C CD  . PRO A 1 158 ? -0.608  10.080  -2.804  1.00 21.05  ? 148 PRO A CD  1 
ATOM   1118 N N   . ARG A 1 159 ? 0.572   14.687  -2.992  1.00 39.54  ? 149 ARG A N   1 
ATOM   1119 C CA  . ARG A 1 159 ? 1.586   15.646  -2.593  1.00 30.89  ? 149 ARG A CA  1 
ATOM   1120 C C   . ARG A 1 159 ? 1.832   15.492  -1.096  1.00 24.20  ? 149 ARG A C   1 
ATOM   1121 O O   . ARG A 1 159 ? 0.905   15.628  -0.289  1.00 43.26  ? 149 ARG A O   1 
ATOM   1122 C CB  . ARG A 1 159 ? 1.123   17.054  -2.936  1.00 32.14  ? 149 ARG A CB  1 
ATOM   1123 C CG  . ARG A 1 159 ? 0.730   17.225  -4.389  1.00 22.78  ? 149 ARG A CG  1 
ATOM   1124 C CD  . ARG A 1 159 ? 1.940   17.515  -5.229  1.00 18.86  ? 149 ARG A CD  1 
ATOM   1125 N NE  . ARG A 1 159 ? 1.597   17.925  -6.581  1.00 21.76  ? 149 ARG A NE  1 
ATOM   1126 C CZ  . ARG A 1 159 ? 2.464   18.451  -7.431  1.00 22.33  ? 149 ARG A CZ  1 
ATOM   1127 N NH1 . ARG A 1 159 ? 3.709   18.708  -7.072  1.00 19.51  ? 149 ARG A NH1 1 
ATOM   1128 N NH2 . ARG A 1 159 ? 2.076   18.718  -8.676  1.00 19.01  ? 149 ARG A NH2 1 
ATOM   1129 N N   . VAL A 1 160 ? 3.067   15.183  -0.721  1.00 43.81  ? 150 VAL A N   1 
ATOM   1130 C CA  . VAL A 1 160 ? 3.403   14.854  0.659   1.00 30.69  ? 150 VAL A CA  1 
ATOM   1131 C C   . VAL A 1 160 ? 4.540   15.748  1.132   1.00 27.27  ? 150 VAL A C   1 
ATOM   1132 O O   . VAL A 1 160 ? 5.516   15.968  0.407   1.00 30.39  ? 150 VAL A O   1 
ATOM   1133 C CB  . VAL A 1 160 ? 3.789   13.369  0.809   1.00 33.11  ? 150 VAL A CB  1 
ATOM   1134 C CG1 . VAL A 1 160 ? 4.822   12.988  -0.235  1.00 43.67  ? 150 VAL A CG1 1 
ATOM   1135 C CG2 . VAL A 1 160 ? 4.316   13.093  2.206   1.00 28.17  ? 150 VAL A CG2 1 
ATOM   1136 N N   . ASP A 1 161 ? 4.407   16.264  2.350   1.00 30.23  ? 151 ASP A N   1 
ATOM   1137 C CA  . ASP A 1 161 ? 5.479   17.022  2.991   1.00 44.82  ? 151 ASP A CA  1 
ATOM   1138 C C   . ASP A 1 161 ? 6.433   16.021  3.625   1.00 46.59  ? 151 ASP A C   1 
ATOM   1139 O O   . ASP A 1 161 ? 6.134   15.436  4.669   1.00 44.99  ? 151 ASP A O   1 
ATOM   1140 C CB  . ASP A 1 161 ? 4.916   17.990  4.027   1.00 42.97  ? 151 ASP A CB  1 
ATOM   1141 C CG  . ASP A 1 161 ? 5.992   18.859  4.671   1.00 51.96  ? 151 ASP A CG  1 
ATOM   1142 O OD1 . ASP A 1 161 ? 7.108   18.957  4.109   1.00 41.51  ? 151 ASP A OD1 1 
ATOM   1143 O OD2 . ASP A 1 161 ? 5.716   19.444  5.743   1.00 40.20  ? 151 ASP A OD2 1 
ATOM   1144 N N   . TYR A 1 162 ? 7.588   15.812  2.985   1.00 48.11  ? 152 TYR A N   1 
ATOM   1145 C CA  . TYR A 1 162 ? 8.560   14.881  3.541   1.00 39.61  ? 152 TYR A CA  1 
ATOM   1146 C C   . TYR A 1 162 ? 9.193   15.412  4.820   1.00 49.04  ? 152 TYR A C   1 
ATOM   1147 O O   . TYR A 1 162 ? 9.788   14.635  5.573   1.00 47.90  ? 152 TYR A O   1 
ATOM   1148 C CB  . TYR A 1 162 ? 9.637   14.564  2.512   1.00 45.61  ? 152 TYR A CB  1 
ATOM   1149 C CG  . TYR A 1 162 ? 9.177   13.662  1.386   1.00 39.69  ? 152 TYR A CG  1 
ATOM   1150 C CD1 . TYR A 1 162 ? 9.015   12.292  1.583   1.00 34.85  ? 152 TYR A CD1 1 
ATOM   1151 C CD2 . TYR A 1 162 ? 8.920   14.177  0.121   1.00 58.77  ? 152 TYR A CD2 1 
ATOM   1152 C CE1 . TYR A 1 162 ? 8.599   11.465  0.549   1.00 42.44  ? 152 TYR A CE1 1 
ATOM   1153 C CE2 . TYR A 1 162 ? 8.508   13.362  -0.915  1.00 47.91  ? 152 TYR A CE2 1 
ATOM   1154 C CZ  . TYR A 1 162 ? 8.349   12.010  -0.699  1.00 53.57  ? 152 TYR A CZ  1 
ATOM   1155 O OH  . TYR A 1 162 ? 7.938   11.212  -1.741  1.00 53.77  ? 152 TYR A OH  1 
ATOM   1156 N N   . GLY A 1 163 ? 9.062   16.713  5.084   1.00 55.38  ? 153 GLY A N   1 
ATOM   1157 C CA  . GLY A 1 163 ? 9.540   17.279  6.330   1.00 44.69  ? 153 GLY A CA  1 
ATOM   1158 C C   . GLY A 1 163 ? 8.885   16.692  7.560   1.00 28.40  ? 153 GLY A C   1 
ATOM   1159 O O   . GLY A 1 163 ? 9.453   16.772  8.653   1.00 53.75  ? 153 GLY A O   1 
ATOM   1160 N N   . ARG A 1 164 ? 7.701   16.102  7.415   1.00 32.94  ? 154 ARG A N   1 
ATOM   1161 C CA  . ARG A 1 164 ? 7.073   15.429  8.542   1.00 33.07  ? 154 ARG A CA  1 
ATOM   1162 C C   . ARG A 1 164 ? 7.734   14.100  8.868   1.00 43.63  ? 154 ARG A C   1 
ATOM   1163 O O   . ARG A 1 164 ? 7.396   13.489  9.888   1.00 43.16  ? 154 ARG A O   1 
ATOM   1164 C CB  . ARG A 1 164 ? 5.593   15.194  8.250   1.00 52.67  ? 154 ARG A CB  1 
ATOM   1165 C CG  . ARG A 1 164 ? 4.859   16.422  7.763   1.00 27.99  ? 154 ARG A CG  1 
ATOM   1166 C CD  . ARG A 1 164 ? 3.613   16.003  7.052   1.00 32.16  ? 154 ARG A CD  1 
ATOM   1167 N NE  . ARG A 1 164 ? 2.767   15.178  7.902   1.00 30.68  ? 154 ARG A NE  1 
ATOM   1168 C CZ  . ARG A 1 164 ? 1.808   14.386  7.448   1.00 40.71  ? 154 ARG A CZ  1 
ATOM   1169 N NH1 . ARG A 1 164 ? 1.570   14.263  6.152   1.00 33.70  ? 154 ARG A NH1 1 
ATOM   1170 N NH2 . ARG A 1 164 ? 1.071   13.697  8.315   1.00 31.79  ? 154 ARG A NH2 1 
ATOM   1171 N N   . PHE A 1 165 ? 8.662   13.641  8.038   1.00 35.96  ? 155 PHE A N   1 
ATOM   1172 C CA  . PHE A 1 165 ? 9.208   12.303  8.152   1.00 44.89  ? 155 PHE A CA  1 
ATOM   1173 C C   . PHE A 1 165 ? 10.719  12.342  8.316   1.00 56.65  ? 155 PHE A C   1 
ATOM   1174 O O   . PHE A 1 165 ? 11.386  13.301  7.913   1.00 41.00  ? 155 PHE A O   1 
ATOM   1175 C CB  . PHE A 1 165 ? 8.858   11.455  6.927   1.00 36.70  ? 155 PHE A CB  1 
ATOM   1176 C CG  . PHE A 1 165 ? 7.396   11.228  6.759   1.00 42.68  ? 155 PHE A CG  1 
ATOM   1177 C CD1 . PHE A 1 165 ? 6.780   10.146  7.366   1.00 48.52  ? 155 PHE A CD1 1 
ATOM   1178 C CD2 . PHE A 1 165 ? 6.628   12.107  6.012   1.00 39.30  ? 155 PHE A CD2 1 
ATOM   1179 C CE1 . PHE A 1 165 ? 5.422   9.934   7.223   1.00 39.86  ? 155 PHE A CE1 1 
ATOM   1180 C CE2 . PHE A 1 165 ? 5.271   11.903  5.867   1.00 18.88  ? 155 PHE A CE2 1 
ATOM   1181 C CZ  . PHE A 1 165 ? 4.667   10.811  6.470   1.00 40.66  ? 155 PHE A CZ  1 
ATOM   1182 N N   . ILE A 1 166 ? 11.235  11.281  8.921   1.00 31.48  ? 156 ILE A N   1 
ATOM   1183 C CA  . ILE A 1 166 ? 12.658  10.996  8.996   1.00 53.30  ? 156 ILE A CA  1 
ATOM   1184 C C   . ILE A 1 166 ? 12.927  9.813   8.079   1.00 44.65  ? 156 ILE A C   1 
ATOM   1185 O O   . ILE A 1 166 ? 12.289  8.761   8.208   1.00 41.67  ? 156 ILE A O   1 
ATOM   1186 C CB  . ILE A 1 166 ? 13.099  10.699  10.437  1.00 64.24  ? 156 ILE A CB  1 
ATOM   1187 C CG1 . ILE A 1 166 ? 13.282  12.012  11.211  1.00 60.19  ? 156 ILE A CG1 1 
ATOM   1188 C CG2 . ILE A 1 166 ? 14.377  9.873   10.453  1.00 76.08  ? 156 ILE A CG2 1 
ATOM   1189 C CD1 . ILE A 1 166 ? 14.379  12.906  10.643  1.00 87.60  ? 156 ILE A CD1 1 
ATOM   1190 N N   . LYS A 1 167 ? 13.848  9.997   7.136   1.00 28.16  ? 157 LYS A N   1 
ATOM   1191 C CA  . LYS A 1 167 ? 14.208  8.936   6.207   1.00 41.48  ? 157 LYS A CA  1 
ATOM   1192 C C   . LYS A 1 167 ? 15.219  7.997   6.848   1.00 40.34  ? 157 LYS A C   1 
ATOM   1193 O O   . LYS A 1 167 ? 16.219  8.445   7.418   1.00 64.79  ? 157 LYS A O   1 
ATOM   1194 C CB  . LYS A 1 167 ? 14.784  9.528   4.925   1.00 40.18  ? 157 LYS A CB  1 
ATOM   1195 C CG  . LYS A 1 167 ? 15.273  8.504   3.926   1.00 57.44  ? 157 LYS A CG  1 
ATOM   1196 C CD  . LYS A 1 167 ? 15.898  9.217   2.749   1.00 57.27  ? 157 LYS A CD  1 
ATOM   1197 C CE  . LYS A 1 167 ? 16.231  8.267   1.623   1.00 50.17  ? 157 LYS A CE  1 
ATOM   1198 N NZ  . LYS A 1 167 ? 16.678  9.043   0.430   1.00 57.28  ? 157 LYS A NZ  1 
ATOM   1199 N N   . SER A 1 168 ? 14.959  6.696   6.754   1.00 69.78  ? 158 SER A N   1 
ATOM   1200 C CA  . SER A 1 168 ? 15.901  5.716   7.274   1.00 31.84  ? 158 SER A CA  1 
ATOM   1201 C C   . SER A 1 168 ? 17.215  5.790   6.507   1.00 41.07  ? 158 SER A C   1 
ATOM   1202 O O   . SER A 1 168 ? 17.236  6.029   5.295   1.00 59.67  ? 158 SER A O   1 
ATOM   1203 C CB  . SER A 1 168 ? 15.314  4.313   7.193   1.00 38.70  ? 158 SER A CB  1 
ATOM   1204 O OG  . SER A 1 168 ? 14.489  4.039   8.310   1.00 72.66  ? 158 SER A OG  1 
ATOM   1205 N N   . THR A 1 169 ? 18.314  5.589   7.227   1.00 48.83  ? 159 THR A N   1 
ATOM   1206 C CA  . THR A 1 169 ? 19.651  5.781   6.685   1.00 82.02  ? 159 THR A CA  1 
ATOM   1207 C C   . THR A 1 169 ? 20.335  4.479   6.297   1.00 82.37  ? 159 THR A C   1 
ATOM   1208 O O   . THR A 1 169 ? 21.485  4.517   5.847   1.00 65.27  ? 159 THR A O   1 
ATOM   1209 C CB  . THR A 1 169 ? 20.522  6.535   7.695   1.00 62.25  ? 159 THR A CB  1 
ATOM   1210 O OG1 . THR A 1 169 ? 20.547  5.816   8.933   1.00 62.45  ? 159 THR A OG1 1 
ATOM   1211 C CG2 . THR A 1 169 ? 19.965  7.925   7.941   1.00 82.90  ? 159 THR A CG2 1 
ATOM   1212 N N   . GLU A 1 170 ? 19.668  3.335   6.461   1.00 45.41  ? 160 GLU A N   1 
ATOM   1213 C CA  . GLU A 1 170 ? 20.267  2.065   6.080   1.00 42.27  ? 160 GLU A CA  1 
ATOM   1214 C C   . GLU A 1 170 ? 20.714  2.103   4.623   1.00 49.48  ? 160 GLU A C   1 
ATOM   1215 O O   . GLU A 1 170 ? 20.147  2.815   3.790   1.00 47.21  ? 160 GLU A O   1 
ATOM   1216 C CB  . GLU A 1 170 ? 19.283  0.915   6.298   1.00 43.96  ? 160 GLU A CB  1 
ATOM   1217 C CG  . GLU A 1 170 ? 18.373  0.627   5.112   1.00 72.10  ? 160 GLU A CG  1 
ATOM   1218 C CD  . GLU A 1 170 ? 17.052  1.356   5.200   1.00 86.75  ? 160 GLU A CD  1 
ATOM   1219 O OE1 . GLU A 1 170 ? 16.631  1.674   6.329   1.00 83.18  ? 160 GLU A OE1 1 
ATOM   1220 O OE2 . GLU A 1 170 ? 16.435  1.605   4.141   1.00 66.49  ? 160 GLU A OE2 1 
ATOM   1221 N N   . SER A 1 171 ? 21.766  1.348   4.329   1.00 52.62  ? 161 SER A N   1 
ATOM   1222 C CA  . SER A 1 171 ? 22.320  1.332   2.983   1.00 78.35  ? 161 SER A CA  1 
ATOM   1223 C C   . SER A 1 171 ? 21.324  0.676   2.035   1.00 58.51  ? 161 SER A C   1 
ATOM   1224 O O   . SER A 1 171 ? 20.890  -0.458  2.263   1.00 48.33  ? 161 SER A O   1 
ATOM   1225 C CB  . SER A 1 171 ? 23.660  0.601   2.974   1.00 50.34  ? 161 SER A CB  1 
ATOM   1226 O OG  . SER A 1 171 ? 23.678  -0.420  3.960   1.00 64.66  ? 161 SER A OG  1 
ATOM   1227 N N   . GLU A 1 172 ? 20.942  1.402   0.989   1.00 50.83  ? 162 GLU A N   1 
ATOM   1228 C CA  . GLU A 1 172 ? 19.961  0.937   0.016   1.00 50.17  ? 162 GLU A CA  1 
ATOM   1229 C C   . GLU A 1 172 ? 20.607  0.938   -1.362  1.00 59.55  ? 162 GLU A C   1 
ATOM   1230 O O   . GLU A 1 172 ? 20.844  2.002   -1.945  1.00 59.38  ? 162 GLU A O   1 
ATOM   1231 C CB  . GLU A 1 172 ? 18.705  1.808   0.036   1.00 57.81  ? 162 GLU A CB  1 
ATOM   1232 C CG  . GLU A 1 172 ? 17.728  1.461   1.151   1.00 34.77  ? 162 GLU A CG  1 
ATOM   1233 C CD  . GLU A 1 172 ? 17.070  0.110   0.947   1.00 61.04  ? 162 GLU A CD  1 
ATOM   1234 O OE1 . GLU A 1 172 ? 17.166  -0.441  -0.177  1.00 40.86  ? 162 GLU A OE1 1 
ATOM   1235 O OE2 . GLU A 1 172 ? 16.456  -0.399  1.911   1.00 64.27  ? 162 GLU A OE2 1 
ATOM   1236 N N   . GLU A 1 173 ? 20.890  -0.252  -1.877  1.00 40.95  ? 163 GLU A N   1 
ATOM   1237 C CA  . GLU A 1 173 ? 21.442  -0.378  -3.212  1.00 47.50  ? 163 GLU A CA  1 
ATOM   1238 C C   . GLU A 1 173 ? 20.363  -0.123  -4.259  1.00 54.03  ? 163 GLU A C   1 
ATOM   1239 O O   . GLU A 1 173 ? 19.159  -0.124  -3.975  1.00 33.29  ? 163 GLU A O   1 
ATOM   1240 C CB  . GLU A 1 173 ? 22.043  -1.771  -3.414  1.00 45.58  ? 163 GLU A CB  1 
ATOM   1241 C CG  . GLU A 1 173 ? 21.024  -2.881  -3.702  1.00 28.81  ? 163 GLU A CG  1 
ATOM   1242 C CD  . GLU A 1 173 ? 20.309  -3.400  -2.456  1.00 51.44  ? 163 GLU A CD  1 
ATOM   1243 O OE1 . GLU A 1 173 ? 20.142  -2.632  -1.485  1.00 34.75  ? 163 GLU A OE1 1 
ATOM   1244 O OE2 . GLU A 1 173 ? 19.915  -4.587  -2.452  1.00 51.95  ? 163 GLU A OE2 1 
ATOM   1245 N N   . MET A 1 174 ? 20.815  0.106   -5.486  1.00 44.43  ? 164 MET A N   1 
ATOM   1246 C CA  . MET A 1 174 ? 19.916  0.153   -6.624  1.00 36.91  ? 164 MET A CA  1 
ATOM   1247 C C   . MET A 1 174 ? 19.567  -1.263  -7.064  1.00 41.91  ? 164 MET A C   1 
ATOM   1248 O O   . MET A 1 174 ? 20.362  -2.193  -6.905  1.00 56.47  ? 164 MET A O   1 
ATOM   1249 C CB  . MET A 1 174 ? 20.557  0.920   -7.774  1.00 37.38  ? 164 MET A CB  1 
ATOM   1250 C CG  . MET A 1 174 ? 19.652  1.151   -8.961  1.00 57.06  ? 164 MET A CG  1 
ATOM   1251 S SD  . MET A 1 174 ? 20.530  2.011   -10.274 1.00 115.62 ? 164 MET A SD  1 
ATOM   1252 N N   . HIS A 1 175 ? 18.357  -1.426  -7.596  1.00 57.78  ? 165 HIS A N   1 
ATOM   1253 C CA  . HIS A 1 175 ? 17.890  -2.686  -8.152  1.00 31.79  ? 165 HIS A CA  1 
ATOM   1254 C C   . HIS A 1 175 ? 17.518  -2.468  -9.610  1.00 40.49  ? 165 HIS A C   1 
ATOM   1255 O O   . HIS A 1 175 ? 17.092  -1.379  -9.999  1.00 46.68  ? 165 HIS A O   1 
ATOM   1256 C CB  . HIS A 1 175 ? 16.672  -3.233  -7.402  1.00 27.49  ? 165 HIS A CB  1 
ATOM   1257 C CG  . HIS A 1 175 ? 16.825  -3.260  -5.913  1.00 24.27  ? 165 HIS A CG  1 
ATOM   1258 N ND1 . HIS A 1 175 ? 16.686  -4.416  -5.174  1.00 46.43  ? 165 HIS A ND1 1 
ATOM   1259 C CD2 . HIS A 1 175 ? 17.067  -2.272  -5.020  1.00 29.36  ? 165 HIS A CD2 1 
ATOM   1260 C CE1 . HIS A 1 175 ? 16.851  -4.142  -3.893  1.00 35.30  ? 165 HIS A CE1 1 
ATOM   1261 N NE2 . HIS A 1 175 ? 17.083  -2.847  -3.772  1.00 55.02  ? 165 HIS A NE2 1 
ATOM   1262 N N   . GLU A 1 176 ? 17.674  -3.511  -10.421 1.00 43.08  ? 166 GLU A N   1 
ATOM   1263 C CA  . GLU A 1 176 ? 17.282  -3.447  -11.824 1.00 36.35  ? 166 GLU A CA  1 
ATOM   1264 C C   . GLU A 1 176 ? 16.670  -4.772  -12.240 1.00 26.10  ? 166 GLU A C   1 
ATOM   1265 O O   . GLU A 1 176 ? 17.300  -5.825  -12.101 1.00 69.95  ? 166 GLU A O   1 
ATOM   1266 C CB  . GLU A 1 176 ? 18.462  -3.107  -12.735 1.00 32.08  ? 166 GLU A CB  1 
ATOM   1267 C CG  . GLU A 1 176 ? 18.064  -3.027  -14.202 1.00 34.79  ? 166 GLU A CG  1 
ATOM   1268 C CD  . GLU A 1 176 ? 19.189  -2.544  -15.087 1.00 41.56  ? 166 GLU A CD  1 
ATOM   1269 O OE1 . GLU A 1 176 ? 18.902  -2.007  -16.179 1.00 92.58  ? 166 GLU A OE1 1 
ATOM   1270 O OE2 . GLU A 1 176 ? 20.363  -2.700  -14.690 1.00 91.24  ? 166 GLU A OE2 1 
ATOM   1271 N N   . GLU A 1 177 ? 15.444  -4.711  -12.743 1.00 53.40  ? 167 GLU A N   1 
ATOM   1272 C CA  . GLU A 1 177 ? 14.839  -5.848  -13.415 1.00 35.04  ? 167 GLU A CA  1 
ATOM   1273 C C   . GLU A 1 177 ? 14.053  -5.332  -14.603 1.00 38.73  ? 167 GLU A C   1 
ATOM   1274 O O   . GLU A 1 177 ? 13.476  -4.244  -14.558 1.00 47.87  ? 167 GLU A O   1 
ATOM   1275 C CB  . GLU A 1 177 ? 13.936  -6.685  -12.487 1.00 21.51  ? 167 GLU A CB  1 
ATOM   1276 C CG  . GLU A 1 177 ? 13.122  -5.904  -11.481 1.00 37.91  ? 167 GLU A CG  1 
ATOM   1277 C CD  . GLU A 1 177 ? 12.369  -6.805  -10.504 1.00 41.50  ? 167 GLU A CD  1 
ATOM   1278 O OE1 . GLU A 1 177 ? 12.006  -7.945  -10.876 1.00 34.73  ? 167 GLU A OE1 1 
ATOM   1279 O OE2 . GLU A 1 177 ? 12.141  -6.362  -9.358  1.00 43.72  ? 167 GLU A OE2 1 
ATOM   1280 N N   . LYS A 1 178 ? 14.060  -6.116  -15.677 1.00 45.57  ? 168 LYS A N   1 
ATOM   1281 C CA  . LYS A 1 178 ? 13.289  -5.799  -16.877 1.00 56.41  ? 168 LYS A CA  1 
ATOM   1282 C C   . LYS A 1 178 ? 13.694  -4.442  -17.451 1.00 50.69  ? 168 LYS A C   1 
ATOM   1283 O O   . LYS A 1 178 ? 12.861  -3.683  -17.951 1.00 90.43  ? 168 LYS A O   1 
ATOM   1284 C CB  . LYS A 1 178 ? 11.784  -5.843  -16.585 1.00 57.49  ? 168 LYS A CB  1 
ATOM   1285 C CG  . LYS A 1 178 ? 11.345  -6.958  -15.623 1.00 40.09  ? 168 LYS A CG  1 
ATOM   1286 C CD  . LYS A 1 178 ? 11.281  -8.311  -16.308 1.00 54.67  ? 168 LYS A CD  1 
ATOM   1287 C CE  . LYS A 1 178 ? 10.460  -9.306  -15.500 1.00 60.48  ? 168 LYS A CE  1 
ATOM   1288 N NZ  . LYS A 1 178 ? 10.208  -10.561 -16.269 1.00 57.56  ? 168 LYS A NZ  1 
ATOM   1289 N N   . GLY A 1 179 ? 14.986  -4.126  -17.374 1.00 42.06  ? 169 GLY A N   1 
ATOM   1290 C CA  . GLY A 1 179 ? 15.475  -2.843  -17.840 1.00 31.30  ? 169 GLY A CA  1 
ATOM   1291 C C   . GLY A 1 179 ? 15.072  -1.655  -16.992 1.00 45.25  ? 169 GLY A C   1 
ATOM   1292 O O   . GLY A 1 179 ? 15.387  -0.520  -17.357 1.00 37.46  ? 169 GLY A O   1 
ATOM   1293 N N   . ILE A 1 180 ? 14.393  -1.875  -15.873 1.00 34.35  ? 170 ILE A N   1 
ATOM   1294 C CA  . ILE A 1 180 ? 13.890  -0.808  -15.022 1.00 35.25  ? 170 ILE A CA  1 
ATOM   1295 C C   . ILE A 1 180 ? 14.720  -0.777  -13.749 1.00 46.25  ? 170 ILE A C   1 
ATOM   1296 O O   . ILE A 1 180 ? 14.918  -1.816  -13.105 1.00 43.42  ? 170 ILE A O   1 
ATOM   1297 C CB  . ILE A 1 180 ? 12.403  -1.012  -14.695 1.00 45.19  ? 170 ILE A CB  1 
ATOM   1298 C CG1 . ILE A 1 180 ? 11.570  -1.042  -15.979 1.00 31.30  ? 170 ILE A CG1 1 
ATOM   1299 C CG2 . ILE A 1 180 ? 11.922  0.076   -13.759 1.00 30.86  ? 170 ILE A CG2 1 
ATOM   1300 C CD1 . ILE A 1 180 ? 10.114  -1.370  -15.739 1.00 43.68  ? 170 ILE A CD1 1 
ATOM   1301 N N   . LYS A 1 181 ? 15.185  0.411   -13.380 1.00 36.68  ? 171 LYS A N   1 
ATOM   1302 C CA  . LYS A 1 181 ? 15.924  0.618   -12.145 1.00 35.17  ? 171 LYS A CA  1 
ATOM   1303 C C   . LYS A 1 181 ? 15.029  1.252   -11.085 1.00 28.25  ? 171 LYS A C   1 
ATOM   1304 O O   . LYS A 1 181 ? 14.154  2.068   -11.389 1.00 55.47  ? 171 LYS A O   1 
ATOM   1305 C CB  . LYS A 1 181 ? 17.147  1.504   -12.386 1.00 27.24  ? 171 LYS A CB  1 
ATOM   1306 C CG  . LYS A 1 181 ? 17.892  1.198   -13.669 1.00 26.75  ? 171 LYS A CG  1 
ATOM   1307 C CD  . LYS A 1 181 ? 19.362  1.558   -13.538 1.00 54.71  ? 171 LYS A CD  1 
ATOM   1308 C CE  . LYS A 1 181 ? 20.112  1.378   -14.846 1.00 55.94  ? 171 LYS A CE  1 
ATOM   1309 N NZ  . LYS A 1 181 ? 19.815  2.471   -15.814 1.00 72.25  ? 171 LYS A NZ  1 
ATOM   1310 N N   . TYR A 1 182 ? 15.266  0.874   -9.831  1.00 36.03  ? 172 TYR A N   1 
ATOM   1311 C CA  . TYR A 1 182 ? 14.501  1.420   -8.720  1.00 22.01  ? 172 TYR A CA  1 
ATOM   1312 C C   . TYR A 1 182 ? 15.289  1.258   -7.426  1.00 49.51  ? 172 TYR A C   1 
ATOM   1313 O O   . TYR A 1 182 ? 16.309  0.572   -7.375  1.00 38.32  ? 172 TYR A O   1 
ATOM   1314 C CB  . TYR A 1 182 ? 13.127  0.761   -8.614  1.00 37.23  ? 172 TYR A CB  1 
ATOM   1315 C CG  . TYR A 1 182 ? 13.146  -0.735  -8.409  1.00 35.47  ? 172 TYR A CG  1 
ATOM   1316 C CD1 . TYR A 1 182 ? 13.232  -1.602  -9.490  1.00 37.30  ? 172 TYR A CD1 1 
ATOM   1317 C CD2 . TYR A 1 182 ? 13.041  -1.280  -7.137  1.00 46.90  ? 172 TYR A CD2 1 
ATOM   1318 C CE1 . TYR A 1 182 ? 13.230  -2.968  -9.308  1.00 35.12  ? 172 TYR A CE1 1 
ATOM   1319 C CE2 . TYR A 1 182 ? 13.039  -2.645  -6.945  1.00 27.88  ? 172 TYR A CE2 1 
ATOM   1320 C CZ  . TYR A 1 182 ? 13.135  -3.488  -8.034  1.00 51.17  ? 172 TYR A CZ  1 
ATOM   1321 O OH  . TYR A 1 182 ? 13.133  -4.857  -7.851  1.00 37.85  ? 172 TYR A OH  1 
ATOM   1322 N N   . ARG A 1 183 ? 14.799  1.914   -6.375  1.00 61.12  ? 173 ARG A N   1 
ATOM   1323 C CA  . ARG A 1 183 ? 15.489  1.912   -5.093  1.00 42.12  ? 173 ARG A CA  1 
ATOM   1324 C C   . ARG A 1 183 ? 14.477  2.039   -3.964  1.00 29.88  ? 173 ARG A C   1 
ATOM   1325 O O   . ARG A 1 183 ? 13.480  2.748   -4.092  1.00 49.96  ? 173 ARG A O   1 
ATOM   1326 C CB  . ARG A 1 183 ? 16.512  3.050   -5.022  1.00 29.84  ? 173 ARG A CB  1 
ATOM   1327 C CG  . ARG A 1 183 ? 17.498  2.929   -3.872  1.00 72.47  ? 173 ARG A CG  1 
ATOM   1328 C CD  . ARG A 1 183 ? 18.502  4.062   -3.936  1.00 70.04  ? 173 ARG A CD  1 
ATOM   1329 N NE  . ARG A 1 183 ? 18.977  4.260   -5.300  1.00 91.28  ? 173 ARG A NE  1 
ATOM   1330 C CZ  . ARG A 1 183 ? 20.249  4.202   -5.670  1.00 95.48  ? 173 ARG A CZ  1 
ATOM   1331 N NH1 . ARG A 1 183 ? 21.218  3.992   -4.791  1.00 66.66  ? 173 ARG A NH1 1 
ATOM   1332 N NH2 . ARG A 1 183 ? 20.560  4.371   -6.954  1.00 67.50  ? 173 ARG A NH2 1 
ATOM   1333 N N   . TYR A 1 184 ? 14.747  1.361   -2.855  1.00 23.83  ? 174 TYR A N   1 
ATOM   1334 C CA  . TYR A 1 184 ? 13.855  1.379   -1.706  1.00 41.98  ? 174 TYR A CA  1 
ATOM   1335 C C   . TYR A 1 184 ? 14.207  2.520   -0.754  1.00 52.52  ? 174 TYR A C   1 
ATOM   1336 O O   . TYR A 1 184 ? 15.380  2.866   -0.582  1.00 54.26  ? 174 TYR A O   1 
ATOM   1337 C CB  . TYR A 1 184 ? 13.908  0.039   -0.967  1.00 38.27  ? 174 TYR A CB  1 
ATOM   1338 C CG  . TYR A 1 184 ? 13.556  -1.138  -1.849  1.00 57.34  ? 174 TYR A CG  1 
ATOM   1339 C CD1 . TYR A 1 184 ? 12.516  -1.057  -2.765  1.00 62.60  ? 174 TYR A CD1 1 
ATOM   1340 C CD2 . TYR A 1 184 ? 14.274  -2.322  -1.779  1.00 81.09  ? 174 TYR A CD2 1 
ATOM   1341 C CE1 . TYR A 1 184 ? 12.194  -2.126  -3.576  1.00 55.24  ? 174 TYR A CE1 1 
ATOM   1342 C CE2 . TYR A 1 184 ? 13.962  -3.395  -2.588  1.00 33.71  ? 174 TYR A CE2 1 
ATOM   1343 C CZ  . TYR A 1 184 ? 12.923  -3.292  -3.486  1.00 65.86  ? 174 TYR A CZ  1 
ATOM   1344 O OH  . TYR A 1 184 ? 12.611  -4.363  -4.291  1.00 48.21  ? 174 TYR A OH  1 
ATOM   1345 N N   . GLU A 1 185 ? 13.174  3.113   -0.153  1.00 39.28  ? 175 GLU A N   1 
ATOM   1346 C CA  . GLU A 1 185 ? 13.309  4.150   0.854   1.00 14.08  ? 175 GLU A CA  1 
ATOM   1347 C C   . GLU A 1 185 ? 12.302  3.878   1.957   1.00 36.31  ? 175 GLU A C   1 
ATOM   1348 O O   . GLU A 1 185 ? 11.206  3.373   1.702   1.00 39.41  ? 175 GLU A O   1 
ATOM   1349 C CB  . GLU A 1 185 ? 13.051  5.551   0.292   1.00 18.37  ? 175 GLU A CB  1 
ATOM   1350 C CG  . GLU A 1 185 ? 13.714  5.830   -1.039  1.00 28.67  ? 175 GLU A CG  1 
ATOM   1351 C CD  . GLU A 1 185 ? 13.260  7.141   -1.650  1.00 52.17  ? 175 GLU A CD  1 
ATOM   1352 O OE1 . GLU A 1 185 ? 12.188  7.646   -1.253  1.00 61.47  ? 175 GLU A OE1 1 
ATOM   1353 O OE2 . GLU A 1 185 ? 13.976  7.667   -2.528  1.00 42.09  ? 175 GLU A OE2 1 
ATOM   1354 N N   . ILE A 1 186 ? 12.675  4.227   3.183   1.00 38.91  ? 176 ILE A N   1 
ATOM   1355 C CA  . ILE A 1 186 ? 11.785  4.090   4.325   1.00 42.42  ? 176 ILE A CA  1 
ATOM   1356 C C   . ILE A 1 186 ? 11.708  5.424   5.051   1.00 54.47  ? 176 ILE A C   1 
ATOM   1357 O O   . ILE A 1 186 ? 12.720  6.115   5.207   1.00 50.68  ? 176 ILE A O   1 
ATOM   1358 C CB  . ILE A 1 186 ? 12.241  2.970   5.275   1.00 39.02  ? 176 ILE A CB  1 
ATOM   1359 C CG1 . ILE A 1 186 ? 12.393  1.664   4.494   1.00 49.31  ? 176 ILE A CG1 1 
ATOM   1360 C CG2 . ILE A 1 186 ? 11.245  2.804   6.402   1.00 29.99  ? 176 ILE A CG2 1 
ATOM   1361 C CD1 . ILE A 1 186 ? 12.546  0.438   5.361   1.00 38.59  ? 176 ILE A CD1 1 
ATOM   1362 N N   . TYR A 1 187 ? 10.499  5.790   5.471   1.00 40.79  ? 177 TYR A N   1 
ATOM   1363 C CA  . TYR A 1 187 ? 10.229  7.042   6.160   1.00 27.14  ? 177 TYR A CA  1 
ATOM   1364 C C   . TYR A 1 187 ? 9.382   6.755   7.384   1.00 27.44  ? 177 TYR A C   1 
ATOM   1365 O O   . TYR A 1 187 ? 8.478   5.921   7.338   1.00 42.98  ? 177 TYR A O   1 
ATOM   1366 C CB  . TYR A 1 187 ? 9.482   8.039   5.271   1.00 26.13  ? 177 TYR A CB  1 
ATOM   1367 C CG  . TYR A 1 187 ? 10.253  8.494   4.056   1.00 29.95  ? 177 TYR A CG  1 
ATOM   1368 C CD1 . TYR A 1 187 ? 10.253  7.745   2.889   1.00 23.32  ? 177 TYR A CD1 1 
ATOM   1369 C CD2 . TYR A 1 187 ? 10.966  9.680   4.071   1.00 29.61  ? 177 TYR A CD2 1 
ATOM   1370 C CE1 . TYR A 1 187 ? 10.953  8.167   1.777   1.00 21.25  ? 177 TYR A CE1 1 
ATOM   1371 C CE2 . TYR A 1 187 ? 11.661  10.108  2.968   1.00 32.35  ? 177 TYR A CE2 1 
ATOM   1372 C CZ  . TYR A 1 187 ? 11.652  9.348   1.824   1.00 21.54  ? 177 TYR A CZ  1 
ATOM   1373 O OH  . TYR A 1 187 ? 12.352  9.780   0.721   1.00 53.77  ? 177 TYR A OH  1 
ATOM   1374 N N   . THR A 1 188 ? 9.669   7.456   8.466   1.00 25.46  ? 178 THR A N   1 
ATOM   1375 C CA  . THR A 1 188 ? 8.916   7.309   9.698   1.00 24.85  ? 178 THR A CA  1 
ATOM   1376 C C   . THR A 1 188 ? 8.410   8.680   10.109  1.00 31.77  ? 178 THR A C   1 
ATOM   1377 O O   . THR A 1 188 ? 9.140   9.666   10.004  1.00 30.88  ? 178 THR A O   1 
ATOM   1378 C CB  . THR A 1 188 ? 9.795   6.701   10.790  1.00 51.70  ? 178 THR A CB  1 
ATOM   1379 O OG1 . THR A 1 188 ? 10.722  5.786   10.185  1.00 46.98  ? 178 THR A OG1 1 
ATOM   1380 C CG2 . THR A 1 188 ? 8.948   5.959   11.827  1.00 25.77  ? 178 THR A CG2 1 
ATOM   1381 N N   . ILE A 1 189 ? 7.152   8.753   10.543  1.00 47.85  ? 179 ILE A N   1 
ATOM   1382 C CA  . ILE A 1 189 ? 6.609   10.040  10.960  1.00 47.81  ? 179 ILE A CA  1 
ATOM   1383 C C   . ILE A 1 189 ? 7.434   10.581  12.126  1.00 49.99  ? 179 ILE A C   1 
ATOM   1384 O O   . ILE A 1 189 ? 7.906   9.822   12.983  1.00 71.85  ? 179 ILE A O   1 
ATOM   1385 C CB  . ILE A 1 189 ? 5.118   9.895   11.311  1.00 44.88  ? 179 ILE A CB  1 
ATOM   1386 C CG1 . ILE A 1 189 ? 4.464   11.265  11.472  1.00 53.82  ? 179 ILE A CG1 1 
ATOM   1387 C CG2 . ILE A 1 189 ? 4.926   9.036   12.549  1.00 37.68  ? 179 ILE A CG2 1 
ATOM   1388 C CD1 . ILE A 1 189 ? 4.473   12.085  10.202  1.00 41.21  ? 179 ILE A CD1 1 
ATOM   1389 N N   . LYS A 1 190 ? 7.641   11.903  12.146  1.00 70.67  ? 180 LYS A N   1 
ATOM   1390 C CA  . LYS A 1 190 ? 8.534   12.514  13.131  1.00 42.49  ? 180 LYS A CA  1 
ATOM   1391 C C   . LYS A 1 190 ? 7.957   12.558  14.541  1.00 43.32  ? 180 LYS A C   1 
ATOM   1392 O O   . LYS A 1 190 ? 8.694   12.876  15.480  1.00 62.41  ? 180 LYS A O   1 
ATOM   1393 C CB  . LYS A 1 190 ? 8.913   13.935  12.705  1.00 21.85  ? 180 LYS A CB  1 
ATOM   1394 C CG  . LYS A 1 190 ? 10.114  13.992  11.776  1.00 29.20  ? 180 LYS A CG  1 
ATOM   1395 C CD  . LYS A 1 190 ? 10.576  15.422  11.539  1.00 34.05  ? 180 LYS A CD  1 
ATOM   1396 C CE  . LYS A 1 190 ? 11.842  15.465  10.682  1.00 63.40  ? 180 LYS A CE  1 
ATOM   1397 N NZ  . LYS A 1 190 ? 12.463  16.823  10.672  1.00 68.19  ? 180 LYS A NZ  1 
ATOM   1398 N N   . THR A 1 191 ? 6.673   12.260  14.720  1.00 90.09  ? 181 THR A N   1 
ATOM   1399 C CA  . THR A 1 191 ? 6.071   12.239  16.044  1.00 99.08  ? 181 THR A CA  1 
ATOM   1400 C C   . THR A 1 191 ? 6.173   10.869  16.710  1.00 113.57 ? 181 THR A C   1 
ATOM   1401 O O   . THR A 1 191 ? 5.378   10.566  17.607  1.00 114.10 ? 181 THR A O   1 
ATOM   1402 C CB  . THR A 1 191 ? 4.608   12.684  15.966  1.00 114.75 ? 181 THR A CB  1 
ATOM   1403 O OG1 . THR A 1 191 ? 3.915   11.889  14.996  1.00 96.78  ? 181 THR A OG1 1 
ATOM   1404 C CG2 . THR A 1 191 ? 4.519   14.159  15.576  1.00 79.73  ? 181 THR A CG2 1 
ATOM   1405 N N   . ASP A 1 192 ? 7.128   10.041  16.290  1.00 136.42 ? 182 ASP A N   1 
ATOM   1406 C CA  . ASP A 1 192 ? 7.349   8.725   16.889  1.00 115.96 ? 182 ASP A CA  1 
ATOM   1407 C C   . ASP A 1 192 ? 8.771   8.597   17.433  1.00 88.03  ? 182 ASP A C   1 
ATOM   1408 O O   . ASP A 1 192 ? 9.630   7.964   16.817  1.00 67.87  ? 182 ASP A O   1 
ATOM   1409 C CB  . ASP A 1 192 ? 7.079   7.610   15.871  1.00 84.64  ? 182 ASP A CB  1 
ATOM   1410 C CG  . ASP A 1 192 ? 5.602   7.443   15.559  1.00 106.21 ? 182 ASP A CG  1 
ATOM   1411 O OD1 . ASP A 1 192 ? 4.776   8.162   16.161  1.00 103.62 ? 182 ASP A OD1 1 
ATOM   1412 O OD2 . ASP A 1 192 ? 5.267   6.589   14.710  1.00 94.63  ? 182 ASP A OD2 1 
HETATM 1413 P PA  . NAP B 2 .   ? -8.163  3.600   -6.429  1.00 30.54  ? 601 NAP A PA  1 
HETATM 1414 O O1A . NAP B 2 .   ? -7.982  4.743   -5.497  1.00 31.13  ? 601 NAP A O1A 1 
HETATM 1415 O O2A . NAP B 2 .   ? -7.274  2.400   -6.412  1.00 34.24  ? 601 NAP A O2A 1 
HETATM 1416 O O5B . NAP B 2 .   ? -9.700  3.097   -6.251  1.00 59.05  ? 601 NAP A O5B 1 
HETATM 1417 C C5B . NAP B 2 .   ? -10.462 4.263   -6.374  1.00 18.26  ? 601 NAP A C5B 1 
HETATM 1418 C C4B . NAP B 2 .   ? -11.812 3.915   -5.840  1.00 22.40  ? 601 NAP A C4B 1 
HETATM 1419 O O4B . NAP B 2 .   ? -11.679 3.525   -4.492  1.00 47.01  ? 601 NAP A O4B 1 
HETATM 1420 C C3B . NAP B 2 .   ? -12.764 5.112   -5.861  1.00 39.54  ? 601 NAP A C3B 1 
HETATM 1421 O O3B . NAP B 2 .   ? -13.286 5.306   -7.141  1.00 36.23  ? 601 NAP A O3B 1 
HETATM 1422 C C2B . NAP B 2 .   ? -13.837 4.506   -4.961  1.00 31.30  ? 601 NAP A C2B 1 
HETATM 1423 O O2B . NAP B 2 .   ? -14.403 3.423   -5.481  1.00 32.71  ? 601 NAP A O2B 1 
HETATM 1424 C C1B . NAP B 2 .   ? -12.891 3.936   -3.838  1.00 40.28  ? 601 NAP A C1B 1 
HETATM 1425 N N9A . NAP B 2 .   ? -12.536 4.862   -2.757  1.00 25.48  ? 601 NAP A N9A 1 
HETATM 1426 C C8A . NAP B 2 .   ? -11.324 5.527   -2.549  1.00 22.03  ? 601 NAP A C8A 1 
HETATM 1427 N N7A . NAP B 2 .   ? -11.320 6.286   -1.438  1.00 45.37  ? 601 NAP A N7A 1 
HETATM 1428 C C5A . NAP B 2 .   ? -12.598 6.088   -0.895  1.00 24.56  ? 601 NAP A C5A 1 
HETATM 1429 C C6A . NAP B 2 .   ? -13.221 6.599   0.255   1.00 52.22  ? 601 NAP A C6A 1 
HETATM 1430 N N6A . NAP B 2 .   ? -12.549 7.472   1.094   1.00 40.24  ? 601 NAP A N6A 1 
HETATM 1431 N N1A . NAP B 2 .   ? -14.501 6.255   0.583   1.00 50.22  ? 601 NAP A N1A 1 
HETATM 1432 C C2A . NAP B 2 .   ? -15.101 5.388   -0.296  1.00 27.41  ? 601 NAP A C2A 1 
HETATM 1433 N N3A . NAP B 2 .   ? -14.649 4.826   -1.421  1.00 20.59  ? 601 NAP A N3A 1 
HETATM 1434 C C4A . NAP B 2 .   ? -13.363 5.199   -1.705  1.00 24.82  ? 601 NAP A C4A 1 
HETATM 1435 O O3  . NAP B 2 .   ? -8.062  4.305   -7.947  1.00 40.17  ? 601 NAP A O3  1 
HETATM 1436 P PN  . NAP B 2 .   ? -6.699  5.134   -8.181  1.00 27.61  ? 601 NAP A PN  1 
HETATM 1437 O O1N . NAP B 2 .   ? -6.612  5.441   -9.622  1.00 41.20  ? 601 NAP A O1N 1 
HETATM 1438 O O2N . NAP B 2 .   ? -6.355  6.168   -7.131  1.00 42.33  ? 601 NAP A O2N 1 
HETATM 1439 O O5D . NAP B 2 .   ? -5.315  4.065   -8.054  1.00 40.72  ? 601 NAP A O5D 1 
HETATM 1440 C C5D . NAP B 2 .   ? -5.481  3.134   -9.035  1.00 43.24  ? 601 NAP A C5D 1 
HETATM 1441 C C4D . NAP B 2 .   ? -4.317  3.201   -10.015 1.00 29.80  ? 601 NAP A C4D 1 
HETATM 1442 O O4D . NAP B 2 .   ? -3.037  3.235   -9.335  1.00 55.26  ? 601 NAP A O4D 1 
HETATM 1443 C C3D . NAP B 2 .   ? -4.320  1.886   -10.797 1.00 60.91  ? 601 NAP A C3D 1 
HETATM 1444 O O3D . NAP B 2 .   ? -3.620  2.118   -11.972 1.00 45.72  ? 601 NAP A O3D 1 
HETATM 1445 C C2D . NAP B 2 .   ? -3.524  0.999   -9.852  1.00 44.22  ? 601 NAP A C2D 1 
HETATM 1446 O O2D . NAP B 2 .   ? -3.000  -0.124  -10.493 1.00 35.69  ? 601 NAP A O2D 1 
HETATM 1447 C C1D . NAP B 2 .   ? -2.366  1.991   -9.534  1.00 23.23  ? 601 NAP A C1D 1 
HETATM 1448 N N1N . NAP B 2 .   ? -1.656  1.646   -8.282  1.00 33.92  ? 601 NAP A N1N 1 
HETATM 1449 C C2N . NAP B 2 .   ? -0.275  1.657   -8.236  1.00 33.26  ? 601 NAP A C2N 1 
HETATM 1450 C C3N . NAP B 2 .   ? 0.388   1.636   -7.044  1.00 25.77  ? 601 NAP A C3N 1 
HETATM 1451 C C7N . NAP B 2 .   ? 1.848   1.687   -7.094  1.00 39.20  ? 601 NAP A C7N 1 
HETATM 1452 O O7N . NAP B 2 .   ? 2.597   1.439   -6.139  1.00 31.73  ? 601 NAP A O7N 1 
HETATM 1453 N N7N . NAP B 2 .   ? 2.418   2.074   -8.287  1.00 26.23  ? 601 NAP A N7N 1 
HETATM 1454 C C4N . NAP B 2 .   ? -0.323  1.586   -5.754  1.00 31.62  ? 601 NAP A C4N 1 
HETATM 1455 C C5N . NAP B 2 .   ? -1.774  1.352   -5.933  1.00 41.75  ? 601 NAP A C5N 1 
HETATM 1456 C C6N . NAP B 2 .   ? -2.367  1.377   -7.130  1.00 32.16  ? 601 NAP A C6N 1 
HETATM 1457 P P2B . NAP B 2 .   ? -16.032 3.637   -6.210  1.00 40.07  ? 601 NAP A P2B 1 
HETATM 1458 O O1X . NAP B 2 .   ? -15.563 4.284   -7.477  1.00 30.18  ? 601 NAP A O1X 1 
HETATM 1459 O O2X . NAP B 2 .   ? -16.556 2.200   -6.302  1.00 43.62  ? 601 NAP A O2X 1 
HETATM 1460 O O3X . NAP B 2 .   ? -16.622 4.523   -5.151  1.00 43.86  ? 601 NAP A O3X 1 
HETATM 1461 N N1  . MTX C 3 .   ? 4.204   -1.884  -5.329  1.00 53.18  ? 602 MTX A N1  1 
HETATM 1462 C C2  . MTX C 3 .   ? 4.535   -1.297  -4.151  1.00 45.46  ? 602 MTX A C2  1 
HETATM 1463 N NA2 . MTX C 3 .   ? 5.933   -1.117  -3.795  1.00 48.74  ? 602 MTX A NA2 1 
HETATM 1464 N N3  . MTX C 3 .   ? 3.567   -0.873  -3.297  1.00 37.37  ? 602 MTX A N3  1 
HETATM 1465 C C4  . MTX C 3 .   ? 2.289   -1.032  -3.613  1.00 43.60  ? 602 MTX A C4  1 
HETATM 1466 N NA4 . MTX C 3 .   ? 1.254   -0.581  -2.702  1.00 23.03  ? 602 MTX A NA4 1 
HETATM 1467 C C4A . MTX C 3 .   ? 1.944   -1.630  -4.803  1.00 46.99  ? 602 MTX A C4A 1 
HETATM 1468 N N5  . MTX C 3 .   ? 0.640   -1.792  -5.121  1.00 42.78  ? 602 MTX A N5  1 
HETATM 1469 C C6  . MTX C 3 .   ? 0.294   -2.365  -6.261  1.00 43.62  ? 602 MTX A C6  1 
HETATM 1470 C C7  . MTX C 3 .   ? 1.283   -2.799  -7.127  1.00 30.18  ? 602 MTX A C7  1 
HETATM 1471 N N8  . MTX C 3 .   ? 2.559   -2.641  -6.817  1.00 33.79  ? 602 MTX A N8  1 
HETATM 1472 C C8A . MTX C 3 .   ? 2.907   -2.051  -5.650  1.00 24.63  ? 602 MTX A C8A 1 
HETATM 1473 C C9  . MTX C 3 .   ? -1.162  -2.601  -6.725  1.00 19.43  ? 602 MTX A C9  1 
HETATM 1474 N N10 . MTX C 3 .   ? -1.332  -3.717  -7.654  1.00 36.01  ? 602 MTX A N10 1 
HETATM 1475 C CM  . MTX C 3 .   ? -1.785  -3.441  -9.007  1.00 31.71  ? 602 MTX A CM  1 
HETATM 1476 C C11 . MTX C 3 .   ? -0.605  -7.762  -6.550  1.00 41.00  ? 602 MTX A C11 1 
HETATM 1477 C C12 . MTX C 3 .   ? -0.900  -7.437  -7.861  1.00 28.67  ? 602 MTX A C12 1 
HETATM 1478 C C13 . MTX C 3 .   ? -1.139  -6.114  -8.214  1.00 32.19  ? 602 MTX A C13 1 
HETATM 1479 C C14 . MTX C 3 .   ? -1.078  -5.107  -7.259  1.00 51.02  ? 602 MTX A C14 1 
HETATM 1480 C C15 . MTX C 3 .   ? -0.782  -5.436  -5.942  1.00 33.07  ? 602 MTX A C15 1 
HETATM 1481 C C16 . MTX C 3 .   ? -0.542  -6.759  -5.591  1.00 41.32  ? 602 MTX A C16 1 
HETATM 1482 C C   . MTX C 3 .   ? -0.331  -9.215  -6.150  1.00 53.27  ? 602 MTX A C   1 
HETATM 1483 O O   . MTX C 3 .   ? -0.825  -10.117 -6.733  1.00 54.60  ? 602 MTX A O   1 
HETATM 1484 N N   . MTX C 3 .   ? 0.570   -9.464  -5.031  1.00 69.87  ? 602 MTX A N   1 
HETATM 1485 C CA  . MTX C 3 .   ? 0.892   -10.805 -4.583  1.00 35.45  ? 602 MTX A CA  1 
HETATM 1486 C CT  . MTX C 3 .   ? 0.566   -10.909 -3.104  1.00 48.18  ? 602 MTX A CT  1 
HETATM 1487 O O1  . MTX C 3 .   ? 0.820   -9.952  -2.323  1.00 44.82  ? 602 MTX A O1  1 
HETATM 1488 O O2  . MTX C 3 .   ? 0.049   -11.963 -2.656  1.00 41.39  ? 602 MTX A O2  1 
HETATM 1489 C CB  . MTX C 3 .   ? 2.391   -11.017 -4.731  1.00 51.60  ? 602 MTX A CB  1 
HETATM 1490 C CG  . MTX C 3 .   ? 2.824   -11.053 -6.199  1.00 65.63  ? 602 MTX A CG  1 
HETATM 1491 C CD  . MTX C 3 .   ? 4.219   -11.685 -6.258  1.00 65.58  ? 602 MTX A CD  1 
HETATM 1492 O OE1 . MTX C 3 .   ? 4.601   -12.436 -5.321  1.00 56.07  ? 602 MTX A OE1 1 
HETATM 1493 O OE2 . MTX C 3 .   ? 4.986   -11.455 -7.233  1.00 63.89  ? 602 MTX A OE2 1 
HETATM 1494 O O   . HOH D 4 .   ? 8.415   0.493   -1.396  1.00 27.23  ? 701 HOH A O   1 
HETATM 1495 O O   . HOH D 4 .   ? -17.523 7.294   8.029   1.00 35.76  ? 702 HOH A O   1 
HETATM 1496 O O   . HOH D 4 .   ? -23.629 -4.690  -11.355 1.00 38.82  ? 703 HOH A O   1 
HETATM 1497 O O   . HOH D 4 .   ? 7.982   -3.708  -2.487  1.00 38.25  ? 704 HOH A O   1 
HETATM 1498 O O   . HOH D 4 .   ? -7.818  7.237   -5.434  1.00 30.25  ? 705 HOH A O   1 
HETATM 1499 O O   . HOH D 4 .   ? -5.093  -4.241  16.364  1.00 48.75  ? 706 HOH A O   1 
HETATM 1500 O O   . HOH D 4 .   ? 7.607   -4.242  -16.588 1.00 38.78  ? 707 HOH A O   1 
HETATM 1501 O O   . HOH D 4 .   ? 1.697   15.995  4.105   1.00 35.31  ? 708 HOH A O   1 
HETATM 1502 O O   . HOH D 4 .   ? 14.916  12.473  7.061   1.00 48.62  ? 709 HOH A O   1 
HETATM 1503 O O   . HOH D 4 .   ? 11.892  8.947   -18.412 1.00 42.35  ? 710 HOH A O   1 
HETATM 1504 O O   . HOH D 4 .   ? -10.690 8.471   -5.782  1.00 30.33  ? 711 HOH A O   1 
HETATM 1505 O O   . HOH D 4 .   ? 15.327  5.389   -7.823  1.00 56.19  ? 712 HOH A O   1 
HETATM 1506 O O   . HOH D 4 .   ? -18.228 7.568   1.341   1.00 44.14  ? 713 HOH A O   1 
HETATM 1507 O O   . HOH D 4 .   ? 2.934   -6.153  10.468  1.00 46.83  ? 714 HOH A O   1 
HETATM 1508 O O   . HOH D 4 .   ? 4.492   9.443   -14.846 1.00 41.57  ? 715 HOH A O   1 
HETATM 1509 O O   . HOH D 4 .   ? -13.744 8.448   3.531   1.00 35.70  ? 716 HOH A O   1 
HETATM 1510 O O   . HOH D 4 .   ? -2.288  15.043  -2.837  1.00 43.27  ? 717 HOH A O   1 
HETATM 1511 O O   . HOH D 4 .   ? 12.407  -4.565  2.816   1.00 72.69  ? 718 HOH A O   1 
HETATM 1512 O O   . HOH D 4 .   ? -3.889  11.513  -9.694  1.00 27.99  ? 719 HOH A O   1 
HETATM 1513 O O   . HOH D 4 .   ? -1.821  -3.875  -14.269 1.00 33.98  ? 720 HOH A O   1 
HETATM 1514 O O   . HOH D 4 .   ? -12.815 -7.358  -11.089 1.00 38.61  ? 721 HOH A O   1 
HETATM 1515 O O   . HOH D 4 .   ? -14.262 8.126   -3.980  1.00 45.14  ? 722 HOH A O   1 
HETATM 1516 O O   . HOH D 4 .   ? 13.699  15.549  7.616   1.00 46.97  ? 723 HOH A O   1 
HETATM 1517 O O   . HOH D 4 .   ? 5.410   14.069  -16.788 1.00 36.49  ? 724 HOH A O   1 
HETATM 1518 O O   . HOH D 4 .   ? 12.543  12.162  -8.844  1.00 42.90  ? 725 HOH A O   1 
HETATM 1519 O O   . HOH D 4 .   ? 12.911  -10.988 -11.781 1.00 53.88  ? 726 HOH A O   1 
HETATM 1520 O O   . HOH D 4 .   ? 3.702   11.603  -16.067 1.00 45.40  ? 727 HOH A O   1 
HETATM 1521 O O   . HOH D 4 .   ? -23.126 5.096   -5.421  1.00 34.61  ? 728 HOH A O   1 
HETATM 1522 O O   . HOH D 4 .   ? 6.969   12.199  -4.790  1.00 27.51  ? 729 HOH A O   1 
HETATM 1523 O O   . HOH D 4 .   ? -12.821 9.516   6.177   0.50 19.53  ? 730 HOH A O   1 
HETATM 1524 O O   . HOH D 4 .   ? 2.960   -3.335  -17.224 1.00 44.17  ? 731 HOH A O   1 
HETATM 1525 O O   . HOH D 4 .   ? 7.608   15.926  16.909  1.00 43.65  ? 732 HOH A O   1 
HETATM 1526 O O   . HOH D 4 .   ? 8.175   -6.932  11.379  1.00 39.94  ? 733 HOH A O   1 
HETATM 1527 O O   . HOH D 4 .   ? 14.493  -4.484  1.985   1.00 49.02  ? 734 HOH A O   1 
HETATM 1528 O O   . HOH D 4 .   ? 7.590   -5.052  12.621  1.00 50.77  ? 735 HOH A O   1 
HETATM 1529 O O   . HOH D 4 .   ? 10.925  4.516   -18.919 1.00 29.90  ? 736 HOH A O   1 
HETATM 1530 O O   . HOH D 4 .   ? 5.558   -13.625 2.255   1.00 49.80  ? 737 HOH A O   1 
HETATM 1531 O O   . HOH D 4 .   ? 12.378  13.013  -1.901  1.00 38.07  ? 738 HOH A O   1 
HETATM 1532 O O   . HOH D 4 .   ? -5.574  -18.491 2.285   1.00 52.19  ? 739 HOH A O   1 
HETATM 1533 O O   . HOH D 4 .   ? 13.918  13.448  3.183   1.00 40.29  ? 740 HOH A O   1 
HETATM 1534 O O   . HOH D 4 .   ? -17.086 -8.413  20.712  1.00 50.40  ? 741 HOH A O   1 
HETATM 1535 O O   . HOH D 4 .   ? -13.514 -18.104 -9.329  1.00 48.94  ? 742 HOH A O   1 
HETATM 1536 O O   . HOH D 4 .   ? -24.340 -18.536 2.368   1.00 53.19  ? 743 HOH A O   1 
HETATM 1537 O O   . HOH D 4 .   ? -16.848 -19.286 -7.849  1.00 41.51  ? 744 HOH A O   1 
HETATM 1538 O O   . HOH D 4 .   ? 1.041   -24.520 -2.370  1.00 49.17  ? 745 HOH A O   1 
HETATM 1539 O O   . HOH D 4 .   ? -2.353  -8.588  -22.498 1.00 56.08  ? 746 HOH A O   1 
HETATM 1540 O O   . HOH D 4 .   ? 5.501   -4.279  26.818  1.00 51.64  ? 747 HOH A O   1 
HETATM 1541 O O   . HOH D 4 .   ? -15.563 16.634  -13.569 1.00 42.04  ? 748 HOH A O   1 
HETATM 1542 O O   . HOH D 4 .   ? -12.877 -21.463 -17.633 0.50 38.46  ? 749 HOH A O   1 
HETATM 1543 O O   . HOH D 4 .   ? 12.162  23.754  22.583  0.50 38.55  ? 750 HOH A O   1 
HETATM 1544 O O   . HOH D 4 .   ? -11.395 -32.065 7.760   1.00 48.19  ? 751 HOH A O   1 
HETATM 1545 O O   . HOH D 4 .   ? -16.214 -21.757 37.233  1.00 55.01  ? 752 HOH A O   1 
# 
